data_1WF0
#
_entry.id   1WF0
#
_entity_poly.entity_id   1
_entity_poly.type   'polypeptide(L)'
_entity_poly.pdbx_seq_one_letter_code
;GSSGSSGVFVGRCTGDMTEDELREFFSQYGDVMDVFIPKPFRAFAFVTFADDQIAQSLCGEDLIIKGISVHISNAEPKHN
SNSGPSSG
;
_entity_poly.pdbx_strand_id   A
#
# COMPACT_ATOMS: atom_id res chain seq x y z
N GLY A 1 -0.30 2.89 -21.35
CA GLY A 1 -0.74 2.99 -19.97
C GLY A 1 -2.20 2.61 -19.79
N SER A 2 -2.48 1.31 -19.89
CA SER A 2 -3.84 0.81 -19.75
C SER A 2 -4.27 0.85 -18.28
N SER A 3 -3.38 0.42 -17.39
CA SER A 3 -3.67 0.40 -15.97
C SER A 3 -2.40 0.58 -15.15
N GLY A 4 -2.06 1.84 -14.87
CA GLY A 4 -0.87 2.13 -14.09
C GLY A 4 -1.05 1.83 -12.62
N SER A 5 -0.32 0.83 -12.13
CA SER A 5 -0.41 0.43 -10.73
C SER A 5 -0.18 1.62 -9.81
N SER A 6 -1.20 1.97 -9.03
CA SER A 6 -1.11 3.10 -8.11
C SER A 6 -0.97 2.62 -6.67
N GLY A 7 -0.43 1.43 -6.50
CA GLY A 7 -0.25 0.87 -5.17
C GLY A 7 1.14 1.10 -4.63
N VAL A 8 1.21 1.51 -3.35
CA VAL A 8 2.49 1.77 -2.71
C VAL A 8 2.71 0.84 -1.52
N PHE A 9 3.96 0.47 -1.29
CA PHE A 9 4.30 -0.42 -0.18
C PHE A 9 4.79 0.38 1.03
N VAL A 10 4.00 0.38 2.10
CA VAL A 10 4.35 1.10 3.31
C VAL A 10 5.21 0.25 4.23
N GLY A 11 6.53 0.29 4.02
CA GLY A 11 7.43 -0.49 4.84
C GLY A 11 7.58 0.08 6.23
N ARG A 12 8.55 -0.45 6.99
CA ARG A 12 8.78 0.02 8.35
C ARG A 12 7.48 0.16 9.12
N CYS A 13 6.59 -0.82 8.96
CA CYS A 13 5.30 -0.80 9.64
C CYS A 13 5.21 -1.92 10.67
N THR A 14 4.07 -2.01 11.34
CA THR A 14 3.86 -3.03 12.36
C THR A 14 2.53 -3.75 12.14
N GLY A 15 2.23 -4.72 13.02
CA GLY A 15 1.00 -5.46 12.91
C GLY A 15 -0.12 -4.88 13.75
N ASP A 16 0.26 -4.15 14.80
CA ASP A 16 -0.72 -3.53 15.68
C ASP A 16 -1.69 -2.66 14.89
N MET A 17 -1.17 -1.99 13.85
CA MET A 17 -1.98 -1.12 13.02
C MET A 17 -3.03 -1.92 12.25
N THR A 18 -4.09 -1.24 11.82
CA THR A 18 -5.16 -1.90 11.08
C THR A 18 -5.46 -1.16 9.78
N GLU A 19 -5.99 -1.88 8.80
CA GLU A 19 -6.32 -1.29 7.51
C GLU A 19 -7.12 0.00 7.69
N ASP A 20 -7.87 0.08 8.78
CA ASP A 20 -8.68 1.26 9.07
C ASP A 20 -7.81 2.44 9.47
N GLU A 21 -6.81 2.17 10.32
CA GLU A 21 -5.91 3.21 10.78
C GLU A 21 -5.25 3.92 9.61
N LEU A 22 -4.48 3.17 8.82
CA LEU A 22 -3.79 3.72 7.66
C LEU A 22 -4.78 4.33 6.67
N ARG A 23 -5.87 3.61 6.42
CA ARG A 23 -6.90 4.07 5.50
C ARG A 23 -7.40 5.45 5.90
N GLU A 24 -7.51 5.68 7.20
CA GLU A 24 -7.97 6.97 7.72
C GLU A 24 -6.83 7.98 7.78
N PHE A 25 -5.61 7.48 7.93
CA PHE A 25 -4.44 8.34 8.00
C PHE A 25 -4.06 8.87 6.62
N PHE A 26 -4.36 8.08 5.59
CA PHE A 26 -4.05 8.46 4.22
C PHE A 26 -5.26 9.11 3.55
N SER A 27 -6.35 9.24 4.31
CA SER A 27 -7.57 9.84 3.78
C SER A 27 -7.50 11.36 3.83
N GLN A 28 -6.54 11.88 4.59
CA GLN A 28 -6.37 13.32 4.73
C GLN A 28 -5.57 13.88 3.56
N TYR A 29 -4.74 13.03 2.96
CA TYR A 29 -3.92 13.44 1.83
C TYR A 29 -4.70 13.36 0.52
N GLY A 30 -5.37 12.23 0.32
CA GLY A 30 -6.15 12.04 -0.89
C GLY A 30 -7.35 11.13 -0.69
N ASP A 31 -7.61 10.27 -1.66
CA ASP A 31 -8.72 9.33 -1.56
C ASP A 31 -8.24 7.89 -1.67
N VAL A 32 -7.80 7.34 -0.55
CA VAL A 32 -7.31 5.97 -0.52
C VAL A 32 -8.43 4.97 -0.80
N MET A 33 -8.57 4.60 -2.08
CA MET A 33 -9.60 3.65 -2.48
C MET A 33 -9.83 2.59 -1.41
N ASP A 34 -8.73 1.96 -0.98
CA ASP A 34 -8.81 0.92 0.04
C ASP A 34 -7.41 0.55 0.54
N VAL A 35 -7.36 -0.29 1.57
CA VAL A 35 -6.09 -0.72 2.13
C VAL A 35 -6.09 -2.23 2.39
N PHE A 36 -5.17 -2.94 1.73
CA PHE A 36 -5.06 -4.38 1.88
C PHE A 36 -3.71 -4.76 2.49
N ILE A 37 -3.66 -5.95 3.09
CA ILE A 37 -2.43 -6.43 3.71
C ILE A 37 -2.03 -7.80 3.15
N PRO A 38 -1.14 -7.79 2.16
CA PRO A 38 -0.66 -9.02 1.52
C PRO A 38 0.23 -9.86 2.45
N LYS A 39 0.17 -11.17 2.29
CA LYS A 39 0.96 -12.07 3.12
C LYS A 39 1.94 -12.87 2.26
N PRO A 40 3.06 -13.28 2.86
CA PRO A 40 3.36 -12.98 4.27
C PRO A 40 3.65 -11.51 4.50
N PHE A 41 3.07 -10.95 5.55
CA PHE A 41 3.27 -9.54 5.89
C PHE A 41 4.58 -9.34 6.63
N ARG A 42 5.44 -8.49 6.10
CA ARG A 42 6.73 -8.21 6.71
C ARG A 42 6.93 -6.71 6.92
N ALA A 43 6.36 -6.18 8.00
CA ALA A 43 6.48 -4.77 8.32
C ALA A 43 6.16 -3.91 7.09
N PHE A 44 5.25 -4.39 6.25
CA PHE A 44 4.86 -3.67 5.05
C PHE A 44 3.43 -3.99 4.65
N ALA A 45 2.75 -3.04 4.04
CA ALA A 45 1.37 -3.22 3.60
C ALA A 45 1.13 -2.58 2.25
N PHE A 46 0.09 -3.03 1.55
CA PHE A 46 -0.25 -2.50 0.23
C PHE A 46 -1.45 -1.57 0.32
N VAL A 47 -1.29 -0.35 -0.20
CA VAL A 47 -2.36 0.64 -0.17
C VAL A 47 -2.68 1.13 -1.59
N THR A 48 -3.97 1.20 -1.91
CA THR A 48 -4.41 1.65 -3.21
C THR A 48 -5.05 3.03 -3.14
N PHE A 49 -4.71 3.89 -4.09
CA PHE A 49 -5.26 5.25 -4.13
C PHE A 49 -6.16 5.43 -5.35
N ALA A 50 -7.16 6.30 -5.20
CA ALA A 50 -8.10 6.57 -6.29
C ALA A 50 -7.43 7.39 -7.39
N ASP A 51 -6.15 7.71 -7.20
CA ASP A 51 -5.40 8.49 -8.18
C ASP A 51 -3.90 8.24 -8.04
N ASP A 52 -3.26 7.91 -9.16
CA ASP A 52 -1.82 7.64 -9.16
C ASP A 52 -1.04 8.90 -8.79
N GLN A 53 -1.61 10.06 -9.07
CA GLN A 53 -0.98 11.33 -8.78
C GLN A 53 -0.71 11.47 -7.29
N ILE A 54 -1.56 10.86 -6.48
CA ILE A 54 -1.42 10.91 -5.02
C ILE A 54 -0.45 9.84 -4.53
N ALA A 55 -0.42 8.70 -5.21
CA ALA A 55 0.47 7.61 -4.84
C ALA A 55 1.91 7.92 -5.23
N GLN A 56 2.08 8.76 -6.25
CA GLN A 56 3.41 9.14 -6.71
C GLN A 56 3.98 10.27 -5.86
N SER A 57 3.18 11.31 -5.65
CA SER A 57 3.61 12.45 -4.87
C SER A 57 4.14 12.02 -3.50
N LEU A 58 3.61 10.91 -3.00
CA LEU A 58 4.03 10.37 -1.71
C LEU A 58 5.32 9.56 -1.85
N CYS A 59 5.56 9.05 -3.05
CA CYS A 59 6.75 8.26 -3.31
C CYS A 59 8.02 9.05 -2.99
N GLY A 60 8.68 8.68 -1.90
CA GLY A 60 9.90 9.36 -1.50
C GLY A 60 9.69 10.25 -0.28
N GLU A 61 8.44 10.35 0.16
CA GLU A 61 8.10 11.18 1.31
C GLU A 61 8.08 10.34 2.59
N ASP A 62 8.54 10.93 3.68
CA ASP A 62 8.57 10.24 4.97
C ASP A 62 7.46 10.74 5.88
N LEU A 63 6.52 9.86 6.20
CA LEU A 63 5.40 10.22 7.06
C LEU A 63 5.49 9.48 8.40
N ILE A 64 5.05 10.15 9.46
CA ILE A 64 5.08 9.56 10.80
C ILE A 64 3.68 9.17 11.26
N ILE A 65 3.52 7.91 11.66
CA ILE A 65 2.23 7.42 12.13
C ILE A 65 2.34 6.81 13.52
N LYS A 66 1.69 7.43 14.50
CA LYS A 66 1.72 6.94 15.86
C LYS A 66 3.12 7.10 16.47
N GLY A 67 4.00 7.78 15.75
CA GLY A 67 5.35 7.99 16.23
C GLY A 67 6.38 7.26 15.40
N ILE A 68 5.94 6.23 14.68
CA ILE A 68 6.85 5.45 13.84
C ILE A 68 7.10 6.15 12.52
N SER A 69 8.15 5.73 11.82
CA SER A 69 8.50 6.32 10.53
C SER A 69 8.27 5.33 9.40
N VAL A 70 7.30 5.66 8.54
CA VAL A 70 6.97 4.79 7.41
C VAL A 70 7.55 5.35 6.11
N HIS A 71 7.94 4.44 5.21
CA HIS A 71 8.51 4.83 3.93
C HIS A 71 7.54 4.52 2.79
N ILE A 72 7.17 5.56 2.04
CA ILE A 72 6.26 5.40 0.91
C ILE A 72 7.02 5.18 -0.38
N SER A 73 6.77 4.05 -1.03
CA SER A 73 7.44 3.72 -2.28
C SER A 73 6.48 2.99 -3.23
N ASN A 74 6.75 3.09 -4.52
CA ASN A 74 5.92 2.45 -5.53
C ASN A 74 6.67 1.32 -6.22
N ALA A 75 6.24 0.09 -5.97
CA ALA A 75 6.88 -1.08 -6.57
C ALA A 75 5.84 -2.06 -7.11
N GLU A 76 6.20 -2.80 -8.15
CA GLU A 76 5.29 -3.76 -8.75
C GLU A 76 6.03 -5.06 -9.09
N PRO A 77 6.01 -6.01 -8.14
CA PRO A 77 6.67 -7.30 -8.32
C PRO A 77 5.96 -8.18 -9.35
N LYS A 78 6.75 -8.91 -10.13
CA LYS A 78 6.21 -9.80 -11.15
C LYS A 78 5.89 -11.17 -10.58
N HIS A 79 4.92 -11.85 -11.18
CA HIS A 79 4.51 -13.17 -10.72
C HIS A 79 3.45 -13.76 -11.64
N ASN A 80 3.45 -15.09 -11.78
CA ASN A 80 2.48 -15.76 -12.63
C ASN A 80 2.05 -17.09 -12.01
N SER A 81 0.75 -17.22 -11.75
CA SER A 81 0.21 -18.45 -11.16
C SER A 81 -1.31 -18.39 -11.10
N ASN A 82 -1.92 -19.51 -10.74
CA ASN A 82 -3.38 -19.60 -10.65
C ASN A 82 -3.80 -20.74 -9.73
N SER A 83 -4.48 -20.39 -8.65
CA SER A 83 -4.94 -21.38 -7.68
C SER A 83 -5.83 -22.44 -8.35
N GLY A 84 -5.62 -23.70 -8.00
CA GLY A 84 -6.40 -24.77 -8.58
C GLY A 84 -5.57 -25.99 -8.92
N PRO A 85 -5.06 -26.66 -7.87
CA PRO A 85 -4.23 -27.86 -8.05
C PRO A 85 -5.03 -29.05 -8.56
N SER A 86 -6.24 -29.22 -8.04
CA SER A 86 -7.10 -30.32 -8.44
C SER A 86 -8.52 -29.84 -8.67
N SER A 87 -9.24 -30.53 -9.56
CA SER A 87 -10.62 -30.18 -9.88
C SER A 87 -11.59 -30.83 -8.90
N GLY A 88 -11.89 -30.11 -7.82
CA GLY A 88 -12.81 -30.63 -6.82
C GLY A 88 -12.40 -30.25 -5.40
N GLY A 1 1.39 1.06 -23.21
CA GLY A 1 1.00 1.82 -22.04
C GLY A 1 0.68 0.93 -20.85
N SER A 2 0.54 1.54 -19.68
CA SER A 2 0.24 0.79 -18.47
C SER A 2 -1.27 0.59 -18.32
N SER A 3 -1.66 -0.66 -18.07
CA SER A 3 -3.08 -0.99 -17.92
C SER A 3 -3.72 -0.16 -16.80
N GLY A 4 -2.87 0.40 -15.94
CA GLY A 4 -3.36 1.20 -14.84
C GLY A 4 -3.01 0.63 -13.49
N SER A 5 -2.38 1.44 -12.64
CA SER A 5 -1.98 1.01 -11.31
C SER A 5 -1.68 2.20 -10.42
N SER A 6 -2.26 2.20 -9.22
CA SER A 6 -2.05 3.28 -8.26
C SER A 6 -1.96 2.75 -6.83
N GLY A 7 -0.75 2.40 -6.42
CA GLY A 7 -0.54 1.88 -5.08
C GLY A 7 0.92 1.88 -4.67
N VAL A 8 1.17 2.00 -3.37
CA VAL A 8 2.53 2.02 -2.85
C VAL A 8 2.68 1.06 -1.68
N PHE A 9 3.93 0.79 -1.30
CA PHE A 9 4.21 -0.11 -0.19
C PHE A 9 4.61 0.67 1.06
N VAL A 10 3.75 0.63 2.07
CA VAL A 10 4.02 1.34 3.32
C VAL A 10 4.87 0.49 4.26
N GLY A 11 6.18 0.47 4.00
CA GLY A 11 7.09 -0.31 4.83
C GLY A 11 7.32 0.33 6.19
N ARG A 12 8.19 -0.27 6.98
CA ARG A 12 8.50 0.24 8.31
C ARG A 12 7.24 0.34 9.16
N CYS A 13 6.28 -0.55 8.90
CA CYS A 13 5.02 -0.57 9.63
C CYS A 13 5.01 -1.71 10.65
N THR A 14 3.99 -1.71 11.51
CA THR A 14 3.86 -2.74 12.54
C THR A 14 2.52 -3.47 12.41
N GLY A 15 2.57 -4.79 12.46
CA GLY A 15 1.35 -5.58 12.36
C GLY A 15 0.24 -5.04 13.22
N ASP A 16 0.59 -4.53 14.40
CA ASP A 16 -0.39 -3.98 15.32
C ASP A 16 -1.44 -3.16 14.57
N MET A 17 -0.98 -2.14 13.84
CA MET A 17 -1.88 -1.29 13.08
C MET A 17 -2.87 -2.12 12.27
N THR A 18 -3.92 -1.47 11.77
CA THR A 18 -4.93 -2.15 10.98
C THR A 18 -5.30 -1.34 9.73
N GLU A 19 -5.70 -2.05 8.68
CA GLU A 19 -6.07 -1.40 7.43
C GLU A 19 -6.89 -0.14 7.69
N ASP A 20 -7.58 -0.11 8.83
CA ASP A 20 -8.40 1.03 9.20
C ASP A 20 -7.54 2.20 9.65
N GLU A 21 -6.58 1.92 10.53
CA GLU A 21 -5.68 2.95 11.04
C GLU A 21 -5.02 3.72 9.90
N LEU A 22 -4.34 2.99 9.02
CA LEU A 22 -3.67 3.60 7.88
C LEU A 22 -4.68 4.27 6.95
N ARG A 23 -5.73 3.55 6.60
CA ARG A 23 -6.76 4.07 5.72
C ARG A 23 -7.27 5.42 6.21
N GLU A 24 -7.38 5.56 7.53
CA GLU A 24 -7.85 6.80 8.13
C GLU A 24 -6.73 7.83 8.21
N PHE A 25 -5.49 7.36 8.05
CA PHE A 25 -4.33 8.24 8.10
C PHE A 25 -3.99 8.77 6.72
N PHE A 26 -4.30 7.99 5.70
CA PHE A 26 -4.02 8.38 4.31
C PHE A 26 -5.20 9.13 3.71
N SER A 27 -6.31 9.17 4.45
CA SER A 27 -7.51 9.85 4.00
C SER A 27 -7.29 11.36 3.95
N GLN A 28 -6.36 11.85 4.76
CA GLN A 28 -6.05 13.27 4.81
C GLN A 28 -5.13 13.67 3.67
N TYR A 29 -4.36 12.70 3.17
CA TYR A 29 -3.43 12.96 2.08
C TYR A 29 -4.16 13.02 0.75
N GLY A 30 -4.96 11.99 0.47
CA GLY A 30 -5.71 11.95 -0.77
C GLY A 30 -6.99 11.15 -0.66
N ASP A 31 -7.28 10.34 -1.66
CA ASP A 31 -8.49 9.51 -1.67
C ASP A 31 -8.14 8.04 -1.78
N VAL A 32 -7.70 7.44 -0.67
CA VAL A 32 -7.34 6.03 -0.65
C VAL A 32 -8.55 5.14 -0.93
N MET A 33 -8.62 4.65 -2.16
CA MET A 33 -9.73 3.78 -2.56
C MET A 33 -9.93 2.65 -1.55
N ASP A 34 -8.82 1.99 -1.18
CA ASP A 34 -8.87 0.89 -0.24
C ASP A 34 -7.48 0.59 0.33
N VAL A 35 -7.41 -0.36 1.25
CA VAL A 35 -6.15 -0.74 1.86
C VAL A 35 -6.11 -2.22 2.19
N PHE A 36 -5.19 -2.94 1.57
CA PHE A 36 -5.06 -4.37 1.79
C PHE A 36 -3.66 -4.71 2.32
N ILE A 37 -3.53 -5.89 2.92
CA ILE A 37 -2.26 -6.33 3.47
C ILE A 37 -1.81 -7.65 2.84
N PRO A 38 -0.94 -7.55 1.82
CA PRO A 38 -0.41 -8.72 1.12
C PRO A 38 0.53 -9.54 1.98
N LYS A 39 0.14 -10.79 2.25
CA LYS A 39 0.96 -11.69 3.06
C LYS A 39 1.99 -12.42 2.20
N PRO A 40 3.08 -12.86 2.85
CA PRO A 40 3.28 -12.68 4.30
C PRO A 40 3.54 -11.23 4.66
N PHE A 41 2.90 -10.76 5.72
CA PHE A 41 3.05 -9.38 6.17
C PHE A 41 4.48 -9.14 6.68
N ARG A 42 5.20 -8.26 6.00
CA ARG A 42 6.57 -7.94 6.38
C ARG A 42 6.73 -6.45 6.67
N ALA A 43 6.35 -6.04 7.88
CA ALA A 43 6.44 -4.64 8.28
C ALA A 43 6.15 -3.72 7.10
N PHE A 44 5.19 -4.11 6.27
CA PHE A 44 4.80 -3.31 5.11
C PHE A 44 3.40 -3.69 4.63
N ALA A 45 2.66 -2.69 4.18
CA ALA A 45 1.29 -2.91 3.70
C ALA A 45 1.08 -2.24 2.34
N PHE A 46 -0.02 -2.59 1.68
CA PHE A 46 -0.34 -2.03 0.38
C PHE A 46 -1.54 -1.08 0.47
N VAL A 47 -1.48 0.02 -0.28
CA VAL A 47 -2.55 1.00 -0.28
C VAL A 47 -2.86 1.47 -1.70
N THR A 48 -4.15 1.58 -2.01
CA THR A 48 -4.58 2.01 -3.34
C THR A 48 -5.19 3.41 -3.27
N PHE A 49 -4.86 4.24 -4.27
CA PHE A 49 -5.38 5.60 -4.33
C PHE A 49 -6.17 5.82 -5.62
N ALA A 50 -7.34 6.43 -5.48
CA ALA A 50 -8.19 6.70 -6.63
C ALA A 50 -7.41 7.41 -7.75
N ASP A 51 -6.34 8.09 -7.36
CA ASP A 51 -5.50 8.80 -8.31
C ASP A 51 -4.05 8.33 -8.22
N ASP A 52 -3.51 7.88 -9.36
CA ASP A 52 -2.12 7.41 -9.40
C ASP A 52 -1.15 8.51 -9.00
N GLN A 53 -1.56 9.76 -9.24
CA GLN A 53 -0.72 10.91 -8.89
C GLN A 53 -0.58 11.06 -7.39
N ILE A 54 -1.56 10.55 -6.66
CA ILE A 54 -1.56 10.62 -5.20
C ILE A 54 -0.53 9.68 -4.60
N ALA A 55 -0.38 8.51 -5.22
CA ALA A 55 0.57 7.51 -4.76
C ALA A 55 1.98 7.83 -5.24
N GLN A 56 2.07 8.42 -6.43
CA GLN A 56 3.36 8.78 -7.02
C GLN A 56 4.06 9.84 -6.17
N SER A 57 3.36 10.94 -5.92
CA SER A 57 3.92 12.04 -5.14
C SER A 57 4.36 11.55 -3.76
N LEU A 58 3.68 10.53 -3.25
CA LEU A 58 3.99 9.96 -1.95
C LEU A 58 5.32 9.20 -1.99
N CYS A 59 5.63 8.63 -3.15
CA CYS A 59 6.86 7.88 -3.33
C CYS A 59 8.09 8.77 -3.09
N GLY A 60 8.77 8.54 -1.97
CA GLY A 60 9.93 9.33 -1.64
C GLY A 60 9.71 10.25 -0.47
N GLU A 61 8.53 10.15 0.14
CA GLU A 61 8.19 10.98 1.29
C GLU A 61 8.02 10.14 2.55
N ASP A 62 8.56 10.63 3.65
CA ASP A 62 8.48 9.91 4.93
C ASP A 62 7.39 10.52 5.81
N LEU A 63 6.47 9.68 6.27
CA LEU A 63 5.38 10.13 7.12
C LEU A 63 5.45 9.45 8.49
N ILE A 64 4.90 10.13 9.50
CA ILE A 64 4.90 9.59 10.86
C ILE A 64 3.50 9.20 11.29
N ILE A 65 3.32 7.93 11.62
CA ILE A 65 2.01 7.43 12.06
C ILE A 65 2.10 6.82 13.46
N LYS A 66 1.44 7.46 14.42
CA LYS A 66 1.44 6.98 15.79
C LYS A 66 2.82 7.10 16.42
N GLY A 67 3.69 7.88 15.77
CA GLY A 67 5.04 8.06 16.27
C GLY A 67 6.08 7.37 15.42
N ILE A 68 5.69 6.26 14.80
CA ILE A 68 6.60 5.51 13.95
C ILE A 68 6.78 6.18 12.59
N SER A 69 7.88 5.86 11.92
CA SER A 69 8.17 6.44 10.61
C SER A 69 8.13 5.37 9.52
N VAL A 70 7.34 5.62 8.48
CA VAL A 70 7.22 4.68 7.38
C VAL A 70 7.71 5.29 6.07
N HIS A 71 8.37 4.49 5.25
CA HIS A 71 8.89 4.95 3.97
C HIS A 71 7.96 4.57 2.83
N ILE A 72 7.41 5.57 2.16
CA ILE A 72 6.49 5.33 1.04
C ILE A 72 7.27 5.12 -0.25
N SER A 73 7.12 3.92 -0.83
CA SER A 73 7.80 3.59 -2.08
C SER A 73 6.88 2.84 -3.02
N ASN A 74 6.85 3.25 -4.28
CA ASN A 74 6.00 2.61 -5.29
C ASN A 74 6.77 1.53 -6.04
N ALA A 75 6.44 0.27 -5.77
CA ALA A 75 7.09 -0.85 -6.42
C ALA A 75 6.07 -1.86 -6.92
N GLU A 76 6.42 -2.57 -7.98
CA GLU A 76 5.54 -3.58 -8.55
C GLU A 76 6.32 -4.81 -9.01
N PRO A 77 6.44 -5.79 -8.10
CA PRO A 77 7.17 -7.03 -8.38
C PRO A 77 6.44 -7.92 -9.38
N LYS A 78 7.18 -8.82 -10.01
CA LYS A 78 6.61 -9.73 -10.99
C LYS A 78 5.95 -10.93 -10.31
N HIS A 79 4.88 -11.44 -10.92
CA HIS A 79 4.16 -12.58 -10.37
C HIS A 79 4.59 -13.87 -11.06
N ASN A 80 4.96 -14.87 -10.26
CA ASN A 80 5.40 -16.16 -10.79
C ASN A 80 4.35 -17.23 -10.53
N SER A 81 4.01 -17.99 -11.57
CA SER A 81 3.03 -19.05 -11.45
C SER A 81 1.62 -18.47 -11.30
N ASN A 82 0.65 -19.14 -11.90
CA ASN A 82 -0.75 -18.70 -11.83
C ASN A 82 -1.54 -19.55 -10.84
N SER A 83 -2.51 -18.91 -10.18
CA SER A 83 -3.35 -19.60 -9.20
C SER A 83 -4.82 -19.25 -9.39
N GLY A 84 -5.60 -20.24 -9.80
CA GLY A 84 -7.02 -20.01 -10.01
C GLY A 84 -7.87 -21.10 -9.40
N PRO A 85 -9.08 -20.72 -8.93
CA PRO A 85 -10.02 -21.66 -8.31
C PRO A 85 -10.61 -22.65 -9.32
N SER A 86 -10.93 -23.85 -8.85
CA SER A 86 -11.48 -24.88 -9.71
C SER A 86 -12.82 -25.38 -9.15
N SER A 87 -12.77 -25.93 -7.94
CA SER A 87 -13.98 -26.45 -7.30
C SER A 87 -15.12 -25.43 -7.38
N GLY A 88 -16.31 -25.92 -7.69
CA GLY A 88 -17.46 -25.05 -7.79
C GLY A 88 -18.45 -25.50 -8.85
N GLY A 1 0.88 14.20 -17.31
CA GLY A 1 0.11 12.97 -17.34
C GLY A 1 0.98 11.73 -17.28
N SER A 2 0.87 10.98 -16.21
CA SER A 2 1.66 9.76 -16.03
C SER A 2 0.77 8.58 -15.67
N SER A 3 0.23 7.91 -16.67
CA SER A 3 -0.65 6.76 -16.46
C SER A 3 0.17 5.52 -16.11
N GLY A 4 0.09 5.11 -14.85
CA GLY A 4 0.82 3.94 -14.41
C GLY A 4 0.02 3.06 -13.47
N SER A 5 0.17 3.29 -12.17
CA SER A 5 -0.54 2.52 -11.16
C SER A 5 -0.83 3.36 -9.93
N SER A 6 -1.64 2.81 -9.03
CA SER A 6 -2.00 3.52 -7.80
C SER A 6 -1.83 2.61 -6.59
N GLY A 7 -0.59 2.18 -6.34
CA GLY A 7 -0.32 1.31 -5.21
C GLY A 7 1.11 1.40 -4.73
N VAL A 8 1.29 1.35 -3.42
CA VAL A 8 2.62 1.44 -2.83
C VAL A 8 2.79 0.44 -1.69
N PHE A 9 4.02 0.31 -1.20
CA PHE A 9 4.31 -0.61 -0.10
C PHE A 9 4.76 0.15 1.13
N VAL A 10 3.88 0.23 2.13
CA VAL A 10 4.19 0.93 3.37
C VAL A 10 5.12 0.09 4.25
N GLY A 11 6.40 0.12 3.92
CA GLY A 11 7.38 -0.64 4.69
C GLY A 11 7.65 -0.01 6.04
N ARG A 12 8.55 -0.63 6.81
CA ARG A 12 8.90 -0.14 8.13
C ARG A 12 7.65 0.09 8.98
N CYS A 13 6.64 -0.74 8.75
CA CYS A 13 5.38 -0.64 9.49
C CYS A 13 5.30 -1.73 10.56
N THR A 14 4.22 -1.68 11.35
CA THR A 14 4.02 -2.66 12.41
C THR A 14 2.65 -3.32 12.29
N GLY A 15 2.58 -4.61 12.62
CA GLY A 15 1.33 -5.33 12.54
C GLY A 15 0.27 -4.75 13.46
N ASP A 16 0.67 -4.41 14.67
CA ASP A 16 -0.25 -3.84 15.66
C ASP A 16 -1.30 -2.97 14.97
N MET A 17 -0.84 -2.09 14.09
CA MET A 17 -1.75 -1.20 13.37
C MET A 17 -2.83 -1.99 12.65
N THR A 18 -3.83 -1.29 12.11
CA THR A 18 -4.92 -1.92 11.40
C THR A 18 -5.25 -1.19 10.11
N GLU A 19 -5.73 -1.93 9.12
CA GLU A 19 -6.07 -1.35 7.82
C GLU A 19 -6.83 -0.03 8.01
N ASP A 20 -7.63 0.05 9.05
CA ASP A 20 -8.40 1.25 9.34
C ASP A 20 -7.49 2.42 9.69
N GLU A 21 -6.61 2.21 10.66
CA GLU A 21 -5.67 3.24 11.08
C GLU A 21 -5.05 3.94 9.88
N LEU A 22 -4.27 3.19 9.10
CA LEU A 22 -3.61 3.74 7.92
C LEU A 22 -4.64 4.34 6.96
N ARG A 23 -5.65 3.56 6.62
CA ARG A 23 -6.70 4.02 5.71
C ARG A 23 -7.19 5.40 6.11
N GLU A 24 -7.27 5.65 7.41
CA GLU A 24 -7.73 6.94 7.92
C GLU A 24 -6.59 7.95 7.94
N PHE A 25 -5.36 7.45 8.04
CA PHE A 25 -4.19 8.32 8.07
C PHE A 25 -3.86 8.84 6.67
N PHE A 26 -4.21 8.05 5.66
CA PHE A 26 -3.96 8.43 4.27
C PHE A 26 -5.16 9.18 3.68
N SER A 27 -6.31 9.05 4.33
CA SER A 27 -7.52 9.70 3.87
C SER A 27 -7.30 11.20 3.71
N GLN A 28 -6.46 11.77 4.58
CA GLN A 28 -6.18 13.20 4.54
C GLN A 28 -5.28 13.54 3.35
N TYR A 29 -4.35 12.64 3.04
CA TYR A 29 -3.44 12.84 1.92
C TYR A 29 -4.18 12.86 0.59
N GLY A 30 -4.97 11.81 0.36
CA GLY A 30 -5.73 11.72 -0.88
C GLY A 30 -6.89 10.75 -0.77
N ASP A 31 -7.63 10.59 -1.86
CA ASP A 31 -8.76 9.68 -1.89
C ASP A 31 -8.30 8.22 -1.90
N VAL A 32 -7.94 7.72 -0.73
CA VAL A 32 -7.48 6.34 -0.60
C VAL A 32 -8.58 5.36 -0.97
N MET A 33 -8.54 4.89 -2.22
CA MET A 33 -9.54 3.94 -2.71
C MET A 33 -9.83 2.87 -1.66
N ASP A 34 -8.79 2.12 -1.27
CA ASP A 34 -8.95 1.07 -0.28
C ASP A 34 -7.58 0.65 0.27
N VAL A 35 -7.60 -0.28 1.21
CA VAL A 35 -6.37 -0.77 1.82
C VAL A 35 -6.37 -2.30 1.92
N PHE A 36 -5.30 -2.92 1.46
CA PHE A 36 -5.17 -4.38 1.50
C PHE A 36 -3.83 -4.80 2.09
N ILE A 37 -3.87 -5.82 2.94
CA ILE A 37 -2.66 -6.32 3.57
C ILE A 37 -2.35 -7.75 3.15
N PRO A 38 -1.49 -7.90 2.14
CA PRO A 38 -1.10 -9.21 1.61
C PRO A 38 -0.25 -10.00 2.60
N LYS A 39 -0.48 -11.31 2.65
CA LYS A 39 0.28 -12.17 3.56
C LYS A 39 1.30 -13.00 2.79
N PRO A 40 2.40 -13.35 3.46
CA PRO A 40 2.63 -12.98 4.86
C PRO A 40 2.90 -11.49 5.01
N PHE A 41 2.65 -10.97 6.23
CA PHE A 41 2.86 -9.56 6.51
C PHE A 41 4.29 -9.31 6.98
N ARG A 42 5.07 -8.64 6.14
CA ARG A 42 6.46 -8.33 6.48
C ARG A 42 6.66 -6.84 6.64
N ALA A 43 6.32 -6.32 7.82
CA ALA A 43 6.46 -4.89 8.10
C ALA A 43 6.15 -4.06 6.87
N PHE A 44 5.17 -4.49 6.09
CA PHE A 44 4.77 -3.78 4.88
C PHE A 44 3.30 -4.00 4.57
N ALA A 45 2.71 -3.06 3.83
CA ALA A 45 1.30 -3.16 3.47
C ALA A 45 1.03 -2.46 2.15
N PHE A 46 -0.03 -2.88 1.47
CA PHE A 46 -0.40 -2.30 0.18
C PHE A 46 -1.56 -1.32 0.33
N VAL A 47 -1.43 -0.16 -0.30
CA VAL A 47 -2.46 0.87 -0.23
C VAL A 47 -2.82 1.38 -1.62
N THR A 48 -4.09 1.29 -1.97
CA THR A 48 -4.57 1.74 -3.27
C THR A 48 -5.13 3.16 -3.19
N PHE A 49 -4.87 3.95 -4.22
CA PHE A 49 -5.35 5.33 -4.26
C PHE A 49 -6.21 5.56 -5.50
N ALA A 50 -7.26 6.37 -5.35
CA ALA A 50 -8.16 6.68 -6.46
C ALA A 50 -7.44 7.50 -7.53
N ASP A 51 -6.22 7.91 -7.23
CA ASP A 51 -5.43 8.70 -8.18
C ASP A 51 -3.96 8.31 -8.11
N ASP A 52 -3.38 8.00 -9.27
CA ASP A 52 -1.99 7.60 -9.35
C ASP A 52 -1.08 8.70 -8.80
N GLN A 53 -1.45 9.95 -9.07
CA GLN A 53 -0.66 11.09 -8.60
C GLN A 53 -0.56 11.09 -7.08
N ILE A 54 -1.62 10.64 -6.42
CA ILE A 54 -1.66 10.60 -4.97
C ILE A 54 -0.59 9.64 -4.42
N ALA A 55 -0.30 8.59 -5.18
CA ALA A 55 0.69 7.61 -4.78
C ALA A 55 2.08 7.99 -5.30
N GLN A 56 2.10 8.78 -6.37
CA GLN A 56 3.36 9.20 -6.97
C GLN A 56 3.95 10.39 -6.21
N SER A 57 3.08 11.22 -5.64
CA SER A 57 3.51 12.39 -4.89
C SER A 57 4.03 11.98 -3.51
N LEU A 58 3.56 10.85 -3.02
CA LEU A 58 3.98 10.35 -1.72
C LEU A 58 5.27 9.54 -1.82
N CYS A 59 5.57 9.07 -3.03
CA CYS A 59 6.78 8.29 -3.28
C CYS A 59 8.03 9.11 -2.96
N GLY A 60 8.67 8.78 -1.85
CA GLY A 60 9.87 9.49 -1.45
C GLY A 60 9.62 10.45 -0.30
N GLU A 61 8.49 10.27 0.39
CA GLU A 61 8.15 11.13 1.51
C GLU A 61 8.07 10.34 2.81
N ASP A 62 8.60 10.91 3.88
CA ASP A 62 8.60 10.25 5.18
C ASP A 62 7.45 10.77 6.05
N LEU A 63 6.47 9.90 6.28
CA LEU A 63 5.32 10.27 7.10
C LEU A 63 5.37 9.59 8.47
N ILE A 64 4.71 10.19 9.44
CA ILE A 64 4.68 9.66 10.79
C ILE A 64 3.27 9.24 11.20
N ILE A 65 3.13 8.02 11.68
CA ILE A 65 1.83 7.51 12.11
C ILE A 65 1.90 6.95 13.52
N LYS A 66 1.31 7.67 14.47
CA LYS A 66 1.30 7.26 15.86
C LYS A 66 2.69 7.37 16.48
N GLY A 67 3.64 7.88 15.69
CA GLY A 67 4.99 8.03 16.19
C GLY A 67 6.01 7.29 15.33
N ILE A 68 5.55 6.26 14.63
CA ILE A 68 6.42 5.47 13.78
C ILE A 68 6.68 6.18 12.45
N SER A 69 7.81 5.85 11.82
CA SER A 69 8.17 6.45 10.55
C SER A 69 8.16 5.41 9.43
N VAL A 70 7.36 5.67 8.40
CA VAL A 70 7.26 4.76 7.27
C VAL A 70 7.72 5.43 5.97
N HIS A 71 8.25 4.63 5.05
CA HIS A 71 8.72 5.15 3.78
C HIS A 71 7.80 4.71 2.64
N ILE A 72 7.25 5.68 1.93
CA ILE A 72 6.36 5.41 0.81
C ILE A 72 7.14 5.16 -0.47
N SER A 73 7.17 3.91 -0.93
CA SER A 73 7.89 3.55 -2.13
C SER A 73 7.17 2.43 -2.89
N ASN A 74 7.70 2.06 -4.05
CA ASN A 74 7.10 1.01 -4.85
C ASN A 74 8.02 -0.20 -4.94
N ALA A 75 7.66 -1.27 -4.25
CA ALA A 75 8.46 -2.49 -4.25
C ALA A 75 7.57 -3.72 -4.36
N GLU A 76 7.57 -4.34 -5.54
CA GLU A 76 6.76 -5.53 -5.77
C GLU A 76 7.61 -6.79 -5.65
N PRO A 77 7.04 -7.83 -5.00
CA PRO A 77 7.72 -9.11 -4.80
C PRO A 77 7.89 -9.89 -6.10
N LYS A 78 9.09 -10.44 -6.30
CA LYS A 78 9.37 -11.21 -7.50
C LYS A 78 9.56 -12.69 -7.16
N HIS A 79 8.51 -13.47 -7.33
CA HIS A 79 8.56 -14.90 -7.06
C HIS A 79 7.82 -15.69 -8.13
N ASN A 80 8.51 -16.68 -8.71
CA ASN A 80 7.91 -17.50 -9.75
C ASN A 80 6.47 -17.86 -9.41
N SER A 81 6.29 -18.65 -8.36
CA SER A 81 4.96 -19.08 -7.93
C SER A 81 4.40 -20.15 -8.86
N ASN A 82 4.58 -21.41 -8.48
CA ASN A 82 4.09 -22.53 -9.28
C ASN A 82 3.43 -23.58 -8.39
N SER A 83 2.11 -23.69 -8.51
CA SER A 83 1.36 -24.65 -7.72
C SER A 83 0.42 -25.47 -8.60
N GLY A 84 0.09 -26.67 -8.14
CA GLY A 84 -0.80 -27.53 -8.91
C GLY A 84 -1.29 -28.73 -8.10
N PRO A 85 -2.50 -29.19 -8.41
CA PRO A 85 -3.11 -30.33 -7.71
C PRO A 85 -2.42 -31.65 -8.04
N SER A 86 -2.01 -32.37 -7.02
CA SER A 86 -1.33 -33.66 -7.20
C SER A 86 -2.18 -34.80 -6.67
N SER A 87 -2.25 -35.89 -7.44
CA SER A 87 -3.03 -37.05 -7.05
C SER A 87 -2.63 -38.27 -7.88
N GLY A 88 -3.09 -39.45 -7.45
CA GLY A 88 -2.77 -40.67 -8.17
C GLY A 88 -3.39 -41.90 -7.51
N GLY A 1 -7.97 1.25 -21.33
CA GLY A 1 -7.79 2.66 -21.05
C GLY A 1 -6.55 2.95 -20.24
N SER A 2 -6.72 3.12 -18.94
CA SER A 2 -5.60 3.41 -18.05
C SER A 2 -5.44 2.31 -17.00
N SER A 3 -4.83 1.20 -17.41
CA SER A 3 -4.61 0.08 -16.50
C SER A 3 -3.16 0.02 -16.04
N GLY A 4 -2.94 0.36 -14.78
CA GLY A 4 -1.59 0.34 -14.23
C GLY A 4 -1.56 -0.16 -12.80
N SER A 5 -0.86 0.58 -11.94
CA SER A 5 -0.74 0.20 -10.54
C SER A 5 -0.47 1.42 -9.67
N SER A 6 -1.54 1.97 -9.07
CA SER A 6 -1.42 3.14 -8.21
C SER A 6 -1.31 2.73 -6.75
N GLY A 7 -0.52 1.69 -6.48
CA GLY A 7 -0.34 1.22 -5.12
C GLY A 7 1.06 1.46 -4.61
N VAL A 8 1.21 1.46 -3.29
CA VAL A 8 2.51 1.67 -2.66
C VAL A 8 2.71 0.75 -1.47
N PHE A 9 3.97 0.50 -1.12
CA PHE A 9 4.30 -0.37 0.00
C PHE A 9 4.71 0.44 1.22
N VAL A 10 3.87 0.43 2.25
CA VAL A 10 4.15 1.17 3.47
C VAL A 10 5.05 0.37 4.40
N GLY A 11 6.35 0.35 4.10
CA GLY A 11 7.29 -0.37 4.93
C GLY A 11 7.37 0.17 6.34
N ARG A 12 8.23 -0.43 7.15
CA ARG A 12 8.41 -0.01 8.54
C ARG A 12 7.05 0.13 9.24
N CYS A 13 6.24 -0.92 9.13
CA CYS A 13 4.92 -0.92 9.75
C CYS A 13 4.86 -1.87 10.94
N THR A 14 3.72 -1.95 11.59
CA THR A 14 3.54 -2.82 12.74
C THR A 14 2.20 -3.54 12.71
N GLY A 15 2.19 -4.80 13.09
CA GLY A 15 0.96 -5.57 13.09
C GLY A 15 -0.16 -4.88 13.85
N ASP A 16 0.16 -4.37 15.03
CA ASP A 16 -0.82 -3.68 15.86
C ASP A 16 -1.77 -2.85 15.01
N MET A 17 -1.20 -2.01 14.14
CA MET A 17 -1.99 -1.16 13.27
C MET A 17 -3.01 -1.99 12.47
N THR A 18 -4.04 -1.33 11.97
CA THR A 18 -5.07 -2.02 11.19
C THR A 18 -5.38 -1.26 9.90
N GLU A 19 -5.90 -1.98 8.92
CA GLU A 19 -6.23 -1.38 7.63
C GLU A 19 -7.03 -0.10 7.82
N ASP A 20 -7.86 -0.07 8.86
CA ASP A 20 -8.68 1.11 9.15
C ASP A 20 -7.80 2.32 9.48
N GLU A 21 -6.87 2.13 10.41
CA GLU A 21 -5.97 3.21 10.81
C GLU A 21 -5.37 3.90 9.60
N LEU A 22 -4.61 3.16 8.80
CA LEU A 22 -3.98 3.71 7.61
C LEU A 22 -5.03 4.25 6.64
N ARG A 23 -6.10 3.48 6.44
CA ARG A 23 -7.17 3.89 5.55
C ARG A 23 -7.72 5.26 5.93
N GLU A 24 -7.64 5.58 7.22
CA GLU A 24 -8.14 6.85 7.73
C GLU A 24 -7.01 7.88 7.80
N PHE A 25 -5.77 7.39 7.87
CA PHE A 25 -4.60 8.25 7.95
C PHE A 25 -4.35 8.93 6.60
N PHE A 26 -4.20 8.13 5.56
CA PHE A 26 -3.94 8.65 4.21
C PHE A 26 -5.20 9.30 3.64
N SER A 27 -6.30 9.19 4.37
CA SER A 27 -7.57 9.76 3.93
C SER A 27 -7.50 11.30 3.90
N GLN A 28 -6.67 11.86 4.78
CA GLN A 28 -6.50 13.30 4.85
C GLN A 28 -5.69 13.82 3.68
N TYR A 29 -4.71 13.04 3.25
CA TYR A 29 -3.86 13.42 2.14
C TYR A 29 -4.65 13.47 0.83
N GLY A 30 -5.35 12.38 0.54
CA GLY A 30 -6.14 12.32 -0.69
C GLY A 30 -7.32 11.38 -0.56
N ASP A 31 -7.53 10.55 -1.58
CA ASP A 31 -8.64 9.61 -1.59
C ASP A 31 -8.12 8.17 -1.68
N VAL A 32 -7.96 7.52 -0.53
CA VAL A 32 -7.47 6.14 -0.49
C VAL A 32 -8.59 5.16 -0.81
N MET A 33 -8.56 4.61 -2.00
CA MET A 33 -9.57 3.64 -2.43
C MET A 33 -9.75 2.55 -1.39
N ASP A 34 -8.64 1.99 -0.93
CA ASP A 34 -8.67 0.93 0.07
C ASP A 34 -7.27 0.59 0.56
N VAL A 35 -7.19 -0.21 1.62
CA VAL A 35 -5.90 -0.60 2.19
C VAL A 35 -5.89 -2.08 2.54
N PHE A 36 -5.05 -2.84 1.86
CA PHE A 36 -4.94 -4.27 2.10
C PHE A 36 -3.54 -4.64 2.61
N ILE A 37 -3.45 -5.75 3.33
CA ILE A 37 -2.18 -6.20 3.87
C ILE A 37 -1.81 -7.58 3.31
N PRO A 38 -0.98 -7.59 2.26
CA PRO A 38 -0.54 -8.84 1.62
C PRO A 38 0.42 -9.63 2.51
N LYS A 39 0.11 -10.90 2.72
CA LYS A 39 0.94 -11.77 3.54
C LYS A 39 1.97 -12.50 2.69
N PRO A 40 3.09 -12.91 3.32
CA PRO A 40 3.31 -12.66 4.75
C PRO A 40 3.55 -11.18 5.05
N PHE A 41 2.79 -10.64 6.00
CA PHE A 41 2.93 -9.25 6.39
C PHE A 41 4.23 -9.01 7.15
N ARG A 42 5.16 -8.31 6.50
CA ARG A 42 6.46 -8.01 7.11
C ARG A 42 6.67 -6.51 7.23
N ALA A 43 6.10 -5.92 8.27
CA ALA A 43 6.23 -4.48 8.50
C ALA A 43 5.99 -3.70 7.21
N PHE A 44 5.10 -4.21 6.37
CA PHE A 44 4.79 -3.56 5.10
C PHE A 44 3.38 -3.92 4.64
N ALA A 45 2.67 -2.93 4.10
CA ALA A 45 1.31 -3.14 3.60
C ALA A 45 1.12 -2.54 2.22
N PHE A 46 0.03 -2.91 1.57
CA PHE A 46 -0.27 -2.41 0.23
C PHE A 46 -1.47 -1.47 0.25
N VAL A 47 -1.23 -0.19 -0.02
CA VAL A 47 -2.28 0.80 -0.03
C VAL A 47 -2.61 1.25 -1.45
N THR A 48 -3.90 1.43 -1.73
CA THR A 48 -4.35 1.85 -3.05
C THR A 48 -4.97 3.25 -3.00
N PHE A 49 -4.62 4.08 -3.97
CA PHE A 49 -5.14 5.44 -4.04
C PHE A 49 -6.03 5.62 -5.26
N ALA A 50 -7.13 6.36 -5.10
CA ALA A 50 -8.05 6.61 -6.19
C ALA A 50 -7.35 7.31 -7.35
N ASP A 51 -6.18 7.86 -7.09
CA ASP A 51 -5.41 8.56 -8.11
C ASP A 51 -3.93 8.18 -8.04
N ASP A 52 -3.31 8.02 -9.20
CA ASP A 52 -1.90 7.65 -9.27
C ASP A 52 -1.02 8.85 -8.93
N GLN A 53 -1.56 10.05 -9.08
CA GLN A 53 -0.82 11.27 -8.79
C GLN A 53 -0.57 11.41 -7.30
N ILE A 54 -1.52 10.94 -6.49
CA ILE A 54 -1.40 11.02 -5.04
C ILE A 54 -0.40 9.99 -4.52
N ALA A 55 -0.35 8.83 -5.17
CA ALA A 55 0.56 7.77 -4.77
C ALA A 55 1.99 8.07 -5.24
N GLN A 56 2.11 8.63 -6.44
CA GLN A 56 3.41 8.96 -7.00
C GLN A 56 4.06 10.09 -6.22
N SER A 57 3.35 11.20 -6.08
CA SER A 57 3.86 12.35 -5.36
C SER A 57 4.28 11.97 -3.95
N LEU A 58 3.58 11.00 -3.36
CA LEU A 58 3.87 10.54 -2.02
C LEU A 58 5.16 9.73 -1.98
N CYS A 59 5.39 8.95 -3.03
CA CYS A 59 6.58 8.13 -3.13
C CYS A 59 7.84 8.95 -2.86
N GLY A 60 8.51 8.65 -1.76
CA GLY A 60 9.72 9.38 -1.41
C GLY A 60 9.53 10.27 -0.19
N GLU A 61 8.29 10.36 0.29
CA GLU A 61 7.98 11.18 1.46
C GLU A 61 7.97 10.33 2.72
N ASP A 62 8.54 10.88 3.79
CA ASP A 62 8.59 10.17 5.06
C ASP A 62 7.49 10.68 6.00
N LEU A 63 6.50 9.82 6.26
CA LEU A 63 5.39 10.17 7.14
C LEU A 63 5.51 9.44 8.47
N ILE A 64 4.92 10.03 9.51
CA ILE A 64 4.96 9.44 10.85
C ILE A 64 3.57 8.96 11.26
N ILE A 65 3.50 7.73 11.78
CA ILE A 65 2.25 7.16 12.22
C ILE A 65 2.35 6.64 13.65
N LYS A 66 1.74 7.37 14.58
CA LYS A 66 1.75 6.99 15.98
C LYS A 66 3.16 7.10 16.57
N GLY A 67 4.04 7.81 15.84
CA GLY A 67 5.39 7.99 16.31
C GLY A 67 6.40 7.25 15.44
N ILE A 68 5.95 6.19 14.79
CA ILE A 68 6.82 5.41 13.92
C ILE A 68 7.02 6.10 12.57
N SER A 69 8.01 5.64 11.82
CA SER A 69 8.30 6.21 10.50
C SER A 69 8.10 5.18 9.40
N VAL A 70 7.54 5.62 8.28
CA VAL A 70 7.30 4.74 7.14
C VAL A 70 7.73 5.39 5.83
N HIS A 71 8.29 4.58 4.94
CA HIS A 71 8.75 5.08 3.64
C HIS A 71 7.77 4.69 2.54
N ILE A 72 7.22 5.69 1.85
CA ILE A 72 6.28 5.44 0.77
C ILE A 72 6.99 5.17 -0.54
N SER A 73 6.73 4.02 -1.14
CA SER A 73 7.36 3.64 -2.39
C SER A 73 6.40 2.81 -3.25
N ASN A 74 6.68 2.75 -4.55
CA ASN A 74 5.85 1.99 -5.47
C ASN A 74 6.62 0.83 -6.08
N ALA A 75 6.23 -0.39 -5.71
CA ALA A 75 6.90 -1.59 -6.22
C ALA A 75 5.87 -2.63 -6.65
N GLU A 76 6.23 -3.41 -7.67
CA GLU A 76 5.33 -4.44 -8.19
C GLU A 76 6.09 -5.74 -8.43
N PRO A 77 6.11 -6.61 -7.41
CA PRO A 77 6.80 -7.90 -7.48
C PRO A 77 6.10 -8.88 -8.43
N LYS A 78 6.90 -9.57 -9.24
CA LYS A 78 6.35 -10.53 -10.20
C LYS A 78 5.50 -11.58 -9.49
N HIS A 79 4.29 -11.80 -10.01
CA HIS A 79 3.39 -12.78 -9.43
C HIS A 79 2.48 -13.39 -10.51
N ASN A 80 2.35 -14.71 -10.48
CA ASN A 80 1.50 -15.41 -11.44
C ASN A 80 0.51 -16.33 -10.74
N SER A 81 -0.76 -16.18 -11.08
CA SER A 81 -1.81 -17.00 -10.49
C SER A 81 -2.10 -18.24 -11.34
N ASN A 82 -2.64 -19.26 -10.70
CA ASN A 82 -2.96 -20.51 -11.40
C ASN A 82 -3.88 -21.39 -10.55
N SER A 83 -4.63 -22.26 -11.22
CA SER A 83 -5.54 -23.16 -10.53
C SER A 83 -6.71 -22.38 -9.92
N GLY A 84 -7.91 -22.91 -10.09
CA GLY A 84 -9.09 -22.26 -9.54
C GLY A 84 -9.98 -23.21 -8.78
N PRO A 85 -10.89 -22.65 -7.96
CA PRO A 85 -11.82 -23.45 -7.16
C PRO A 85 -12.87 -24.14 -8.01
N SER A 86 -13.16 -25.40 -7.69
CA SER A 86 -14.15 -26.17 -8.43
C SER A 86 -15.55 -25.96 -7.85
N SER A 87 -16.55 -26.05 -8.70
CA SER A 87 -17.94 -25.87 -8.28
C SER A 87 -18.75 -27.14 -8.50
N GLY A 88 -19.83 -27.29 -7.74
CA GLY A 88 -20.67 -28.47 -7.87
C GLY A 88 -20.37 -29.51 -6.82
N GLY A 1 10.43 -0.13 -18.35
CA GLY A 1 9.00 0.09 -18.20
C GLY A 1 8.59 0.32 -16.76
N SER A 2 7.97 1.47 -16.49
CA SER A 2 7.54 1.80 -15.14
C SER A 2 6.05 2.18 -15.12
N SER A 3 5.20 1.17 -15.01
CA SER A 3 3.75 1.39 -14.99
C SER A 3 3.14 0.82 -13.72
N GLY A 4 2.23 1.59 -13.11
CA GLY A 4 1.59 1.15 -11.89
C GLY A 4 0.27 1.87 -11.64
N SER A 5 -0.84 1.16 -11.84
CA SER A 5 -2.16 1.74 -11.65
C SER A 5 -2.16 2.70 -10.47
N SER A 6 -2.23 2.13 -9.26
CA SER A 6 -2.25 2.94 -8.05
C SER A 6 -1.98 2.07 -6.82
N GLY A 7 -0.70 1.79 -6.57
CA GLY A 7 -0.33 0.97 -5.43
C GLY A 7 1.03 1.33 -4.88
N VAL A 8 1.13 1.39 -3.55
CA VAL A 8 2.40 1.73 -2.90
C VAL A 8 2.66 0.82 -1.71
N PHE A 9 3.92 0.45 -1.51
CA PHE A 9 4.30 -0.41 -0.40
C PHE A 9 4.73 0.41 0.80
N VAL A 10 3.92 0.37 1.86
CA VAL A 10 4.21 1.11 3.07
C VAL A 10 5.08 0.28 4.02
N GLY A 11 6.38 0.27 3.76
CA GLY A 11 7.30 -0.48 4.60
C GLY A 11 7.43 0.11 5.99
N ARG A 12 8.23 -0.54 6.84
CA ARG A 12 8.43 -0.08 8.21
C ARG A 12 7.10 0.10 8.93
N CYS A 13 6.30 -0.97 8.95
CA CYS A 13 5.00 -0.94 9.61
C CYS A 13 4.99 -1.85 10.83
N THR A 14 3.80 -2.09 11.37
CA THR A 14 3.66 -2.94 12.54
C THR A 14 2.32 -3.67 12.52
N GLY A 15 2.35 -4.96 12.88
CA GLY A 15 1.14 -5.75 12.89
C GLY A 15 -0.03 -5.02 13.55
N ASP A 16 0.21 -4.50 14.74
CA ASP A 16 -0.82 -3.77 15.47
C ASP A 16 -1.68 -2.94 14.53
N MET A 17 -1.03 -2.09 13.75
CA MET A 17 -1.73 -1.24 12.79
C MET A 17 -2.80 -2.02 12.05
N THR A 18 -3.87 -1.34 11.65
CA THR A 18 -4.96 -1.96 10.93
C THR A 18 -5.36 -1.15 9.71
N GLU A 19 -5.65 -1.83 8.60
CA GLU A 19 -6.05 -1.16 7.38
C GLU A 19 -6.91 0.06 7.67
N ASP A 20 -7.82 -0.09 8.62
CA ASP A 20 -8.72 1.00 9.00
C ASP A 20 -7.91 2.24 9.42
N GLU A 21 -7.06 2.07 10.42
CA GLU A 21 -6.24 3.18 10.91
C GLU A 21 -5.58 3.92 9.75
N LEU A 22 -4.72 3.21 9.02
CA LEU A 22 -4.02 3.80 7.89
C LEU A 22 -5.00 4.45 6.91
N ARG A 23 -6.08 3.74 6.62
CA ARG A 23 -7.10 4.26 5.70
C ARG A 23 -7.55 5.66 6.12
N GLU A 24 -7.69 5.87 7.42
CA GLU A 24 -8.10 7.17 7.95
C GLU A 24 -6.91 8.11 8.08
N PHE A 25 -5.72 7.55 8.02
CA PHE A 25 -4.50 8.34 8.13
C PHE A 25 -4.06 8.88 6.77
N PHE A 26 -4.36 8.13 5.72
CA PHE A 26 -4.01 8.53 4.36
C PHE A 26 -5.15 9.29 3.71
N SER A 27 -6.34 9.20 4.29
CA SER A 27 -7.52 9.87 3.76
C SER A 27 -7.30 11.39 3.73
N GLN A 28 -6.45 11.88 4.62
CA GLN A 28 -6.15 13.30 4.69
C GLN A 28 -5.25 13.74 3.54
N TYR A 29 -4.46 12.79 3.03
CA TYR A 29 -3.54 13.08 1.94
C TYR A 29 -4.27 13.04 0.60
N GLY A 30 -4.93 11.92 0.32
CA GLY A 30 -5.67 11.78 -0.93
C GLY A 30 -6.81 10.79 -0.81
N ASP A 31 -7.50 10.58 -1.92
CA ASP A 31 -8.64 9.65 -1.94
C ASP A 31 -8.16 8.20 -1.92
N VAL A 32 -7.76 7.74 -0.74
CA VAL A 32 -7.28 6.37 -0.58
C VAL A 32 -8.39 5.36 -0.85
N MET A 33 -8.44 4.85 -2.07
CA MET A 33 -9.45 3.87 -2.46
C MET A 33 -9.65 2.83 -1.35
N ASP A 34 -8.58 2.09 -1.05
CA ASP A 34 -8.64 1.07 -0.01
C ASP A 34 -7.24 0.66 0.42
N VAL A 35 -7.16 -0.06 1.55
CA VAL A 35 -5.88 -0.50 2.07
C VAL A 35 -5.94 -1.98 2.46
N PHE A 36 -4.92 -2.73 2.06
CA PHE A 36 -4.85 -4.15 2.37
C PHE A 36 -3.41 -4.60 2.62
N ILE A 37 -3.25 -5.72 3.31
CA ILE A 37 -1.93 -6.25 3.62
C ILE A 37 -1.79 -7.69 3.14
N PRO A 38 -1.21 -7.86 1.95
CA PRO A 38 -1.00 -9.19 1.36
C PRO A 38 0.06 -9.99 2.10
N LYS A 39 -0.20 -11.28 2.29
CA LYS A 39 0.73 -12.16 2.99
C LYS A 39 1.67 -12.83 2.01
N PRO A 40 2.87 -13.21 2.49
CA PRO A 40 3.26 -12.99 3.89
C PRO A 40 3.49 -11.52 4.21
N PHE A 41 2.94 -11.07 5.33
CA PHE A 41 3.09 -9.68 5.75
C PHE A 41 4.44 -9.45 6.43
N ARG A 42 5.19 -8.48 5.92
CA ARG A 42 6.50 -8.17 6.47
C ARG A 42 6.64 -6.67 6.72
N ALA A 43 6.11 -6.21 7.85
CA ALA A 43 6.17 -4.80 8.21
C ALA A 43 5.87 -3.91 7.00
N PHE A 44 5.07 -4.43 6.08
CA PHE A 44 4.72 -3.69 4.88
C PHE A 44 3.24 -3.85 4.56
N ALA A 45 2.73 -3.02 3.64
CA ALA A 45 1.33 -3.07 3.25
C ALA A 45 1.13 -2.43 1.88
N PHE A 46 0.12 -2.91 1.16
CA PHE A 46 -0.18 -2.40 -0.17
C PHE A 46 -1.38 -1.44 -0.12
N VAL A 47 -1.11 -0.15 -0.30
CA VAL A 47 -2.15 0.86 -0.28
C VAL A 47 -2.52 1.30 -1.69
N THR A 48 -3.82 1.43 -1.95
CA THR A 48 -4.31 1.84 -3.25
C THR A 48 -4.98 3.21 -3.20
N PHE A 49 -4.57 4.11 -4.08
CA PHE A 49 -5.13 5.45 -4.12
C PHE A 49 -5.93 5.68 -5.40
N ALA A 50 -7.18 6.10 -5.25
CA ALA A 50 -8.04 6.35 -6.40
C ALA A 50 -7.28 7.07 -7.51
N ASP A 51 -6.21 7.77 -7.13
CA ASP A 51 -5.41 8.50 -8.10
C ASP A 51 -3.95 8.06 -8.04
N ASP A 52 -3.36 7.80 -9.20
CA ASP A 52 -1.97 7.37 -9.27
C ASP A 52 -1.02 8.50 -8.87
N GLN A 53 -1.43 9.74 -9.13
CA GLN A 53 -0.63 10.90 -8.79
C GLN A 53 -0.47 11.03 -7.28
N ILE A 54 -1.51 10.66 -6.54
CA ILE A 54 -1.48 10.73 -5.09
C ILE A 54 -0.50 9.74 -4.50
N ALA A 55 -0.41 8.57 -5.12
CA ALA A 55 0.50 7.52 -4.67
C ALA A 55 1.95 7.89 -4.98
N GLN A 56 2.17 8.43 -6.19
CA GLN A 56 3.50 8.82 -6.61
C GLN A 56 4.02 10.00 -5.79
N SER A 57 3.27 11.09 -5.80
CA SER A 57 3.65 12.29 -5.06
C SER A 57 4.03 11.94 -3.62
N LEU A 58 3.31 10.99 -3.04
CA LEU A 58 3.57 10.56 -1.67
C LEU A 58 4.90 9.82 -1.58
N CYS A 59 5.19 9.00 -2.59
CA CYS A 59 6.43 8.24 -2.61
C CYS A 59 7.63 9.13 -2.29
N GLY A 60 8.50 8.64 -1.40
CA GLY A 60 9.67 9.40 -1.03
C GLY A 60 9.43 10.27 0.20
N GLU A 61 8.16 10.47 0.53
CA GLU A 61 7.79 11.29 1.69
C GLU A 61 7.75 10.45 2.96
N ASP A 62 8.40 10.95 4.01
CA ASP A 62 8.44 10.24 5.28
C ASP A 62 7.31 10.71 6.20
N LEU A 63 6.38 9.81 6.48
CA LEU A 63 5.24 10.13 7.34
C LEU A 63 5.36 9.42 8.68
N ILE A 64 4.81 10.03 9.72
CA ILE A 64 4.86 9.46 11.06
C ILE A 64 3.49 8.93 11.48
N ILE A 65 3.44 7.67 11.87
CA ILE A 65 2.19 7.05 12.29
C ILE A 65 2.32 6.45 13.69
N LYS A 66 1.85 7.17 14.69
CA LYS A 66 1.91 6.71 16.08
C LYS A 66 3.31 6.90 16.65
N GLY A 67 4.19 7.53 15.87
CA GLY A 67 5.54 7.77 16.31
C GLY A 67 6.57 7.14 15.39
N ILE A 68 6.19 6.06 14.73
CA ILE A 68 7.09 5.36 13.81
C ILE A 68 7.19 6.10 12.48
N SER A 69 8.33 5.94 11.80
CA SER A 69 8.54 6.59 10.51
C SER A 69 8.50 5.57 9.37
N VAL A 70 7.54 5.74 8.47
CA VAL A 70 7.39 4.84 7.34
C VAL A 70 7.86 5.50 6.05
N HIS A 71 8.14 4.68 5.04
CA HIS A 71 8.60 5.19 3.75
C HIS A 71 7.66 4.73 2.63
N ILE A 72 7.01 5.70 1.99
CA ILE A 72 6.08 5.40 0.89
C ILE A 72 6.84 5.14 -0.41
N SER A 73 6.58 3.98 -1.01
CA SER A 73 7.23 3.62 -2.26
C SER A 73 6.25 2.93 -3.21
N ASN A 74 6.69 2.71 -4.44
CA ASN A 74 5.85 2.06 -5.44
C ASN A 74 6.41 0.69 -5.81
N ALA A 75 5.68 -0.35 -5.42
CA ALA A 75 6.11 -1.72 -5.71
C ALA A 75 4.94 -2.55 -6.25
N GLU A 76 5.22 -3.36 -7.27
CA GLU A 76 4.19 -4.20 -7.88
C GLU A 76 4.76 -5.58 -8.21
N PRO A 77 4.62 -6.52 -7.27
CA PRO A 77 5.10 -7.90 -7.45
C PRO A 77 4.29 -8.67 -8.49
N LYS A 78 4.98 -9.45 -9.30
CA LYS A 78 4.33 -10.25 -10.33
C LYS A 78 3.69 -11.50 -9.73
N HIS A 79 2.40 -11.68 -9.96
CA HIS A 79 1.67 -12.84 -9.45
C HIS A 79 0.37 -13.05 -10.20
N ASN A 80 0.38 -12.74 -11.50
CA ASN A 80 -0.81 -12.89 -12.33
C ASN A 80 -1.39 -14.29 -12.20
N SER A 81 -2.37 -14.44 -11.32
CA SER A 81 -3.02 -15.73 -11.10
C SER A 81 -4.53 -15.57 -11.01
N ASN A 82 -5.25 -16.65 -11.32
CA ASN A 82 -6.71 -16.63 -11.28
C ASN A 82 -7.22 -17.21 -9.96
N SER A 83 -7.51 -16.33 -9.01
CA SER A 83 -8.01 -16.74 -7.70
C SER A 83 -9.33 -17.49 -7.83
N GLY A 84 -9.69 -18.23 -6.79
CA GLY A 84 -10.92 -18.98 -6.81
C GLY A 84 -11.85 -18.61 -5.66
N PRO A 85 -13.15 -18.85 -5.85
CA PRO A 85 -14.17 -18.55 -4.83
C PRO A 85 -14.07 -19.47 -3.62
N SER A 86 -13.10 -20.38 -3.65
CA SER A 86 -12.90 -21.32 -2.55
C SER A 86 -14.07 -22.28 -2.44
N SER A 87 -13.79 -23.51 -2.01
CA SER A 87 -14.83 -24.53 -1.87
C SER A 87 -15.50 -24.82 -3.20
N GLY A 88 -14.92 -25.75 -3.95
CA GLY A 88 -15.48 -26.11 -5.24
C GLY A 88 -14.59 -27.06 -6.02
N GLY A 1 0.44 -0.49 -22.69
CA GLY A 1 0.05 0.87 -22.42
C GLY A 1 -0.30 1.10 -20.97
N SER A 2 0.63 0.80 -20.08
CA SER A 2 0.41 0.96 -18.65
C SER A 2 1.68 1.42 -17.94
N SER A 3 1.53 2.38 -17.03
CA SER A 3 2.67 2.91 -16.28
C SER A 3 2.21 3.97 -15.28
N GLY A 4 2.43 3.70 -14.00
CA GLY A 4 2.04 4.64 -12.97
C GLY A 4 0.90 4.12 -12.11
N SER A 5 1.01 2.85 -11.69
CA SER A 5 -0.01 2.24 -10.86
C SER A 5 -0.31 3.08 -9.64
N SER A 6 -1.53 2.98 -9.13
CA SER A 6 -1.94 3.74 -7.95
C SER A 6 -1.75 2.93 -6.68
N GLY A 7 -0.71 2.10 -6.67
CA GLY A 7 -0.43 1.28 -5.51
C GLY A 7 0.99 1.45 -5.00
N VAL A 8 1.14 1.75 -3.73
CA VAL A 8 2.45 1.94 -3.12
C VAL A 8 2.61 1.08 -1.88
N PHE A 9 3.85 0.68 -1.60
CA PHE A 9 4.15 -0.15 -0.44
C PHE A 9 4.55 0.71 0.75
N VAL A 10 3.98 0.42 1.92
CA VAL A 10 4.28 1.16 3.13
C VAL A 10 5.12 0.33 4.09
N GLY A 11 6.42 0.28 3.82
CA GLY A 11 7.32 -0.50 4.67
C GLY A 11 7.59 0.20 5.99
N ARG A 12 8.46 -0.42 6.80
CA ARG A 12 8.80 0.14 8.10
C ARG A 12 7.55 0.31 8.97
N CYS A 13 6.55 -0.52 8.73
CA CYS A 13 5.31 -0.46 9.49
C CYS A 13 5.27 -1.54 10.56
N THR A 14 4.11 -1.68 11.21
CA THR A 14 3.94 -2.68 12.27
C THR A 14 2.63 -3.44 12.10
N GLY A 15 2.55 -4.63 12.69
CA GLY A 15 1.35 -5.42 12.59
C GLY A 15 0.19 -4.81 13.36
N ASP A 16 0.46 -4.36 14.58
CA ASP A 16 -0.58 -3.76 15.41
C ASP A 16 -1.52 -2.90 14.56
N MET A 17 -0.95 -2.01 13.76
CA MET A 17 -1.73 -1.13 12.91
C MET A 17 -2.77 -1.93 12.12
N THR A 18 -3.91 -1.30 11.85
CA THR A 18 -4.98 -1.96 11.10
C THR A 18 -5.32 -1.17 9.83
N GLU A 19 -5.80 -1.89 8.82
CA GLU A 19 -6.17 -1.26 7.56
C GLU A 19 -6.95 0.03 7.80
N ASP A 20 -7.79 0.03 8.82
CA ASP A 20 -8.59 1.20 9.17
C ASP A 20 -7.69 2.39 9.49
N GLU A 21 -6.77 2.20 10.42
CA GLU A 21 -5.85 3.26 10.82
C GLU A 21 -5.22 3.93 9.60
N LEU A 22 -4.46 3.15 8.83
CA LEU A 22 -3.80 3.66 7.64
C LEU A 22 -4.82 4.24 6.66
N ARG A 23 -5.93 3.54 6.49
CA ARG A 23 -6.98 3.99 5.58
C ARG A 23 -7.54 5.34 6.02
N GLU A 24 -7.53 5.59 7.32
CA GLU A 24 -8.02 6.85 7.87
C GLU A 24 -6.91 7.89 7.95
N PHE A 25 -5.67 7.42 7.97
CA PHE A 25 -4.51 8.30 8.05
C PHE A 25 -4.18 8.89 6.68
N PHE A 26 -4.52 8.15 5.62
CA PHE A 26 -4.27 8.59 4.26
C PHE A 26 -5.49 9.28 3.67
N SER A 27 -6.59 9.27 4.42
CA SER A 27 -7.83 9.90 3.97
C SER A 27 -7.65 11.40 3.82
N GLN A 28 -6.73 11.96 4.59
CA GLN A 28 -6.46 13.40 4.54
C GLN A 28 -5.61 13.76 3.31
N TYR A 29 -4.71 12.85 2.95
CA TYR A 29 -3.83 13.07 1.81
C TYR A 29 -4.64 13.07 0.51
N GLY A 30 -5.43 12.02 0.31
CA GLY A 30 -6.23 11.91 -0.90
C GLY A 30 -7.35 10.90 -0.76
N ASP A 31 -8.05 10.64 -1.86
CA ASP A 31 -9.16 9.69 -1.86
C ASP A 31 -8.64 8.26 -1.95
N VAL A 32 -8.14 7.74 -0.84
CA VAL A 32 -7.61 6.39 -0.80
C VAL A 32 -8.70 5.36 -1.07
N MET A 33 -8.63 4.71 -2.23
CA MET A 33 -9.61 3.70 -2.61
C MET A 33 -9.80 2.68 -1.49
N ASP A 34 -8.71 2.00 -1.13
CA ASP A 34 -8.75 0.99 -0.09
C ASP A 34 -7.34 0.61 0.37
N VAL A 35 -7.26 -0.14 1.46
CA VAL A 35 -5.97 -0.58 1.99
C VAL A 35 -6.01 -2.05 2.38
N PHE A 36 -5.12 -2.84 1.79
CA PHE A 36 -5.05 -4.26 2.09
C PHE A 36 -3.69 -4.64 2.66
N ILE A 37 -3.67 -5.68 3.48
CA ILE A 37 -2.44 -6.14 4.10
C ILE A 37 -2.08 -7.55 3.65
N PRO A 38 -1.21 -7.65 2.64
CA PRO A 38 -0.77 -8.94 2.09
C PRO A 38 0.12 -9.71 3.06
N LYS A 39 -0.24 -10.96 3.33
CA LYS A 39 0.53 -11.80 4.24
C LYS A 39 1.48 -12.70 3.46
N PRO A 40 2.58 -13.11 4.12
CA PRO A 40 2.87 -12.71 5.50
C PRO A 40 3.22 -11.23 5.62
N PHE A 41 2.62 -10.55 6.58
CA PHE A 41 2.88 -9.13 6.80
C PHE A 41 4.25 -8.90 7.41
N ARG A 42 5.16 -8.33 6.62
CA ARG A 42 6.51 -8.07 7.08
C ARG A 42 6.78 -6.56 7.14
N ALA A 43 6.35 -5.93 8.23
CA ALA A 43 6.55 -4.50 8.41
C ALA A 43 6.28 -3.75 7.11
N PHE A 44 5.24 -4.15 6.38
CA PHE A 44 4.89 -3.52 5.12
C PHE A 44 3.46 -3.86 4.73
N ALA A 45 2.84 -2.97 3.95
CA ALA A 45 1.47 -3.18 3.51
C ALA A 45 1.21 -2.48 2.17
N PHE A 46 0.14 -2.87 1.50
CA PHE A 46 -0.21 -2.29 0.21
C PHE A 46 -1.42 -1.37 0.34
N VAL A 47 -1.33 -0.18 -0.26
CA VAL A 47 -2.41 0.78 -0.21
C VAL A 47 -2.75 1.30 -1.61
N THR A 48 -4.03 1.26 -1.95
CA THR A 48 -4.49 1.73 -3.26
C THR A 48 -5.09 3.13 -3.16
N PHE A 49 -4.84 3.94 -4.19
CA PHE A 49 -5.36 5.30 -4.22
C PHE A 49 -6.22 5.52 -5.47
N ALA A 50 -7.31 6.26 -5.30
CA ALA A 50 -8.21 6.55 -6.41
C ALA A 50 -7.49 7.29 -7.53
N ASP A 51 -6.27 7.73 -7.24
CA ASP A 51 -5.47 8.46 -8.22
C ASP A 51 -3.99 8.10 -8.08
N ASP A 52 -3.32 7.94 -9.23
CA ASP A 52 -1.91 7.60 -9.24
C ASP A 52 -1.06 8.80 -8.81
N GLN A 53 -1.58 9.99 -9.05
CA GLN A 53 -0.86 11.22 -8.70
C GLN A 53 -0.61 11.29 -7.19
N ILE A 54 -1.52 10.70 -6.42
CA ILE A 54 -1.39 10.69 -4.97
C ILE A 54 -0.39 9.64 -4.51
N ALA A 55 -0.47 8.45 -5.09
CA ALA A 55 0.44 7.36 -4.74
C ALA A 55 1.85 7.68 -5.18
N GLN A 56 1.98 8.44 -6.26
CA GLN A 56 3.29 8.81 -6.79
C GLN A 56 3.94 9.90 -5.95
N SER A 57 3.22 11.02 -5.79
CA SER A 57 3.72 12.15 -5.02
C SER A 57 4.15 11.69 -3.63
N LEU A 58 3.37 10.78 -3.04
CA LEU A 58 3.67 10.27 -1.70
C LEU A 58 4.93 9.43 -1.71
N CYS A 59 5.24 8.84 -2.87
CA CYS A 59 6.43 8.02 -3.01
C CYS A 59 7.70 8.82 -2.71
N GLY A 60 8.47 8.37 -1.73
CA GLY A 60 9.69 9.06 -1.37
C GLY A 60 9.50 10.00 -0.20
N GLU A 61 8.28 10.09 0.29
CA GLU A 61 7.96 10.97 1.41
C GLU A 61 7.90 10.17 2.72
N ASP A 62 8.57 10.68 3.74
CA ASP A 62 8.60 10.02 5.04
C ASP A 62 7.50 10.57 5.96
N LEU A 63 6.55 9.71 6.31
CA LEU A 63 5.45 10.10 7.17
C LEU A 63 5.59 9.48 8.56
N ILE A 64 4.83 10.00 9.52
CA ILE A 64 4.88 9.50 10.89
C ILE A 64 3.51 8.99 11.33
N ILE A 65 3.45 7.71 11.68
CA ILE A 65 2.20 7.10 12.12
C ILE A 65 2.37 6.44 13.49
N LYS A 66 1.70 6.99 14.49
CA LYS A 66 1.78 6.45 15.85
C LYS A 66 3.15 6.68 16.46
N GLY A 67 3.86 7.67 15.93
CA GLY A 67 5.19 7.98 16.43
C GLY A 67 6.28 7.40 15.56
N ILE A 68 6.00 6.29 14.91
CA ILE A 68 6.96 5.64 14.03
C ILE A 68 7.05 6.34 12.68
N SER A 69 8.18 6.15 11.99
CA SER A 69 8.38 6.76 10.69
C SER A 69 8.30 5.72 9.58
N VAL A 70 7.30 5.85 8.72
CA VAL A 70 7.12 4.91 7.61
C VAL A 70 7.70 5.48 6.32
N HIS A 71 8.01 4.58 5.38
CA HIS A 71 8.57 4.99 4.10
C HIS A 71 7.66 4.58 2.95
N ILE A 72 7.31 5.54 2.11
CA ILE A 72 6.43 5.29 0.97
C ILE A 72 7.24 4.98 -0.29
N SER A 73 6.87 3.90 -0.97
CA SER A 73 7.57 3.49 -2.18
C SER A 73 6.58 2.95 -3.22
N ASN A 74 7.06 2.78 -4.45
CA ASN A 74 6.22 2.28 -5.53
C ASN A 74 6.85 1.05 -6.17
N ALA A 75 6.24 -0.11 -5.93
CA ALA A 75 6.74 -1.37 -6.49
C ALA A 75 5.59 -2.22 -7.03
N GLU A 76 5.90 -3.05 -8.02
CA GLU A 76 4.89 -3.92 -8.63
C GLU A 76 5.47 -5.29 -8.91
N PRO A 77 5.31 -6.22 -7.95
CA PRO A 77 5.80 -7.59 -8.07
C PRO A 77 5.02 -8.40 -9.10
N LYS A 78 5.59 -9.53 -9.51
CA LYS A 78 4.94 -10.40 -10.50
C LYS A 78 3.66 -10.99 -9.93
N HIS A 79 2.65 -11.10 -10.77
CA HIS A 79 1.36 -11.67 -10.36
C HIS A 79 0.73 -12.48 -11.49
N ASN A 80 0.97 -13.78 -11.47
CA ASN A 80 0.42 -14.67 -12.50
C ASN A 80 0.76 -16.13 -12.19
N SER A 81 -0.04 -17.04 -12.73
CA SER A 81 0.16 -18.47 -12.52
C SER A 81 -0.58 -19.28 -13.57
N ASN A 82 -0.39 -20.60 -13.52
CA ASN A 82 -1.05 -21.50 -14.46
C ASN A 82 -0.56 -22.93 -14.28
N SER A 83 0.74 -23.14 -14.47
CA SER A 83 1.34 -24.47 -14.33
C SER A 83 1.19 -24.98 -12.90
N GLY A 84 0.90 -26.27 -12.77
CA GLY A 84 0.73 -26.86 -11.46
C GLY A 84 -0.01 -28.19 -11.50
N PRO A 85 0.34 -29.10 -10.59
CA PRO A 85 -0.28 -30.43 -10.52
C PRO A 85 -1.71 -30.36 -10.02
N SER A 86 -2.52 -31.34 -10.41
CA SER A 86 -3.92 -31.39 -10.01
C SER A 86 -4.15 -32.49 -8.98
N SER A 87 -4.29 -32.08 -7.71
CA SER A 87 -4.51 -33.03 -6.63
C SER A 87 -5.98 -33.07 -6.23
N GLY A 88 -6.52 -31.90 -5.88
CA GLY A 88 -7.91 -31.81 -5.49
C GLY A 88 -8.38 -30.38 -5.31
N GLY A 1 -15.04 -1.03 -17.40
CA GLY A 1 -14.02 -2.00 -17.01
C GLY A 1 -12.99 -1.39 -16.09
N SER A 2 -11.80 -2.01 -16.05
CA SER A 2 -10.72 -1.51 -15.20
C SER A 2 -9.37 -2.08 -15.67
N SER A 3 -8.33 -1.27 -15.56
CA SER A 3 -6.99 -1.68 -15.96
C SER A 3 -5.94 -0.70 -15.45
N GLY A 4 -5.44 -0.95 -14.24
CA GLY A 4 -4.43 -0.08 -13.67
C GLY A 4 -4.02 -0.52 -12.27
N SER A 5 -3.21 0.29 -11.62
CA SER A 5 -2.74 -0.03 -10.27
C SER A 5 -2.00 1.17 -9.66
N SER A 6 -2.73 1.98 -8.91
CA SER A 6 -2.16 3.16 -8.27
C SER A 6 -1.96 2.92 -6.78
N GLY A 7 -1.18 1.89 -6.44
CA GLY A 7 -0.93 1.59 -5.05
C GLY A 7 0.53 1.77 -4.67
N VAL A 8 0.81 1.71 -3.38
CA VAL A 8 2.17 1.88 -2.88
C VAL A 8 2.43 0.98 -1.67
N PHE A 9 3.70 0.61 -1.48
CA PHE A 9 4.09 -0.23 -0.35
C PHE A 9 4.58 0.61 0.82
N VAL A 10 4.01 0.36 2.00
CA VAL A 10 4.39 1.08 3.20
C VAL A 10 5.18 0.20 4.16
N GLY A 11 6.49 0.17 3.99
CA GLY A 11 7.34 -0.64 4.85
C GLY A 11 7.44 -0.09 6.26
N ARG A 12 8.44 -0.54 6.99
CA ARG A 12 8.65 -0.09 8.37
C ARG A 12 7.31 0.02 9.10
N CYS A 13 6.42 -0.92 8.84
CA CYS A 13 5.11 -0.93 9.48
C CYS A 13 5.06 -1.94 10.62
N THR A 14 3.97 -1.92 11.37
CA THR A 14 3.80 -2.84 12.50
C THR A 14 2.44 -3.54 12.43
N GLY A 15 2.42 -4.80 12.86
CA GLY A 15 1.18 -5.56 12.85
C GLY A 15 0.07 -4.87 13.60
N ASP A 16 0.39 -4.33 14.77
CA ASP A 16 -0.60 -3.63 15.59
C ASP A 16 -1.53 -2.80 14.72
N MET A 17 -0.95 -1.95 13.88
CA MET A 17 -1.73 -1.09 13.00
C MET A 17 -2.68 -1.92 12.13
N THR A 18 -3.78 -1.31 11.70
CA THR A 18 -4.76 -1.99 10.88
C THR A 18 -5.14 -1.14 9.67
N GLU A 19 -5.58 -1.81 8.60
CA GLU A 19 -5.96 -1.11 7.38
C GLU A 19 -6.81 0.12 7.69
N ASP A 20 -7.55 0.06 8.79
CA ASP A 20 -8.39 1.17 9.21
C ASP A 20 -7.55 2.39 9.57
N GLU A 21 -6.56 2.18 10.44
CA GLU A 21 -5.68 3.26 10.87
C GLU A 21 -5.05 3.96 9.67
N LEU A 22 -4.31 3.21 8.87
CA LEU A 22 -3.66 3.76 7.69
C LEU A 22 -4.68 4.33 6.71
N ARG A 23 -5.77 3.61 6.52
CA ARG A 23 -6.83 4.04 5.62
C ARG A 23 -7.38 5.39 6.04
N GLU A 24 -7.42 5.63 7.35
CA GLU A 24 -7.93 6.89 7.88
C GLU A 24 -6.82 7.95 7.94
N PHE A 25 -5.57 7.49 8.03
CA PHE A 25 -4.44 8.38 8.10
C PHE A 25 -4.11 8.96 6.71
N PHE A 26 -4.26 8.13 5.69
CA PHE A 26 -3.99 8.54 4.33
C PHE A 26 -5.18 9.29 3.73
N SER A 27 -6.34 9.13 4.36
CA SER A 27 -7.56 9.77 3.89
C SER A 27 -7.39 11.29 3.86
N GLN A 28 -6.54 11.80 4.75
CA GLN A 28 -6.29 13.23 4.83
C GLN A 28 -5.42 13.70 3.66
N TYR A 29 -4.51 12.84 3.24
CA TYR A 29 -3.61 13.15 2.13
C TYR A 29 -4.38 13.26 0.81
N GLY A 30 -5.15 12.22 0.50
CA GLY A 30 -5.92 12.22 -0.72
C GLY A 30 -7.16 11.34 -0.62
N ASP A 31 -7.29 10.38 -1.53
CA ASP A 31 -8.43 9.48 -1.54
C ASP A 31 -7.98 8.03 -1.68
N VAL A 32 -7.78 7.37 -0.54
CA VAL A 32 -7.35 5.98 -0.54
C VAL A 32 -8.52 5.04 -0.85
N MET A 33 -8.60 4.63 -2.12
CA MET A 33 -9.67 3.73 -2.56
C MET A 33 -9.88 2.61 -1.56
N ASP A 34 -8.80 1.89 -1.24
CA ASP A 34 -8.87 0.78 -0.30
C ASP A 34 -7.49 0.45 0.24
N VAL A 35 -7.45 -0.32 1.33
CA VAL A 35 -6.19 -0.73 1.94
C VAL A 35 -6.19 -2.21 2.30
N PHE A 36 -5.30 -2.97 1.67
CA PHE A 36 -5.20 -4.39 1.92
C PHE A 36 -3.82 -4.76 2.47
N ILE A 37 -3.73 -5.93 3.09
CA ILE A 37 -2.46 -6.40 3.65
C ILE A 37 -2.11 -7.79 3.13
N PRO A 38 -1.27 -7.82 2.09
CA PRO A 38 -0.83 -9.08 1.47
C PRO A 38 0.10 -9.87 2.38
N LYS A 39 -0.20 -11.15 2.57
CA LYS A 39 0.61 -12.02 3.41
C LYS A 39 1.59 -12.83 2.57
N PRO A 40 2.71 -13.24 3.19
CA PRO A 40 2.99 -12.91 4.58
C PRO A 40 3.30 -11.43 4.79
N PHE A 41 2.77 -10.88 5.88
CA PHE A 41 2.98 -9.47 6.19
C PHE A 41 4.34 -9.25 6.86
N ARG A 42 5.23 -8.55 6.17
CA ARG A 42 6.57 -8.28 6.68
C ARG A 42 6.77 -6.78 6.87
N ALA A 43 6.28 -6.25 7.98
CA ALA A 43 6.42 -4.83 8.28
C ALA A 43 6.13 -3.98 7.05
N PHE A 44 5.21 -4.45 6.21
CA PHE A 44 4.85 -3.73 5.00
C PHE A 44 3.41 -4.04 4.60
N ALA A 45 2.72 -3.03 4.07
CA ALA A 45 1.34 -3.20 3.65
C ALA A 45 1.11 -2.59 2.27
N PHE A 46 0.00 -2.97 1.64
CA PHE A 46 -0.33 -2.46 0.31
C PHE A 46 -1.55 -1.54 0.38
N VAL A 47 -1.40 -0.33 -0.17
CA VAL A 47 -2.49 0.64 -0.18
C VAL A 47 -2.74 1.17 -1.58
N THR A 48 -4.01 1.21 -1.98
CA THR A 48 -4.38 1.70 -3.30
C THR A 48 -5.07 3.05 -3.21
N PHE A 49 -4.69 3.95 -4.12
CA PHE A 49 -5.27 5.29 -4.14
C PHE A 49 -6.18 5.47 -5.36
N ALA A 50 -7.06 6.47 -5.30
CA ALA A 50 -7.97 6.75 -6.39
C ALA A 50 -7.29 7.57 -7.48
N ASP A 51 -5.98 7.71 -7.38
CA ASP A 51 -5.20 8.46 -8.36
C ASP A 51 -3.72 8.16 -8.25
N ASP A 52 -3.11 7.74 -9.35
CA ASP A 52 -1.68 7.42 -9.37
C ASP A 52 -0.85 8.61 -8.91
N GLN A 53 -1.37 9.81 -9.18
CA GLN A 53 -0.66 11.04 -8.80
C GLN A 53 -0.51 11.14 -7.29
N ILE A 54 -1.48 10.60 -6.56
CA ILE A 54 -1.45 10.63 -5.10
C ILE A 54 -0.42 9.65 -4.56
N ALA A 55 -0.30 8.49 -5.21
CA ALA A 55 0.65 7.48 -4.79
C ALA A 55 2.06 7.84 -5.21
N GLN A 56 2.18 8.59 -6.30
CA GLN A 56 3.48 9.01 -6.80
C GLN A 56 4.04 10.17 -5.99
N SER A 57 3.25 11.23 -5.87
CA SER A 57 3.67 12.41 -5.11
C SER A 57 4.04 12.04 -3.69
N LEU A 58 3.57 10.88 -3.24
CA LEU A 58 3.85 10.40 -1.89
C LEU A 58 5.12 9.57 -1.87
N CYS A 59 5.52 9.06 -3.03
CA CYS A 59 6.72 8.24 -3.13
C CYS A 59 7.97 9.07 -2.84
N GLY A 60 8.62 8.76 -1.71
CA GLY A 60 9.82 9.48 -1.33
C GLY A 60 9.60 10.37 -0.12
N GLU A 61 8.35 10.46 0.31
CA GLU A 61 8.00 11.28 1.47
C GLU A 61 7.98 10.44 2.75
N ASP A 62 8.40 11.05 3.86
CA ASP A 62 8.42 10.36 5.14
C ASP A 62 7.23 10.77 6.00
N LEU A 63 6.39 9.81 6.35
CA LEU A 63 5.21 10.07 7.16
C LEU A 63 5.32 9.38 8.51
N ILE A 64 4.80 10.03 9.55
CA ILE A 64 4.85 9.48 10.90
C ILE A 64 3.46 9.03 11.35
N ILE A 65 3.37 7.76 11.75
CA ILE A 65 2.10 7.21 12.21
C ILE A 65 2.22 6.63 13.62
N LYS A 66 1.49 7.22 14.55
CA LYS A 66 1.51 6.77 15.94
C LYS A 66 2.88 7.03 16.58
N GLY A 67 3.74 7.73 15.85
CA GLY A 67 5.06 8.02 16.35
C GLY A 67 6.16 7.35 15.55
N ILE A 68 5.80 6.26 14.87
CA ILE A 68 6.76 5.51 14.07
C ILE A 68 7.00 6.20 12.73
N SER A 69 8.09 5.84 12.07
CA SER A 69 8.44 6.42 10.77
C SER A 69 8.36 5.37 9.68
N VAL A 70 7.67 5.71 8.59
CA VAL A 70 7.52 4.80 7.47
C VAL A 70 7.98 5.45 6.16
N HIS A 71 8.27 4.63 5.16
CA HIS A 71 8.72 5.12 3.87
C HIS A 71 7.76 4.71 2.76
N ILE A 72 7.24 5.69 2.03
CA ILE A 72 6.31 5.42 0.94
C ILE A 72 7.05 5.19 -0.38
N SER A 73 6.74 4.09 -1.04
CA SER A 73 7.38 3.76 -2.31
C SER A 73 6.40 3.05 -3.24
N ASN A 74 6.56 3.28 -4.55
CA ASN A 74 5.69 2.67 -5.54
C ASN A 74 6.37 1.46 -6.19
N ALA A 75 5.85 0.27 -5.90
CA ALA A 75 6.40 -0.96 -6.46
C ALA A 75 5.29 -1.87 -6.98
N GLU A 76 5.58 -2.56 -8.08
CA GLU A 76 4.60 -3.46 -8.69
C GLU A 76 5.27 -4.77 -9.12
N PRO A 77 5.26 -5.76 -8.21
CA PRO A 77 5.86 -7.07 -8.47
C PRO A 77 5.08 -7.88 -9.52
N LYS A 78 5.77 -8.78 -10.19
CA LYS A 78 5.13 -9.62 -11.21
C LYS A 78 4.24 -10.67 -10.56
N HIS A 79 3.06 -10.87 -11.14
CA HIS A 79 2.11 -11.85 -10.62
C HIS A 79 1.70 -12.84 -11.71
N ASN A 80 2.27 -14.04 -11.67
CA ASN A 80 1.97 -15.07 -12.64
C ASN A 80 1.59 -16.39 -11.96
N SER A 81 0.32 -16.51 -11.59
CA SER A 81 -0.17 -17.70 -10.93
C SER A 81 -1.69 -17.67 -10.78
N ASN A 82 -2.38 -18.24 -11.77
CA ASN A 82 -3.83 -18.27 -11.76
C ASN A 82 -4.41 -16.86 -11.64
N SER A 83 -4.52 -16.18 -12.78
CA SER A 83 -5.05 -14.82 -12.81
C SER A 83 -6.40 -14.78 -13.51
N GLY A 84 -7.48 -14.91 -12.73
CA GLY A 84 -8.81 -14.89 -13.30
C GLY A 84 -9.87 -14.53 -12.27
N PRO A 85 -11.14 -14.80 -12.61
CA PRO A 85 -12.27 -14.51 -11.72
C PRO A 85 -12.29 -15.42 -10.49
N SER A 86 -13.21 -15.13 -9.58
CA SER A 86 -13.34 -15.93 -8.36
C SER A 86 -14.60 -16.78 -8.40
N SER A 87 -14.76 -17.63 -7.38
CA SER A 87 -15.92 -18.50 -7.30
C SER A 87 -17.12 -17.78 -6.69
N GLY A 88 -16.87 -17.09 -5.58
CA GLY A 88 -17.93 -16.36 -4.90
C GLY A 88 -17.79 -16.39 -3.39
N GLY A 1 9.01 0.84 -22.67
CA GLY A 1 8.00 0.13 -21.93
C GLY A 1 7.32 1.01 -20.88
N SER A 2 6.00 0.97 -20.84
CA SER A 2 5.24 1.77 -19.88
C SER A 2 4.87 0.93 -18.65
N SER A 3 5.07 1.52 -17.48
CA SER A 3 4.76 0.84 -16.22
C SER A 3 4.34 1.83 -15.14
N GLY A 4 3.33 1.47 -14.37
CA GLY A 4 2.85 2.34 -13.31
C GLY A 4 1.53 1.87 -12.72
N SER A 5 1.33 2.16 -11.45
CA SER A 5 0.10 1.75 -10.75
C SER A 5 -0.18 2.66 -9.56
N SER A 6 -1.38 2.56 -9.03
CA SER A 6 -1.78 3.37 -7.88
C SER A 6 -1.61 2.60 -6.58
N GLY A 7 -0.50 1.89 -6.47
CA GLY A 7 -0.22 1.11 -5.27
C GLY A 7 1.21 1.27 -4.79
N VAL A 8 1.37 1.43 -3.48
CA VAL A 8 2.69 1.59 -2.89
C VAL A 8 2.86 0.71 -1.65
N PHE A 9 4.09 0.35 -1.34
CA PHE A 9 4.39 -0.48 -0.19
C PHE A 9 4.85 0.37 0.99
N VAL A 10 4.08 0.34 2.08
CA VAL A 10 4.42 1.11 3.27
C VAL A 10 5.21 0.27 4.26
N GLY A 11 6.51 0.14 4.01
CA GLY A 11 7.37 -0.64 4.89
C GLY A 11 7.52 -0.01 6.26
N ARG A 12 8.46 -0.51 7.04
CA ARG A 12 8.71 0.01 8.38
C ARG A 12 7.40 0.17 9.15
N CYS A 13 6.52 -0.82 9.04
CA CYS A 13 5.23 -0.79 9.72
C CYS A 13 5.15 -1.86 10.79
N THR A 14 4.01 -1.94 11.46
CA THR A 14 3.81 -2.91 12.53
C THR A 14 2.48 -3.65 12.34
N GLY A 15 2.45 -4.92 12.74
CA GLY A 15 1.24 -5.71 12.61
C GLY A 15 0.06 -5.08 13.32
N ASP A 16 0.30 -4.54 14.51
CA ASP A 16 -0.74 -3.89 15.29
C ASP A 16 -1.65 -3.06 14.40
N MET A 17 -1.06 -2.11 13.68
CA MET A 17 -1.82 -1.24 12.79
C MET A 17 -2.92 -2.02 12.07
N THR A 18 -3.98 -1.32 11.70
CA THR A 18 -5.10 -1.95 11.02
C THR A 18 -5.48 -1.16 9.76
N GLU A 19 -5.97 -1.88 8.75
CA GLU A 19 -6.37 -1.24 7.50
C GLU A 19 -7.11 0.07 7.76
N ASP A 20 -7.91 0.08 8.81
CA ASP A 20 -8.68 1.27 9.18
C ASP A 20 -7.74 2.42 9.55
N GLU A 21 -6.89 2.18 10.55
CA GLU A 21 -5.94 3.19 10.99
C GLU A 21 -5.26 3.88 9.82
N LEU A 22 -4.57 3.09 9.01
CA LEU A 22 -3.86 3.62 7.84
C LEU A 22 -4.85 4.26 6.86
N ARG A 23 -5.91 3.53 6.55
CA ARG A 23 -6.93 4.02 5.63
C ARG A 23 -7.40 5.42 6.02
N GLU A 24 -7.39 5.69 7.32
CA GLU A 24 -7.81 6.98 7.84
C GLU A 24 -6.66 7.98 7.84
N PHE A 25 -5.44 7.46 7.87
CA PHE A 25 -4.24 8.29 7.87
C PHE A 25 -3.87 8.72 6.46
N PHE A 26 -4.23 7.88 5.48
CA PHE A 26 -3.93 8.17 4.08
C PHE A 26 -5.10 8.90 3.42
N SER A 27 -6.17 9.10 4.17
CA SER A 27 -7.36 9.77 3.66
C SER A 27 -7.17 11.29 3.71
N GLN A 28 -6.32 11.75 4.61
CA GLN A 28 -6.05 13.18 4.76
C GLN A 28 -5.14 13.68 3.65
N TYR A 29 -4.58 12.74 2.88
CA TYR A 29 -3.70 13.09 1.78
C TYR A 29 -4.41 13.01 0.44
N GLY A 30 -5.36 12.08 0.34
CA GLY A 30 -6.11 11.91 -0.89
C GLY A 30 -7.21 10.88 -0.76
N ASP A 31 -8.02 10.74 -1.81
CA ASP A 31 -9.11 9.78 -1.81
C ASP A 31 -8.58 8.35 -1.89
N VAL A 32 -8.12 7.83 -0.76
CA VAL A 32 -7.58 6.48 -0.70
C VAL A 32 -8.66 5.44 -0.99
N MET A 33 -8.54 4.79 -2.13
CA MET A 33 -9.53 3.77 -2.53
C MET A 33 -9.68 2.71 -1.43
N ASP A 34 -8.59 2.03 -1.11
CA ASP A 34 -8.61 1.00 -0.08
C ASP A 34 -7.21 0.63 0.35
N VAL A 35 -7.10 -0.09 1.47
CA VAL A 35 -5.80 -0.50 1.99
C VAL A 35 -5.81 -1.98 2.37
N PHE A 36 -5.03 -2.78 1.66
CA PHE A 36 -4.94 -4.21 1.93
C PHE A 36 -3.59 -4.58 2.51
N ILE A 37 -3.53 -5.71 3.20
CA ILE A 37 -2.29 -6.18 3.81
C ILE A 37 -1.98 -7.61 3.40
N PRO A 38 -1.13 -7.76 2.37
CA PRO A 38 -0.72 -9.07 1.86
C PRO A 38 0.17 -9.83 2.83
N LYS A 39 0.03 -11.14 2.85
CA LYS A 39 0.83 -11.99 3.74
C LYS A 39 1.80 -12.85 2.94
N PRO A 40 2.92 -13.23 3.58
CA PRO A 40 3.20 -12.84 4.97
C PRO A 40 3.51 -11.35 5.11
N PHE A 41 2.84 -10.71 6.06
CA PHE A 41 3.04 -9.29 6.30
C PHE A 41 4.40 -9.03 6.95
N ARG A 42 5.30 -8.39 6.20
CA ARG A 42 6.63 -8.08 6.70
C ARG A 42 6.81 -6.58 6.90
N ALA A 43 6.32 -6.09 8.04
CA ALA A 43 6.42 -4.67 8.37
C ALA A 43 6.12 -3.81 7.14
N PHE A 44 5.14 -4.24 6.34
CA PHE A 44 4.75 -3.51 5.14
C PHE A 44 3.31 -3.84 4.75
N ALA A 45 2.67 -2.92 4.06
CA ALA A 45 1.29 -3.10 3.62
C ALA A 45 1.05 -2.45 2.26
N PHE A 46 -0.06 -2.80 1.63
CA PHE A 46 -0.40 -2.26 0.32
C PHE A 46 -1.54 -1.25 0.44
N VAL A 47 -1.40 -0.13 -0.25
CA VAL A 47 -2.42 0.92 -0.23
C VAL A 47 -2.75 1.41 -1.65
N THR A 48 -4.03 1.39 -1.98
CA THR A 48 -4.47 1.82 -3.30
C THR A 48 -5.18 3.16 -3.23
N PHE A 49 -4.78 4.08 -4.10
CA PHE A 49 -5.37 5.42 -4.13
C PHE A 49 -6.22 5.61 -5.39
N ALA A 50 -7.34 6.30 -5.24
CA ALA A 50 -8.23 6.56 -6.36
C ALA A 50 -7.51 7.29 -7.49
N ASP A 51 -6.42 7.95 -7.15
CA ASP A 51 -5.64 8.70 -8.12
C ASP A 51 -4.16 8.30 -8.07
N ASP A 52 -3.53 8.23 -9.24
CA ASP A 52 -2.12 7.85 -9.32
C ASP A 52 -1.22 8.99 -8.85
N GLN A 53 -1.69 10.22 -9.04
CA GLN A 53 -0.94 11.39 -8.63
C GLN A 53 -0.76 11.44 -7.11
N ILE A 54 -1.64 10.73 -6.40
CA ILE A 54 -1.57 10.69 -4.95
C ILE A 54 -0.52 9.69 -4.47
N ALA A 55 -0.47 8.54 -5.13
CA ALA A 55 0.49 7.50 -4.77
C ALA A 55 1.88 7.85 -5.28
N GLN A 56 1.93 8.56 -6.40
CA GLN A 56 3.21 8.97 -7.00
C GLN A 56 3.87 10.07 -6.18
N SER A 57 3.08 11.07 -5.80
CA SER A 57 3.58 12.19 -5.02
C SER A 57 4.02 11.73 -3.62
N LEU A 58 3.29 10.77 -3.08
CA LEU A 58 3.61 10.24 -1.76
C LEU A 58 4.86 9.37 -1.79
N CYS A 59 5.18 8.86 -2.98
CA CYS A 59 6.36 8.01 -3.15
C CYS A 59 7.64 8.81 -2.89
N GLY A 60 8.32 8.49 -1.79
CA GLY A 60 9.54 9.19 -1.45
C GLY A 60 9.36 10.14 -0.28
N GLU A 61 8.15 10.17 0.27
CA GLU A 61 7.86 11.03 1.42
C GLU A 61 7.87 10.24 2.72
N ASP A 62 8.36 10.88 3.78
CA ASP A 62 8.42 10.23 5.09
C ASP A 62 7.25 10.68 5.97
N LEU A 63 6.32 9.76 6.21
CA LEU A 63 5.15 10.05 7.03
C LEU A 63 5.27 9.39 8.40
N ILE A 64 4.78 10.05 9.43
CA ILE A 64 4.83 9.53 10.79
C ILE A 64 3.45 9.03 11.22
N ILE A 65 3.38 7.76 11.59
CA ILE A 65 2.12 7.17 12.03
C ILE A 65 2.27 6.55 13.42
N LYS A 66 1.50 7.08 14.38
CA LYS A 66 1.54 6.58 15.74
C LYS A 66 2.91 6.82 16.37
N GLY A 67 3.66 7.77 15.81
CA GLY A 67 4.98 8.07 16.33
C GLY A 67 6.09 7.39 15.53
N ILE A 68 5.74 6.32 14.84
CA ILE A 68 6.70 5.59 14.03
C ILE A 68 6.92 6.25 12.68
N SER A 69 8.00 5.89 12.00
CA SER A 69 8.33 6.45 10.70
C SER A 69 8.20 5.39 9.61
N VAL A 70 7.52 5.76 8.52
CA VAL A 70 7.32 4.85 7.40
C VAL A 70 7.83 5.46 6.10
N HIS A 71 8.23 4.60 5.16
CA HIS A 71 8.73 5.05 3.87
C HIS A 71 7.82 4.59 2.74
N ILE A 72 7.30 5.54 1.97
CA ILE A 72 6.42 5.22 0.86
C ILE A 72 7.21 4.94 -0.41
N SER A 73 6.91 3.81 -1.04
CA SER A 73 7.60 3.42 -2.27
C SER A 73 6.64 2.69 -3.22
N ASN A 74 6.94 2.77 -4.51
CA ASN A 74 6.11 2.11 -5.52
C ASN A 74 6.85 0.93 -6.14
N ALA A 75 6.41 -0.28 -5.83
CA ALA A 75 7.03 -1.49 -6.36
C ALA A 75 5.97 -2.48 -6.85
N GLU A 76 6.34 -3.29 -7.84
CA GLU A 76 5.41 -4.28 -8.38
C GLU A 76 6.14 -5.59 -8.67
N PRO A 77 6.13 -6.50 -7.68
CA PRO A 77 6.77 -7.81 -7.80
C PRO A 77 6.06 -8.73 -8.79
N LYS A 78 6.79 -9.23 -9.77
CA LYS A 78 6.23 -10.11 -10.78
C LYS A 78 5.68 -11.39 -10.13
N HIS A 79 4.35 -11.49 -10.07
CA HIS A 79 3.70 -12.65 -9.48
C HIS A 79 4.09 -13.93 -10.22
N ASN A 80 3.85 -15.07 -9.58
CA ASN A 80 4.19 -16.36 -10.18
C ASN A 80 2.93 -17.08 -10.64
N SER A 81 3.09 -17.97 -11.63
CA SER A 81 1.96 -18.73 -12.16
C SER A 81 2.24 -20.22 -12.12
N ASN A 82 1.42 -20.95 -11.37
CA ASN A 82 1.59 -22.40 -11.25
C ASN A 82 0.41 -23.13 -11.88
N SER A 83 0.59 -23.58 -13.12
CA SER A 83 -0.45 -24.30 -13.83
C SER A 83 -0.34 -25.81 -13.60
N GLY A 84 -1.44 -26.52 -13.85
CA GLY A 84 -1.43 -27.96 -13.66
C GLY A 84 -2.58 -28.43 -12.78
N PRO A 85 -2.44 -29.64 -12.22
CA PRO A 85 -3.46 -30.23 -11.35
C PRO A 85 -3.55 -29.52 -10.01
N SER A 86 -2.73 -28.48 -9.83
CA SER A 86 -2.73 -27.71 -8.60
C SER A 86 -4.15 -27.41 -8.12
N SER A 87 -4.98 -26.94 -9.05
CA SER A 87 -6.36 -26.61 -8.73
C SER A 87 -7.29 -26.94 -9.91
N GLY A 88 -7.14 -26.20 -10.99
CA GLY A 88 -7.96 -26.43 -12.16
C GLY A 88 -7.18 -26.30 -13.46
N GLY A 1 -6.34 -7.33 -14.84
CA GLY A 1 -7.48 -6.43 -14.84
C GLY A 1 -7.08 -4.98 -14.67
N SER A 2 -7.15 -4.21 -15.75
CA SER A 2 -6.78 -2.80 -15.73
C SER A 2 -5.31 -2.64 -15.37
N SER A 3 -4.46 -2.51 -16.39
CA SER A 3 -3.03 -2.35 -16.18
C SER A 3 -2.72 -1.01 -15.55
N GLY A 4 -1.55 -0.90 -14.94
CA GLY A 4 -1.15 0.35 -14.30
C GLY A 4 -1.90 0.61 -13.01
N SER A 5 -1.42 0.02 -11.93
CA SER A 5 -2.05 0.19 -10.62
C SER A 5 -1.58 1.47 -9.94
N SER A 6 -2.38 1.96 -9.00
CA SER A 6 -2.04 3.19 -8.29
C SER A 6 -1.95 2.93 -6.79
N GLY A 7 -0.92 2.19 -6.38
CA GLY A 7 -0.74 1.88 -4.97
C GLY A 7 0.71 1.95 -4.55
N VAL A 8 0.95 1.95 -3.24
CA VAL A 8 2.30 2.01 -2.70
C VAL A 8 2.47 1.05 -1.53
N PHE A 9 3.71 0.65 -1.28
CA PHE A 9 4.02 -0.26 -0.19
C PHE A 9 4.44 0.50 1.07
N VAL A 10 3.66 0.37 2.13
CA VAL A 10 3.94 1.05 3.39
C VAL A 10 4.76 0.16 4.31
N GLY A 11 6.08 0.20 4.17
CA GLY A 11 6.95 -0.61 5.01
C GLY A 11 7.29 0.06 6.33
N ARG A 12 8.22 -0.52 7.06
CA ARG A 12 8.63 0.03 8.35
C ARG A 12 7.49 -0.03 9.36
N CYS A 13 6.43 -0.72 8.99
CA CYS A 13 5.26 -0.86 9.87
C CYS A 13 5.56 -1.83 11.01
N THR A 14 4.57 -2.02 11.88
CA THR A 14 4.72 -2.93 13.02
C THR A 14 3.50 -3.84 13.16
N GLY A 15 2.62 -3.80 12.16
CA GLY A 15 1.43 -4.63 12.19
C GLY A 15 0.28 -3.97 12.94
N ASP A 16 0.58 -3.42 14.11
CA ASP A 16 -0.44 -2.75 14.92
C ASP A 16 -1.38 -1.93 14.04
N MET A 17 -0.81 -1.12 13.16
CA MET A 17 -1.60 -0.28 12.26
C MET A 17 -2.55 -1.13 11.43
N THR A 18 -3.84 -1.05 11.75
CA THR A 18 -4.85 -1.82 11.03
C THR A 18 -5.20 -1.15 9.70
N GLU A 19 -5.60 -1.98 8.73
CA GLU A 19 -5.96 -1.46 7.40
C GLU A 19 -6.80 -0.19 7.53
N ASP A 20 -7.65 -0.15 8.54
CA ASP A 20 -8.52 1.00 8.77
C ASP A 20 -7.70 2.22 9.21
N GLU A 21 -6.97 2.07 10.31
CA GLU A 21 -6.15 3.15 10.83
C GLU A 21 -5.42 3.87 9.71
N LEU A 22 -4.66 3.11 8.93
CA LEU A 22 -3.91 3.66 7.81
C LEU A 22 -4.84 4.24 6.75
N ARG A 23 -5.98 3.60 6.58
CA ARG A 23 -6.97 4.05 5.59
C ARG A 23 -7.51 5.43 5.95
N GLU A 24 -7.60 5.71 7.24
CA GLU A 24 -8.10 6.99 7.72
C GLU A 24 -6.96 7.99 7.88
N PHE A 25 -5.73 7.48 7.85
CA PHE A 25 -4.55 8.33 7.99
C PHE A 25 -4.13 8.91 6.65
N PHE A 26 -4.19 8.09 5.61
CA PHE A 26 -3.81 8.53 4.27
C PHE A 26 -4.99 9.18 3.56
N SER A 27 -6.13 9.23 4.25
CA SER A 27 -7.34 9.83 3.69
C SER A 27 -7.26 11.35 3.74
N GLN A 28 -6.43 11.87 4.64
CA GLN A 28 -6.26 13.30 4.80
C GLN A 28 -5.49 13.90 3.62
N TYR A 29 -4.60 13.10 3.05
CA TYR A 29 -3.80 13.54 1.91
C TYR A 29 -4.60 13.50 0.62
N GLY A 30 -5.21 12.35 0.34
CA GLY A 30 -6.01 12.20 -0.85
C GLY A 30 -7.26 11.36 -0.62
N ASP A 31 -7.45 10.35 -1.47
CA ASP A 31 -8.61 9.47 -1.35
C ASP A 31 -8.20 8.00 -1.47
N VAL A 32 -7.74 7.42 -0.36
CA VAL A 32 -7.32 6.04 -0.35
C VAL A 32 -8.49 5.09 -0.66
N MET A 33 -8.61 4.70 -1.92
CA MET A 33 -9.68 3.81 -2.35
C MET A 33 -9.87 2.67 -1.34
N ASP A 34 -8.79 1.97 -1.05
CA ASP A 34 -8.84 0.85 -0.11
C ASP A 34 -7.44 0.50 0.38
N VAL A 35 -7.37 -0.42 1.35
CA VAL A 35 -6.09 -0.85 1.91
C VAL A 35 -6.09 -2.35 2.19
N PHE A 36 -5.17 -3.07 1.55
CA PHE A 36 -5.07 -4.52 1.73
C PHE A 36 -3.72 -4.89 2.33
N ILE A 37 -3.69 -6.02 3.03
CA ILE A 37 -2.46 -6.49 3.65
C ILE A 37 -2.00 -7.80 3.04
N PRO A 38 -1.07 -7.71 2.07
CA PRO A 38 -0.53 -8.88 1.38
C PRO A 38 0.37 -9.72 2.28
N LYS A 39 -0.08 -10.94 2.57
CA LYS A 39 0.68 -11.86 3.42
C LYS A 39 1.68 -12.65 2.61
N PRO A 40 2.76 -13.10 3.27
CA PRO A 40 2.97 -12.85 4.69
C PRO A 40 3.29 -11.37 4.98
N PHE A 41 2.60 -10.82 5.97
CA PHE A 41 2.81 -9.42 6.35
C PHE A 41 4.20 -9.22 6.95
N ARG A 42 5.08 -8.57 6.17
CA ARG A 42 6.44 -8.32 6.62
C ARG A 42 6.67 -6.83 6.87
N ALA A 43 6.31 -6.37 8.07
CA ALA A 43 6.47 -4.96 8.42
C ALA A 43 6.17 -4.06 7.23
N PHE A 44 5.20 -4.47 6.42
CA PHE A 44 4.81 -3.69 5.25
C PHE A 44 3.42 -4.09 4.76
N ALA A 45 2.65 -3.09 4.32
CA ALA A 45 1.31 -3.34 3.83
C ALA A 45 1.09 -2.68 2.47
N PHE A 46 0.03 -3.11 1.78
CA PHE A 46 -0.29 -2.57 0.47
C PHE A 46 -1.46 -1.59 0.55
N VAL A 47 -1.34 -0.46 -0.14
CA VAL A 47 -2.39 0.55 -0.15
C VAL A 47 -2.70 1.01 -1.56
N THR A 48 -3.95 1.38 -1.80
CA THR A 48 -4.39 1.84 -3.11
C THR A 48 -5.01 3.22 -3.03
N PHE A 49 -4.63 4.09 -3.96
CA PHE A 49 -5.15 5.45 -4.00
C PHE A 49 -6.07 5.65 -5.21
N ALA A 50 -7.06 6.52 -5.06
CA ALA A 50 -8.01 6.81 -6.14
C ALA A 50 -7.32 7.54 -7.28
N ASP A 51 -6.06 7.90 -7.08
CA ASP A 51 -5.29 8.62 -8.09
C ASP A 51 -3.81 8.25 -8.02
N ASP A 52 -3.24 7.93 -9.16
CA ASP A 52 -1.83 7.55 -9.23
C ASP A 52 -0.94 8.72 -8.83
N GLN A 53 -1.41 9.94 -9.06
CA GLN A 53 -0.66 11.13 -8.72
C GLN A 53 -0.44 11.23 -7.22
N ILE A 54 -1.37 10.67 -6.45
CA ILE A 54 -1.28 10.69 -5.00
C ILE A 54 -0.32 9.62 -4.48
N ALA A 55 -0.33 8.47 -5.15
CA ALA A 55 0.55 7.37 -4.76
C ALA A 55 2.01 7.68 -5.13
N GLN A 56 2.19 8.44 -6.20
CA GLN A 56 3.53 8.80 -6.66
C GLN A 56 4.03 10.05 -5.95
N SER A 57 3.25 11.13 -6.01
CA SER A 57 3.61 12.38 -5.37
C SER A 57 4.04 12.15 -3.92
N LEU A 58 3.57 11.05 -3.35
CA LEU A 58 3.89 10.72 -1.96
C LEU A 58 5.20 9.94 -1.89
N CYS A 59 5.44 9.09 -2.89
CA CYS A 59 6.66 8.29 -2.94
C CYS A 59 7.89 9.14 -2.64
N GLY A 60 8.66 8.73 -1.63
CA GLY A 60 9.85 9.46 -1.26
C GLY A 60 9.63 10.34 -0.04
N GLU A 61 8.37 10.50 0.35
CA GLU A 61 8.02 11.33 1.49
C GLU A 61 8.02 10.50 2.78
N ASP A 62 8.69 11.02 3.81
CA ASP A 62 8.76 10.33 5.09
C ASP A 62 7.67 10.81 6.03
N LEU A 63 6.71 9.94 6.32
CA LEU A 63 5.60 10.29 7.20
C LEU A 63 5.74 9.60 8.55
N ILE A 64 5.06 10.12 9.56
CA ILE A 64 5.11 9.54 10.90
C ILE A 64 3.75 8.99 11.32
N ILE A 65 3.70 7.72 11.67
CA ILE A 65 2.46 7.07 12.09
C ILE A 65 2.62 6.43 13.47
N LYS A 66 1.83 6.88 14.42
CA LYS A 66 1.88 6.34 15.78
C LYS A 66 3.25 6.57 16.41
N GLY A 67 4.00 7.53 15.86
CA GLY A 67 5.32 7.82 16.38
C GLY A 67 6.43 7.25 15.52
N ILE A 68 6.12 6.17 14.81
CA ILE A 68 7.09 5.53 13.94
C ILE A 68 7.21 6.25 12.61
N SER A 69 8.31 6.00 11.90
CA SER A 69 8.55 6.63 10.61
C SER A 69 8.44 5.61 9.47
N VAL A 70 7.56 5.87 8.52
CA VAL A 70 7.37 4.97 7.39
C VAL A 70 7.84 5.62 6.09
N HIS A 71 8.13 4.79 5.09
CA HIS A 71 8.59 5.27 3.80
C HIS A 71 7.66 4.82 2.68
N ILE A 72 7.17 5.78 1.89
CA ILE A 72 6.28 5.48 0.79
C ILE A 72 7.06 5.15 -0.48
N SER A 73 6.73 4.02 -1.10
CA SER A 73 7.40 3.60 -2.32
C SER A 73 6.41 3.00 -3.31
N ASN A 74 6.65 3.23 -4.60
CA ASN A 74 5.77 2.72 -5.64
C ASN A 74 6.39 1.51 -6.32
N ALA A 75 5.85 0.33 -6.05
CA ALA A 75 6.34 -0.90 -6.63
C ALA A 75 5.19 -1.81 -7.09
N GLU A 76 5.41 -2.51 -8.19
CA GLU A 76 4.39 -3.41 -8.73
C GLU A 76 4.98 -4.77 -9.07
N PRO A 77 4.92 -5.70 -8.11
CA PRO A 77 5.45 -7.05 -8.28
C PRO A 77 4.62 -7.88 -9.26
N LYS A 78 5.29 -8.67 -10.09
CA LYS A 78 4.62 -9.51 -11.07
C LYS A 78 4.15 -10.81 -10.43
N HIS A 79 2.91 -11.21 -10.75
CA HIS A 79 2.34 -12.43 -10.21
C HIS A 79 1.45 -13.12 -11.24
N ASN A 80 1.94 -14.20 -11.82
CA ASN A 80 1.19 -14.95 -12.82
C ASN A 80 0.08 -15.78 -12.17
N SER A 81 -1.13 -15.66 -12.69
CA SER A 81 -2.27 -16.39 -12.16
C SER A 81 -1.96 -17.88 -12.10
N ASN A 82 -2.53 -18.56 -11.10
CA ASN A 82 -2.32 -19.99 -10.93
C ASN A 82 -3.58 -20.66 -10.39
N SER A 83 -4.14 -21.56 -11.18
CA SER A 83 -5.35 -22.28 -10.79
C SER A 83 -5.00 -23.56 -10.03
N GLY A 84 -4.21 -24.42 -10.66
CA GLY A 84 -3.82 -25.67 -10.03
C GLY A 84 -2.48 -26.17 -10.52
N PRO A 85 -1.75 -26.89 -9.65
CA PRO A 85 -0.43 -27.45 -9.98
C PRO A 85 -0.52 -28.58 -10.99
N SER A 86 0.28 -28.48 -12.05
CA SER A 86 0.29 -29.50 -13.09
C SER A 86 1.70 -30.04 -13.31
N SER A 87 2.00 -31.19 -12.70
CA SER A 87 3.31 -31.81 -12.83
C SER A 87 3.38 -33.08 -12.00
N GLY A 88 2.92 -33.01 -10.75
CA GLY A 88 2.94 -34.15 -9.88
C GLY A 88 1.95 -35.22 -10.28
N GLY A 1 4.74 3.52 -19.14
CA GLY A 1 5.25 4.73 -18.52
C GLY A 1 4.39 5.22 -17.37
N SER A 2 3.73 6.34 -17.56
CA SER A 2 2.87 6.91 -16.52
C SER A 2 1.40 6.74 -16.88
N SER A 3 0.96 5.49 -16.93
CA SER A 3 -0.43 5.18 -17.26
C SER A 3 -1.30 5.18 -16.01
N GLY A 4 -0.86 4.43 -14.99
CA GLY A 4 -1.61 4.35 -13.75
C GLY A 4 -0.75 3.91 -12.59
N SER A 5 -1.04 2.73 -12.06
CA SER A 5 -0.29 2.19 -10.93
C SER A 5 -0.45 3.09 -9.70
N SER A 6 -1.53 2.87 -8.96
CA SER A 6 -1.81 3.66 -7.77
C SER A 6 -1.61 2.83 -6.50
N GLY A 7 -0.67 1.89 -6.58
CA GLY A 7 -0.39 1.04 -5.43
C GLY A 7 1.00 1.28 -4.85
N VAL A 8 1.05 1.59 -3.56
CA VAL A 8 2.32 1.85 -2.89
C VAL A 8 2.53 0.88 -1.74
N PHE A 9 3.78 0.73 -1.32
CA PHE A 9 4.12 -0.17 -0.22
C PHE A 9 4.57 0.62 1.00
N VAL A 10 3.83 0.47 2.10
CA VAL A 10 4.16 1.16 3.35
C VAL A 10 5.02 0.29 4.25
N GLY A 11 6.32 0.30 4.00
CA GLY A 11 7.24 -0.49 4.81
C GLY A 11 7.37 0.04 6.22
N ARG A 12 8.23 -0.59 7.01
CA ARG A 12 8.45 -0.19 8.40
C ARG A 12 7.13 -0.08 9.14
N CYS A 13 6.21 -0.99 8.85
CA CYS A 13 4.91 -1.01 9.49
C CYS A 13 4.92 -1.89 10.73
N THR A 14 3.75 -2.09 11.33
CA THR A 14 3.62 -2.91 12.52
C THR A 14 2.29 -3.66 12.54
N GLY A 15 2.37 -4.98 12.68
CA GLY A 15 1.17 -5.79 12.71
C GLY A 15 0.03 -5.12 13.44
N ASP A 16 0.35 -4.47 14.55
CA ASP A 16 -0.65 -3.77 15.35
C ASP A 16 -1.58 -2.95 14.46
N MET A 17 -1.01 -1.99 13.74
CA MET A 17 -1.79 -1.14 12.85
C MET A 17 -2.82 -1.96 12.08
N THR A 18 -3.93 -1.31 11.74
CA THR A 18 -5.01 -1.97 11.00
C THR A 18 -5.37 -1.21 9.75
N GLU A 19 -5.69 -1.93 8.67
CA GLU A 19 -6.05 -1.31 7.40
C GLU A 19 -6.83 -0.02 7.64
N ASP A 20 -7.76 -0.05 8.60
CA ASP A 20 -8.57 1.12 8.93
C ASP A 20 -7.68 2.30 9.32
N GLU A 21 -6.87 2.11 10.35
CA GLU A 21 -5.98 3.16 10.83
C GLU A 21 -5.31 3.87 9.65
N LEU A 22 -4.52 3.13 8.88
CA LEU A 22 -3.83 3.69 7.73
C LEU A 22 -4.82 4.30 6.74
N ARG A 23 -5.93 3.61 6.50
CA ARG A 23 -6.94 4.08 5.58
C ARG A 23 -7.42 5.49 5.97
N GLU A 24 -7.45 5.75 7.26
CA GLU A 24 -7.88 7.06 7.76
C GLU A 24 -6.73 8.07 7.71
N PHE A 25 -5.57 7.65 8.16
CA PHE A 25 -4.39 8.51 8.17
C PHE A 25 -4.09 9.03 6.77
N PHE A 26 -4.33 8.19 5.77
CA PHE A 26 -4.09 8.57 4.38
C PHE A 26 -5.32 9.24 3.78
N SER A 27 -6.39 9.32 4.56
CA SER A 27 -7.63 9.92 4.10
C SER A 27 -7.50 11.44 4.02
N GLN A 28 -6.56 11.98 4.80
CA GLN A 28 -6.33 13.42 4.82
C GLN A 28 -5.46 13.85 3.65
N TYR A 29 -4.85 12.88 2.98
CA TYR A 29 -3.99 13.16 1.84
C TYR A 29 -4.78 13.12 0.53
N GLY A 30 -5.59 12.09 0.38
CA GLY A 30 -6.39 11.96 -0.83
C GLY A 30 -7.46 10.89 -0.70
N ASP A 31 -8.20 10.65 -1.78
CA ASP A 31 -9.26 9.65 -1.79
C ASP A 31 -8.67 8.24 -1.85
N VAL A 32 -8.16 7.76 -0.73
CA VAL A 32 -7.57 6.43 -0.66
C VAL A 32 -8.61 5.36 -0.97
N MET A 33 -8.60 4.87 -2.20
CA MET A 33 -9.53 3.83 -2.63
C MET A 33 -9.74 2.80 -1.52
N ASP A 34 -8.66 2.08 -1.19
CA ASP A 34 -8.72 1.06 -0.15
C ASP A 34 -7.32 0.63 0.27
N VAL A 35 -7.24 -0.15 1.34
CA VAL A 35 -5.95 -0.64 1.84
C VAL A 35 -6.02 -2.11 2.16
N PHE A 36 -5.19 -2.90 1.46
CA PHE A 36 -5.16 -4.35 1.68
C PHE A 36 -3.79 -4.78 2.19
N ILE A 37 -3.78 -5.85 2.98
CA ILE A 37 -2.54 -6.37 3.55
C ILE A 37 -2.18 -7.72 2.95
N PRO A 38 -1.31 -7.70 1.93
CA PRO A 38 -0.86 -8.91 1.25
C PRO A 38 0.03 -9.78 2.12
N LYS A 39 -0.34 -11.04 2.28
CA LYS A 39 0.42 -11.98 3.10
C LYS A 39 1.41 -12.76 2.24
N PRO A 40 2.51 -13.21 2.86
CA PRO A 40 2.76 -12.98 4.29
C PRO A 40 3.08 -11.51 4.59
N PHE A 41 2.52 -11.01 5.69
CA PHE A 41 2.74 -9.63 6.09
C PHE A 41 4.11 -9.46 6.78
N ARG A 42 4.98 -8.67 6.16
CA ARG A 42 6.30 -8.44 6.71
C ARG A 42 6.55 -6.95 6.91
N ALA A 43 6.05 -6.42 8.03
CA ALA A 43 6.22 -5.00 8.35
C ALA A 43 5.98 -4.13 7.12
N PHE A 44 5.02 -4.54 6.29
CA PHE A 44 4.69 -3.80 5.08
C PHE A 44 3.27 -4.12 4.62
N ALA A 45 2.62 -3.14 4.02
CA ALA A 45 1.25 -3.30 3.53
C ALA A 45 1.07 -2.65 2.16
N PHE A 46 -0.05 -2.96 1.52
CA PHE A 46 -0.35 -2.40 0.20
C PHE A 46 -1.52 -1.43 0.26
N VAL A 47 -1.28 -0.20 -0.19
CA VAL A 47 -2.31 0.83 -0.18
C VAL A 47 -2.66 1.28 -1.59
N THR A 48 -3.94 1.51 -1.84
CA THR A 48 -4.40 1.94 -3.15
C THR A 48 -5.05 3.32 -3.08
N PHE A 49 -4.83 4.12 -4.12
CA PHE A 49 -5.40 5.46 -4.18
C PHE A 49 -6.22 5.66 -5.45
N ALA A 50 -7.31 6.41 -5.35
CA ALA A 50 -8.17 6.68 -6.49
C ALA A 50 -7.39 7.33 -7.63
N ASP A 51 -6.24 7.88 -7.30
CA ASP A 51 -5.40 8.54 -8.30
C ASP A 51 -3.94 8.08 -8.17
N ASP A 52 -3.31 7.86 -9.32
CA ASP A 52 -1.91 7.42 -9.35
C ASP A 52 -0.98 8.54 -8.92
N GLN A 53 -1.42 9.78 -9.11
CA GLN A 53 -0.61 10.93 -8.74
C GLN A 53 -0.45 11.03 -7.22
N ILE A 54 -1.50 10.65 -6.51
CA ILE A 54 -1.48 10.70 -5.05
C ILE A 54 -0.48 9.70 -4.48
N ALA A 55 -0.53 8.47 -4.99
CA ALA A 55 0.38 7.43 -4.54
C ALA A 55 1.83 7.77 -4.86
N GLN A 56 2.06 8.24 -6.09
CA GLN A 56 3.40 8.60 -6.53
C GLN A 56 3.91 9.83 -5.77
N SER A 57 3.16 10.92 -5.87
CA SER A 57 3.53 12.16 -5.19
C SER A 57 3.91 11.90 -3.74
N LEU A 58 3.32 10.86 -3.15
CA LEU A 58 3.60 10.50 -1.77
C LEU A 58 4.98 9.84 -1.65
N CYS A 59 5.27 8.93 -2.57
CA CYS A 59 6.55 8.23 -2.57
C CYS A 59 7.69 9.18 -2.22
N GLY A 60 8.58 8.73 -1.35
CA GLY A 60 9.71 9.54 -0.95
C GLY A 60 9.42 10.38 0.29
N GLU A 61 8.13 10.64 0.53
CA GLU A 61 7.72 11.43 1.68
C GLU A 61 7.76 10.59 2.96
N ASP A 62 8.38 11.14 3.99
CA ASP A 62 8.49 10.44 5.27
C ASP A 62 7.36 10.85 6.21
N LEU A 63 6.44 9.93 6.47
CA LEU A 63 5.31 10.20 7.36
C LEU A 63 5.46 9.45 8.68
N ILE A 64 4.91 10.03 9.74
CA ILE A 64 4.97 9.40 11.06
C ILE A 64 3.59 8.94 11.52
N ILE A 65 3.51 7.67 11.91
CA ILE A 65 2.25 7.11 12.37
C ILE A 65 2.41 6.43 13.73
N LYS A 66 2.02 7.15 14.78
CA LYS A 66 2.12 6.62 16.13
C LYS A 66 3.53 6.80 16.69
N GLY A 67 4.37 7.52 15.93
CA GLY A 67 5.73 7.76 16.37
C GLY A 67 6.75 7.18 15.39
N ILE A 68 6.43 6.03 14.81
CA ILE A 68 7.32 5.38 13.86
C ILE A 68 7.27 6.08 12.50
N SER A 69 8.40 6.07 11.80
CA SER A 69 8.49 6.70 10.49
C SER A 69 8.38 5.65 9.38
N VAL A 70 7.43 5.85 8.47
CA VAL A 70 7.22 4.93 7.36
C VAL A 70 7.69 5.55 6.05
N HIS A 71 8.19 4.70 5.15
CA HIS A 71 8.67 5.16 3.85
C HIS A 71 7.74 4.71 2.73
N ILE A 72 7.12 5.67 2.07
CA ILE A 72 6.20 5.37 0.97
C ILE A 72 6.95 5.13 -0.33
N SER A 73 6.62 4.04 -1.01
CA SER A 73 7.26 3.70 -2.28
C SER A 73 6.28 3.01 -3.22
N ASN A 74 6.64 2.94 -4.49
CA ASN A 74 5.79 2.31 -5.50
C ASN A 74 6.54 1.21 -6.24
N ALA A 75 6.16 -0.04 -5.99
CA ALA A 75 6.81 -1.17 -6.63
C ALA A 75 5.77 -2.18 -7.11
N GLU A 76 6.14 -2.99 -8.10
CA GLU A 76 5.25 -4.00 -8.64
C GLU A 76 5.99 -5.30 -8.92
N PRO A 77 5.99 -6.21 -7.94
CA PRO A 77 6.67 -7.50 -8.05
C PRO A 77 5.97 -8.43 -9.03
N LYS A 78 6.76 -9.18 -9.80
CA LYS A 78 6.22 -10.11 -10.78
C LYS A 78 5.69 -11.36 -10.10
N HIS A 79 4.37 -11.56 -10.18
CA HIS A 79 3.74 -12.72 -9.56
C HIS A 79 3.92 -13.96 -10.44
N ASN A 80 4.78 -14.87 -10.00
CA ASN A 80 5.04 -16.09 -10.75
C ASN A 80 4.27 -17.27 -10.15
N SER A 81 3.00 -17.03 -9.84
CA SER A 81 2.15 -18.07 -9.26
C SER A 81 2.38 -19.41 -9.95
N ASN A 82 2.94 -20.36 -9.21
CA ASN A 82 3.22 -21.69 -9.76
C ASN A 82 2.14 -22.10 -10.75
N SER A 83 0.88 -22.03 -10.31
CA SER A 83 -0.25 -22.40 -11.16
C SER A 83 -1.37 -21.38 -11.05
N GLY A 84 -2.03 -21.10 -12.18
CA GLY A 84 -3.12 -20.15 -12.18
C GLY A 84 -4.22 -20.52 -11.21
N PRO A 85 -5.25 -19.67 -11.13
CA PRO A 85 -6.40 -19.89 -10.23
C PRO A 85 -7.27 -21.05 -10.69
N SER A 86 -8.11 -21.55 -9.78
CA SER A 86 -9.00 -22.66 -10.10
C SER A 86 -10.18 -22.20 -10.93
N SER A 87 -10.53 -22.99 -11.94
CA SER A 87 -11.64 -22.66 -12.82
C SER A 87 -12.47 -23.90 -13.14
N GLY A 88 -13.79 -23.73 -13.19
CA GLY A 88 -14.67 -24.85 -13.49
C GLY A 88 -15.67 -24.51 -14.57
N GLY A 1 -3.40 -11.21 -15.29
CA GLY A 1 -3.53 -9.78 -15.13
C GLY A 1 -2.76 -9.24 -13.94
N SER A 2 -2.41 -7.97 -13.98
CA SER A 2 -1.67 -7.35 -12.89
C SER A 2 -2.56 -6.40 -12.09
N SER A 3 -2.34 -6.36 -10.78
CA SER A 3 -3.12 -5.50 -9.90
C SER A 3 -2.23 -4.70 -8.97
N GLY A 4 -2.36 -3.38 -9.01
CA GLY A 4 -1.56 -2.52 -8.16
C GLY A 4 -0.78 -1.49 -8.96
N SER A 5 -1.47 -0.79 -9.86
CA SER A 5 -0.83 0.22 -10.69
C SER A 5 -0.47 1.46 -9.86
N SER A 6 -1.43 1.93 -9.07
CA SER A 6 -1.21 3.11 -8.24
C SER A 6 -1.16 2.72 -6.76
N GLY A 7 -0.41 1.66 -6.47
CA GLY A 7 -0.29 1.20 -5.08
C GLY A 7 1.11 1.40 -4.54
N VAL A 8 1.20 1.65 -3.23
CA VAL A 8 2.49 1.86 -2.58
C VAL A 8 2.65 0.94 -1.37
N PHE A 9 3.90 0.59 -1.08
CA PHE A 9 4.20 -0.29 0.04
C PHE A 9 4.66 0.51 1.26
N VAL A 10 3.88 0.45 2.33
CA VAL A 10 4.20 1.17 3.56
C VAL A 10 5.11 0.34 4.47
N GLY A 11 6.39 0.26 4.10
CA GLY A 11 7.34 -0.51 4.90
C GLY A 11 7.41 -0.03 6.32
N ARG A 12 8.41 -0.51 7.06
CA ARG A 12 8.60 -0.12 8.44
C ARG A 12 7.25 0.02 9.16
N CYS A 13 6.38 -0.97 8.96
CA CYS A 13 5.06 -0.95 9.58
C CYS A 13 5.02 -1.88 10.80
N THR A 14 3.85 -1.99 11.40
CA THR A 14 3.67 -2.84 12.57
C THR A 14 2.34 -3.58 12.52
N GLY A 15 2.32 -4.79 13.07
CA GLY A 15 1.11 -5.59 13.09
C GLY A 15 -0.05 -4.88 13.75
N ASP A 16 0.20 -4.33 14.94
CA ASP A 16 -0.83 -3.63 15.69
C ASP A 16 -1.71 -2.80 14.76
N MET A 17 -1.07 -1.94 13.97
CA MET A 17 -1.79 -1.09 13.02
C MET A 17 -2.85 -1.89 12.28
N THR A 18 -3.99 -1.24 12.00
CA THR A 18 -5.08 -1.90 11.29
C THR A 18 -5.42 -1.15 10.00
N GLU A 19 -5.82 -1.89 8.98
CA GLU A 19 -6.18 -1.30 7.70
C GLU A 19 -6.98 -0.02 7.90
N ASP A 20 -7.81 0.01 8.93
CA ASP A 20 -8.64 1.17 9.23
C ASP A 20 -7.76 2.36 9.63
N GLU A 21 -6.80 2.10 10.51
CA GLU A 21 -5.90 3.15 10.97
C GLU A 21 -5.25 3.87 9.80
N LEU A 22 -4.46 3.13 9.03
CA LEU A 22 -3.78 3.69 7.87
C LEU A 22 -4.77 4.28 6.87
N ARG A 23 -5.84 3.54 6.61
CA ARG A 23 -6.87 3.99 5.68
C ARG A 23 -7.40 5.36 6.09
N GLU A 24 -7.42 5.62 7.39
CA GLU A 24 -7.91 6.89 7.90
C GLU A 24 -6.80 7.94 7.94
N PHE A 25 -5.56 7.47 7.82
CA PHE A 25 -4.40 8.36 7.84
C PHE A 25 -4.09 8.89 6.44
N PHE A 26 -4.34 8.05 5.44
CA PHE A 26 -4.09 8.43 4.05
C PHE A 26 -5.33 9.07 3.43
N SER A 27 -6.43 9.06 4.18
CA SER A 27 -7.68 9.64 3.70
C SER A 27 -7.58 11.16 3.58
N GLN A 28 -6.75 11.75 4.44
CA GLN A 28 -6.56 13.19 4.44
C GLN A 28 -5.74 13.64 3.23
N TYR A 29 -4.76 12.82 2.86
CA TYR A 29 -3.91 13.13 1.71
C TYR A 29 -4.71 13.13 0.42
N GLY A 30 -5.43 12.04 0.18
CA GLY A 30 -6.24 11.93 -1.03
C GLY A 30 -7.33 10.89 -0.91
N ASP A 31 -7.97 10.57 -2.03
CA ASP A 31 -9.04 9.58 -2.04
C ASP A 31 -8.48 8.17 -2.04
N VAL A 32 -8.12 7.68 -0.86
CA VAL A 32 -7.56 6.33 -0.73
C VAL A 32 -8.60 5.28 -1.06
N MET A 33 -8.56 4.77 -2.29
CA MET A 33 -9.50 3.75 -2.74
C MET A 33 -9.73 2.71 -1.64
N ASP A 34 -8.67 1.98 -1.30
CA ASP A 34 -8.76 0.95 -0.26
C ASP A 34 -7.37 0.60 0.26
N VAL A 35 -7.32 -0.23 1.30
CA VAL A 35 -6.07 -0.64 1.90
C VAL A 35 -6.07 -2.14 2.21
N PHE A 36 -5.15 -2.86 1.58
CA PHE A 36 -5.04 -4.30 1.77
C PHE A 36 -3.74 -4.67 2.46
N ILE A 37 -3.68 -5.85 3.04
CA ILE A 37 -2.49 -6.32 3.73
C ILE A 37 -2.10 -7.72 3.27
N PRO A 38 -1.15 -7.78 2.31
CA PRO A 38 -0.66 -9.06 1.77
C PRO A 38 0.17 -9.85 2.77
N LYS A 39 -0.31 -11.03 3.13
CA LYS A 39 0.39 -11.88 4.09
C LYS A 39 1.41 -12.77 3.38
N PRO A 40 2.46 -13.16 4.11
CA PRO A 40 2.65 -12.77 5.50
C PRO A 40 2.98 -11.29 5.65
N PHE A 41 2.39 -10.65 6.66
CA PHE A 41 2.62 -9.24 6.92
C PHE A 41 4.03 -9.00 7.46
N ARG A 42 4.88 -8.40 6.64
CA ARG A 42 6.26 -8.11 7.04
C ARG A 42 6.49 -6.61 7.17
N ALA A 43 6.13 -6.06 8.32
CA ALA A 43 6.31 -4.64 8.56
C ALA A 43 6.08 -3.82 7.30
N PHE A 44 5.07 -4.21 6.52
CA PHE A 44 4.75 -3.52 5.28
C PHE A 44 3.33 -3.84 4.83
N ALA A 45 2.64 -2.82 4.32
CA ALA A 45 1.27 -2.98 3.86
C ALA A 45 1.06 -2.34 2.49
N PHE A 46 0.01 -2.76 1.79
CA PHE A 46 -0.28 -2.23 0.46
C PHE A 46 -1.48 -1.28 0.52
N VAL A 47 -1.36 -0.14 -0.17
CA VAL A 47 -2.42 0.85 -0.20
C VAL A 47 -2.68 1.32 -1.62
N THR A 48 -3.96 1.51 -1.96
CA THR A 48 -4.34 1.96 -3.29
C THR A 48 -5.05 3.31 -3.23
N PHE A 49 -4.73 4.18 -4.18
CA PHE A 49 -5.33 5.51 -4.23
C PHE A 49 -6.17 5.67 -5.49
N ALA A 50 -7.26 6.42 -5.38
CA ALA A 50 -8.15 6.66 -6.51
C ALA A 50 -7.40 7.30 -7.67
N ASP A 51 -6.35 8.04 -7.35
CA ASP A 51 -5.54 8.71 -8.37
C ASP A 51 -4.08 8.25 -8.30
N ASP A 52 -3.44 8.17 -9.46
CA ASP A 52 -2.05 7.74 -9.52
C ASP A 52 -1.12 8.86 -9.06
N GLN A 53 -1.61 10.09 -9.11
CA GLN A 53 -0.82 11.24 -8.69
C GLN A 53 -0.61 11.25 -7.19
N ILE A 54 -1.61 10.77 -6.45
CA ILE A 54 -1.54 10.72 -5.00
C ILE A 54 -0.43 9.77 -4.54
N ALA A 55 -0.32 8.63 -5.22
CA ALA A 55 0.69 7.64 -4.88
C ALA A 55 2.09 8.14 -5.23
N GLN A 56 2.27 8.55 -6.48
CA GLN A 56 3.56 9.05 -6.95
C GLN A 56 3.98 10.27 -6.13
N SER A 57 3.01 11.07 -5.71
CA SER A 57 3.28 12.27 -4.93
C SER A 57 3.75 11.91 -3.52
N LEU A 58 3.37 10.71 -3.08
CA LEU A 58 3.75 10.25 -1.74
C LEU A 58 5.04 9.44 -1.79
N CYS A 59 5.28 8.78 -2.93
CA CYS A 59 6.48 7.97 -3.10
C CYS A 59 7.74 8.81 -2.87
N GLY A 60 8.47 8.48 -1.81
CA GLY A 60 9.69 9.21 -1.49
C GLY A 60 9.50 10.17 -0.35
N GLU A 61 8.32 10.14 0.28
CA GLU A 61 8.02 11.02 1.40
C GLU A 61 7.98 10.25 2.71
N ASP A 62 8.54 10.84 3.76
CA ASP A 62 8.56 10.21 5.07
C ASP A 62 7.39 10.67 5.93
N LEU A 63 6.49 9.74 6.23
CA LEU A 63 5.31 10.05 7.03
C LEU A 63 5.39 9.37 8.40
N ILE A 64 4.77 9.99 9.40
CA ILE A 64 4.77 9.45 10.75
C ILE A 64 3.39 8.91 11.12
N ILE A 65 3.34 7.65 11.51
CA ILE A 65 2.07 7.02 11.90
C ILE A 65 2.14 6.50 13.33
N LYS A 66 1.47 7.20 14.23
CA LYS A 66 1.45 6.81 15.64
C LYS A 66 2.82 7.02 16.29
N GLY A 67 3.72 7.70 15.57
CA GLY A 67 5.04 7.96 16.10
C GLY A 67 6.13 7.34 15.24
N ILE A 68 5.81 6.20 14.62
CA ILE A 68 6.78 5.50 13.78
C ILE A 68 6.88 6.15 12.41
N SER A 69 8.03 6.01 11.77
CA SER A 69 8.26 6.58 10.46
C SER A 69 8.27 5.49 9.39
N VAL A 70 7.48 5.69 8.33
CA VAL A 70 7.40 4.73 7.24
C VAL A 70 7.87 5.35 5.93
N HIS A 71 8.41 4.51 5.04
CA HIS A 71 8.91 4.97 3.76
C HIS A 71 7.97 4.54 2.64
N ILE A 72 7.28 5.50 2.04
CA ILE A 72 6.35 5.21 0.94
C ILE A 72 7.10 4.94 -0.35
N SER A 73 6.85 3.77 -0.94
CA SER A 73 7.49 3.39 -2.19
C SER A 73 6.50 2.73 -3.14
N ASN A 74 6.94 2.49 -4.37
CA ASN A 74 6.08 1.87 -5.38
C ASN A 74 6.77 0.67 -6.01
N ALA A 75 6.30 -0.53 -5.68
CA ALA A 75 6.87 -1.76 -6.23
C ALA A 75 5.78 -2.74 -6.64
N GLU A 76 6.09 -3.59 -7.61
CA GLU A 76 5.14 -4.57 -8.10
C GLU A 76 5.82 -5.91 -8.35
N PRO A 77 5.82 -6.78 -7.32
CA PRO A 77 6.43 -8.11 -7.41
C PRO A 77 5.66 -9.05 -8.33
N LYS A 78 6.40 -9.81 -9.14
CA LYS A 78 5.78 -10.75 -10.07
C LYS A 78 5.95 -12.19 -9.59
N HIS A 79 4.91 -12.71 -8.94
CA HIS A 79 4.94 -14.08 -8.43
C HIS A 79 3.58 -14.48 -7.89
N ASN A 80 2.76 -15.10 -8.74
CA ASN A 80 1.42 -15.54 -8.35
C ASN A 80 0.87 -16.56 -9.33
N SER A 81 -0.02 -17.41 -8.85
CA SER A 81 -0.63 -18.44 -9.69
C SER A 81 -2.11 -18.14 -9.95
N ASN A 82 -2.51 -18.19 -11.22
CA ASN A 82 -3.89 -17.92 -11.59
C ASN A 82 -4.09 -18.09 -13.10
N SER A 83 -3.26 -17.40 -13.87
CA SER A 83 -3.35 -17.47 -15.33
C SER A 83 -4.67 -16.91 -15.82
N GLY A 84 -4.67 -16.38 -17.04
CA GLY A 84 -5.88 -15.83 -17.61
C GLY A 84 -6.47 -16.70 -18.70
N PRO A 85 -5.94 -16.56 -19.92
CA PRO A 85 -6.40 -17.33 -21.08
C PRO A 85 -6.02 -18.80 -20.98
N SER A 86 -5.08 -19.11 -20.09
CA SER A 86 -4.63 -20.49 -19.90
C SER A 86 -5.81 -21.43 -19.76
N SER A 87 -5.86 -22.44 -20.63
CA SER A 87 -6.94 -23.42 -20.61
C SER A 87 -7.27 -23.83 -19.18
N GLY A 88 -8.47 -23.48 -18.74
CA GLY A 88 -8.90 -23.81 -17.39
C GLY A 88 -9.75 -22.73 -16.76
N GLY A 1 -0.32 1.68 -22.86
CA GLY A 1 0.13 1.20 -21.58
C GLY A 1 0.79 2.28 -20.75
N SER A 2 0.52 2.28 -19.45
CA SER A 2 1.09 3.27 -18.55
C SER A 2 0.86 2.87 -17.09
N SER A 3 1.34 1.68 -16.73
CA SER A 3 1.19 1.19 -15.36
C SER A 3 -0.27 1.26 -14.91
N GLY A 4 -0.99 0.16 -15.06
CA GLY A 4 -2.38 0.12 -14.67
C GLY A 4 -2.57 -0.23 -13.20
N SER A 5 -2.01 0.60 -12.33
CA SER A 5 -2.10 0.38 -10.88
C SER A 5 -1.81 1.67 -10.12
N SER A 6 -2.54 1.87 -9.03
CA SER A 6 -2.35 3.07 -8.20
C SER A 6 -2.20 2.69 -6.73
N GLY A 7 -1.01 2.26 -6.35
CA GLY A 7 -0.76 1.87 -4.97
C GLY A 7 0.71 1.94 -4.60
N VAL A 8 0.99 1.98 -3.31
CA VAL A 8 2.36 2.04 -2.83
C VAL A 8 2.58 1.11 -1.64
N PHE A 9 3.83 0.73 -1.41
CA PHE A 9 4.17 -0.15 -0.31
C PHE A 9 4.63 0.64 0.91
N VAL A 10 3.87 0.52 2.00
CA VAL A 10 4.19 1.22 3.23
C VAL A 10 5.09 0.39 4.13
N GLY A 11 6.40 0.45 3.87
CA GLY A 11 7.35 -0.30 4.66
C GLY A 11 7.42 0.18 6.11
N ARG A 12 8.35 -0.38 6.87
CA ARG A 12 8.51 -0.01 8.27
C ARG A 12 7.16 0.12 8.96
N CYS A 13 6.40 -0.97 9.00
CA CYS A 13 5.09 -0.96 9.63
C CYS A 13 5.03 -1.95 10.79
N THR A 14 3.91 -1.96 11.50
CA THR A 14 3.74 -2.86 12.63
C THR A 14 2.37 -3.53 12.58
N GLY A 15 2.36 -4.85 12.73
CA GLY A 15 1.11 -5.60 12.71
C GLY A 15 -0.01 -4.87 13.42
N ASP A 16 0.28 -4.35 14.60
CA ASP A 16 -0.72 -3.61 15.39
C ASP A 16 -1.58 -2.75 14.48
N MET A 17 -0.95 -2.02 13.56
CA MET A 17 -1.66 -1.15 12.63
C MET A 17 -2.66 -1.95 11.81
N THR A 18 -3.88 -1.44 11.72
CA THR A 18 -4.94 -2.10 10.96
C THR A 18 -5.27 -1.33 9.70
N GLU A 19 -5.74 -2.04 8.67
CA GLU A 19 -6.10 -1.41 7.41
C GLU A 19 -6.87 -0.11 7.64
N ASP A 20 -7.69 -0.11 8.68
CA ASP A 20 -8.49 1.07 9.02
C ASP A 20 -7.59 2.25 9.38
N GLU A 21 -6.75 2.06 10.39
CA GLU A 21 -5.84 3.10 10.84
C GLU A 21 -5.21 3.83 9.64
N LEU A 22 -4.42 3.09 8.87
CA LEU A 22 -3.76 3.67 7.70
C LEU A 22 -4.78 4.30 6.76
N ARG A 23 -5.87 3.59 6.51
CA ARG A 23 -6.93 4.09 5.63
C ARG A 23 -7.41 5.46 6.08
N GLU A 24 -7.40 5.69 7.39
CA GLU A 24 -7.84 6.97 7.95
C GLU A 24 -6.67 7.95 8.04
N PHE A 25 -5.46 7.42 8.00
CA PHE A 25 -4.25 8.24 8.08
C PHE A 25 -3.89 8.81 6.71
N PHE A 26 -4.27 8.09 5.67
CA PHE A 26 -3.98 8.52 4.30
C PHE A 26 -5.17 9.27 3.70
N SER A 27 -6.30 9.23 4.40
CA SER A 27 -7.50 9.90 3.94
C SER A 27 -7.35 11.43 4.01
N GLN A 28 -6.42 11.87 4.86
CA GLN A 28 -6.17 13.30 5.03
C GLN A 28 -5.26 13.82 3.92
N TYR A 29 -4.70 12.91 3.13
CA TYR A 29 -3.81 13.28 2.04
C TYR A 29 -4.56 13.32 0.72
N GLY A 30 -5.29 12.24 0.43
CA GLY A 30 -6.05 12.16 -0.81
C GLY A 30 -7.29 11.31 -0.68
N ASP A 31 -7.54 10.49 -1.69
CA ASP A 31 -8.70 9.61 -1.69
C ASP A 31 -8.27 8.14 -1.77
N VAL A 32 -7.75 7.63 -0.67
CA VAL A 32 -7.29 6.25 -0.60
C VAL A 32 -8.46 5.28 -0.83
N MET A 33 -8.61 4.82 -2.06
CA MET A 33 -9.68 3.89 -2.40
C MET A 33 -9.86 2.84 -1.30
N ASP A 34 -8.78 2.13 -0.99
CA ASP A 34 -8.82 1.10 0.04
C ASP A 34 -7.42 0.73 0.50
N VAL A 35 -7.34 -0.18 1.46
CA VAL A 35 -6.05 -0.63 2.00
C VAL A 35 -6.05 -2.13 2.25
N PHE A 36 -5.14 -2.84 1.61
CA PHE A 36 -5.03 -4.28 1.77
C PHE A 36 -3.69 -4.66 2.39
N ILE A 37 -3.62 -5.86 2.96
CA ILE A 37 -2.40 -6.35 3.59
C ILE A 37 -2.02 -7.72 3.06
N PRO A 38 -1.12 -7.74 2.07
CA PRO A 38 -0.64 -8.98 1.45
C PRO A 38 0.23 -9.80 2.39
N LYS A 39 -0.23 -11.01 2.73
CA LYS A 39 0.50 -11.89 3.62
C LYS A 39 1.50 -12.74 2.85
N PRO A 40 2.59 -13.16 3.53
CA PRO A 40 2.82 -12.82 4.93
C PRO A 40 3.15 -11.33 5.12
N PHE A 41 2.53 -10.72 6.12
CA PHE A 41 2.75 -9.30 6.42
C PHE A 41 4.15 -9.09 6.98
N ARG A 42 5.00 -8.43 6.19
CA ARG A 42 6.37 -8.15 6.61
C ARG A 42 6.57 -6.65 6.84
N ALA A 43 6.21 -6.19 8.03
CA ALA A 43 6.35 -4.78 8.37
C ALA A 43 6.10 -3.89 7.16
N PHE A 44 5.13 -4.28 6.34
CA PHE A 44 4.79 -3.52 5.14
C PHE A 44 3.38 -3.86 4.67
N ALA A 45 2.66 -2.85 4.21
CA ALA A 45 1.30 -3.03 3.72
C ALA A 45 1.10 -2.37 2.36
N PHE A 46 0.06 -2.79 1.65
CA PHE A 46 -0.24 -2.25 0.33
C PHE A 46 -1.43 -1.30 0.39
N VAL A 47 -1.21 -0.05 0.01
CA VAL A 47 -2.26 0.96 0.02
C VAL A 47 -2.63 1.39 -1.40
N THR A 48 -3.91 1.48 -1.69
CA THR A 48 -4.39 1.89 -3.01
C THR A 48 -4.96 3.30 -2.97
N PHE A 49 -4.63 4.08 -4.00
CA PHE A 49 -5.11 5.46 -4.09
C PHE A 49 -5.91 5.67 -5.37
N ALA A 50 -7.11 6.24 -5.22
CA ALA A 50 -7.97 6.50 -6.36
C ALA A 50 -7.19 7.11 -7.52
N ASP A 51 -6.17 7.90 -7.18
CA ASP A 51 -5.34 8.55 -8.19
C ASP A 51 -3.91 8.01 -8.15
N ASP A 52 -3.33 7.78 -9.32
CA ASP A 52 -1.97 7.27 -9.42
C ASP A 52 -0.95 8.37 -9.12
N GLN A 53 -1.41 9.62 -9.16
CA GLN A 53 -0.54 10.76 -8.90
C GLN A 53 -0.34 10.96 -7.39
N ILE A 54 -1.37 10.60 -6.62
CA ILE A 54 -1.31 10.74 -5.17
C ILE A 54 -0.38 9.70 -4.55
N ALA A 55 -0.34 8.51 -5.16
CA ALA A 55 0.51 7.43 -4.67
C ALA A 55 1.98 7.70 -4.99
N GLN A 56 2.23 8.23 -6.19
CA GLN A 56 3.59 8.53 -6.61
C GLN A 56 4.09 9.81 -5.95
N SER A 57 3.25 10.84 -5.95
CA SER A 57 3.62 12.12 -5.35
C SER A 57 4.05 11.93 -3.89
N LEU A 58 3.61 10.85 -3.28
CA LEU A 58 3.95 10.56 -1.89
C LEU A 58 5.31 9.87 -1.81
N CYS A 59 5.59 8.99 -2.75
CA CYS A 59 6.85 8.27 -2.78
C CYS A 59 8.02 9.21 -2.44
N GLY A 60 8.83 8.81 -1.47
CA GLY A 60 9.97 9.62 -1.08
C GLY A 60 9.66 10.48 0.13
N GLU A 61 8.40 10.53 0.52
CA GLU A 61 7.98 11.34 1.66
C GLU A 61 7.92 10.49 2.93
N ASP A 62 8.44 11.02 4.01
CA ASP A 62 8.45 10.32 5.29
C ASP A 62 7.27 10.75 6.15
N LEU A 63 6.38 9.81 6.46
CA LEU A 63 5.22 10.08 7.28
C LEU A 63 5.31 9.37 8.63
N ILE A 64 4.77 10.00 9.67
CA ILE A 64 4.79 9.43 11.01
C ILE A 64 3.41 8.91 11.41
N ILE A 65 3.36 7.64 11.79
CA ILE A 65 2.10 7.03 12.21
C ILE A 65 2.22 6.39 13.58
N LYS A 66 1.52 6.96 14.56
CA LYS A 66 1.55 6.44 15.92
C LYS A 66 2.94 6.63 16.55
N GLY A 67 3.78 7.41 15.88
CA GLY A 67 5.12 7.65 16.39
C GLY A 67 6.20 7.10 15.47
N ILE A 68 5.91 5.98 14.83
CA ILE A 68 6.86 5.35 13.92
C ILE A 68 6.89 6.08 12.57
N SER A 69 7.96 5.87 11.82
CA SER A 69 8.12 6.51 10.52
C SER A 69 8.11 5.47 9.40
N VAL A 70 7.30 5.73 8.37
CA VAL A 70 7.20 4.81 7.24
C VAL A 70 7.74 5.45 5.97
N HIS A 71 8.18 4.62 5.03
CA HIS A 71 8.72 5.12 3.77
C HIS A 71 7.83 4.69 2.60
N ILE A 72 7.18 5.66 1.96
CA ILE A 72 6.30 5.38 0.83
C ILE A 72 7.10 5.10 -0.43
N SER A 73 6.74 4.03 -1.13
CA SER A 73 7.44 3.65 -2.36
C SER A 73 6.46 3.04 -3.37
N ASN A 74 6.63 3.40 -4.64
CA ASN A 74 5.77 2.90 -5.69
C ASN A 74 6.40 1.68 -6.38
N ALA A 75 5.83 0.51 -6.11
CA ALA A 75 6.33 -0.72 -6.70
C ALA A 75 5.19 -1.60 -7.20
N GLU A 76 5.44 -2.33 -8.28
CA GLU A 76 4.42 -3.21 -8.86
C GLU A 76 5.04 -4.55 -9.29
N PRO A 77 5.02 -5.53 -8.38
CA PRO A 77 5.56 -6.86 -8.65
C PRO A 77 4.73 -7.64 -9.65
N LYS A 78 5.37 -8.59 -10.34
CA LYS A 78 4.69 -9.41 -11.34
C LYS A 78 3.98 -10.58 -10.67
N HIS A 79 2.79 -10.91 -11.18
CA HIS A 79 2.03 -12.03 -10.64
C HIS A 79 0.98 -12.51 -11.65
N ASN A 80 0.30 -11.57 -12.30
CA ASN A 80 -0.71 -11.90 -13.28
C ASN A 80 -1.47 -13.16 -12.89
N SER A 81 -2.54 -12.98 -12.12
CA SER A 81 -3.34 -14.11 -11.67
C SER A 81 -4.78 -13.68 -11.38
N ASN A 82 -5.74 -14.37 -11.99
CA ASN A 82 -7.14 -14.04 -11.79
C ASN A 82 -7.83 -15.08 -10.91
N SER A 83 -8.89 -14.68 -10.23
CA SER A 83 -9.63 -15.57 -9.35
C SER A 83 -11.04 -15.81 -9.86
N GLY A 84 -11.44 -17.08 -9.93
CA GLY A 84 -12.76 -17.42 -10.41
C GLY A 84 -12.76 -18.62 -11.33
N PRO A 85 -12.19 -18.44 -12.53
CA PRO A 85 -12.11 -19.51 -13.54
C PRO A 85 -11.14 -20.62 -13.13
N SER A 86 -11.53 -21.86 -13.36
CA SER A 86 -10.69 -23.01 -13.01
C SER A 86 -10.76 -24.07 -14.09
N SER A 87 -11.97 -24.38 -14.55
CA SER A 87 -12.17 -25.39 -15.58
C SER A 87 -11.38 -25.03 -16.83
N GLY A 88 -10.20 -25.63 -16.98
CA GLY A 88 -9.38 -25.37 -18.15
C GLY A 88 -7.89 -25.45 -17.83
N GLY A 1 7.62 -0.45 -13.51
CA GLY A 1 7.14 -0.21 -14.85
C GLY A 1 5.67 0.16 -14.88
N SER A 2 4.91 -0.46 -15.78
CA SER A 2 3.48 -0.18 -15.90
C SER A 2 2.66 -1.38 -15.47
N SER A 3 2.33 -1.44 -14.18
CA SER A 3 1.55 -2.54 -13.64
C SER A 3 0.95 -2.17 -12.28
N GLY A 4 -0.31 -2.53 -12.08
CA GLY A 4 -0.97 -2.22 -10.82
C GLY A 4 -1.79 -0.95 -10.89
N SER A 5 -2.77 -0.83 -10.01
CA SER A 5 -3.63 0.34 -9.97
C SER A 5 -3.29 1.23 -8.78
N SER A 6 -2.54 2.30 -9.04
CA SER A 6 -2.14 3.23 -8.00
C SER A 6 -1.90 2.49 -6.68
N GLY A 7 -0.66 2.06 -6.46
CA GLY A 7 -0.33 1.35 -5.24
C GLY A 7 1.08 1.64 -4.76
N VAL A 8 1.29 1.58 -3.45
CA VAL A 8 2.60 1.84 -2.88
C VAL A 8 2.86 0.93 -1.68
N PHE A 9 4.13 0.73 -1.36
CA PHE A 9 4.52 -0.11 -0.24
C PHE A 9 4.76 0.72 1.02
N VAL A 10 4.18 0.29 2.13
CA VAL A 10 4.33 0.99 3.40
C VAL A 10 5.14 0.17 4.39
N GLY A 11 6.44 0.08 4.17
CA GLY A 11 7.31 -0.69 5.05
C GLY A 11 7.45 -0.04 6.42
N ARG A 12 8.25 -0.65 7.28
CA ARG A 12 8.47 -0.13 8.62
C ARG A 12 7.15 -0.02 9.38
N CYS A 13 6.22 -0.91 9.09
CA CYS A 13 4.92 -0.90 9.74
C CYS A 13 4.88 -1.91 10.89
N THR A 14 3.74 -1.98 11.56
CA THR A 14 3.57 -2.90 12.68
C THR A 14 2.21 -3.58 12.64
N GLY A 15 1.97 -4.49 13.57
CA GLY A 15 0.70 -5.20 13.63
C GLY A 15 -0.38 -4.40 14.34
N ASP A 16 -0.02 -3.79 15.46
CA ASP A 16 -0.96 -2.99 16.23
C ASP A 16 -1.90 -2.22 15.32
N MET A 17 -1.32 -1.56 14.31
CA MET A 17 -2.10 -0.77 13.37
C MET A 17 -3.07 -1.66 12.59
N THR A 18 -4.17 -1.07 12.13
CA THR A 18 -5.17 -1.81 11.38
C THR A 18 -5.51 -1.11 10.07
N GLU A 19 -5.92 -1.88 9.08
CA GLU A 19 -6.27 -1.33 7.77
C GLU A 19 -7.06 -0.03 7.92
N ASP A 20 -7.83 0.07 9.00
CA ASP A 20 -8.62 1.25 9.27
C ASP A 20 -7.73 2.45 9.59
N GLU A 21 -6.82 2.26 10.53
CA GLU A 21 -5.91 3.33 10.93
C GLU A 21 -5.22 3.95 9.72
N LEU A 22 -4.48 3.14 8.99
CA LEU A 22 -3.77 3.61 7.80
C LEU A 22 -4.74 4.21 6.79
N ARG A 23 -5.83 3.50 6.53
CA ARG A 23 -6.84 3.96 5.59
C ARG A 23 -7.38 5.33 6.00
N GLU A 24 -7.45 5.56 7.30
CA GLU A 24 -7.95 6.83 7.82
C GLU A 24 -6.83 7.87 7.89
N PHE A 25 -5.59 7.39 7.85
CA PHE A 25 -4.43 8.28 7.91
C PHE A 25 -4.03 8.74 6.51
N PHE A 26 -4.26 7.90 5.53
CA PHE A 26 -3.93 8.21 4.14
C PHE A 26 -5.12 8.87 3.43
N SER A 27 -6.21 9.06 4.17
CA SER A 27 -7.40 9.66 3.61
C SER A 27 -7.30 11.19 3.63
N GLN A 28 -6.54 11.71 4.59
CA GLN A 28 -6.36 13.15 4.72
C GLN A 28 -5.48 13.69 3.59
N TYR A 29 -4.65 12.82 3.03
CA TYR A 29 -3.75 13.21 1.95
C TYR A 29 -4.52 13.36 0.64
N GLY A 30 -5.35 12.37 0.33
CA GLY A 30 -6.13 12.41 -0.89
C GLY A 30 -7.37 11.53 -0.82
N ASP A 31 -7.48 10.61 -1.77
CA ASP A 31 -8.63 9.71 -1.81
C ASP A 31 -8.18 8.24 -1.85
N VAL A 32 -7.85 7.70 -0.68
CA VAL A 32 -7.40 6.32 -0.58
C VAL A 32 -8.54 5.35 -0.86
N MET A 33 -8.53 4.77 -2.06
CA MET A 33 -9.56 3.82 -2.46
C MET A 33 -9.79 2.78 -1.38
N ASP A 34 -8.75 2.02 -1.06
CA ASP A 34 -8.84 0.98 -0.04
C ASP A 34 -7.45 0.62 0.49
N VAL A 35 -7.42 -0.24 1.50
CA VAL A 35 -6.15 -0.67 2.09
C VAL A 35 -6.17 -2.16 2.39
N PHE A 36 -5.32 -2.91 1.69
CA PHE A 36 -5.22 -4.35 1.87
C PHE A 36 -3.85 -4.75 2.43
N ILE A 37 -3.83 -5.82 3.21
CA ILE A 37 -2.58 -6.30 3.80
C ILE A 37 -2.24 -7.69 3.30
N PRO A 38 -1.38 -7.76 2.27
CA PRO A 38 -0.94 -9.02 1.67
C PRO A 38 -0.04 -9.83 2.60
N LYS A 39 -0.10 -11.14 2.49
CA LYS A 39 0.70 -12.03 3.32
C LYS A 39 1.75 -12.75 2.48
N PRO A 40 2.87 -13.12 3.12
CA PRO A 40 3.09 -12.87 4.55
C PRO A 40 3.30 -11.39 4.84
N PHE A 41 2.57 -10.88 5.83
CA PHE A 41 2.68 -9.47 6.20
C PHE A 41 3.96 -9.22 6.99
N ARG A 42 4.84 -8.40 6.44
CA ARG A 42 6.11 -8.08 7.09
C ARG A 42 6.28 -6.57 7.21
N ALA A 43 5.69 -5.99 8.25
CA ALA A 43 5.79 -4.56 8.48
C ALA A 43 5.61 -3.78 7.18
N PHE A 44 4.82 -4.32 6.27
CA PHE A 44 4.57 -3.68 4.99
C PHE A 44 3.17 -4.04 4.46
N ALA A 45 2.49 -3.04 3.90
CA ALA A 45 1.15 -3.24 3.36
C ALA A 45 0.99 -2.56 2.02
N PHE A 46 -0.01 -2.96 1.26
CA PHE A 46 -0.27 -2.39 -0.06
C PHE A 46 -1.51 -1.49 -0.02
N VAL A 47 -1.29 -0.19 -0.18
CA VAL A 47 -2.39 0.77 -0.17
C VAL A 47 -2.70 1.26 -1.58
N THR A 48 -3.98 1.34 -1.90
CA THR A 48 -4.41 1.81 -3.22
C THR A 48 -4.96 3.23 -3.15
N PHE A 49 -4.73 4.00 -4.22
CA PHE A 49 -5.21 5.37 -4.28
C PHE A 49 -6.05 5.60 -5.53
N ALA A 50 -7.16 6.29 -5.36
CA ALA A 50 -8.06 6.59 -6.48
C ALA A 50 -7.39 7.50 -7.49
N ASP A 51 -6.19 7.96 -7.18
CA ASP A 51 -5.43 8.84 -8.06
C ASP A 51 -3.95 8.51 -8.02
N ASP A 52 -3.42 8.04 -9.14
CA ASP A 52 -2.01 7.68 -9.24
C ASP A 52 -1.13 8.85 -8.81
N GLN A 53 -1.59 10.06 -9.11
CA GLN A 53 -0.84 11.27 -8.75
C GLN A 53 -0.57 11.31 -7.25
N ILE A 54 -1.46 10.72 -6.47
CA ILE A 54 -1.33 10.70 -5.02
C ILE A 54 -0.26 9.71 -4.59
N ALA A 55 -0.30 8.51 -5.16
CA ALA A 55 0.67 7.47 -4.83
C ALA A 55 2.07 7.88 -5.27
N GLN A 56 2.16 8.62 -6.37
CA GLN A 56 3.44 9.07 -6.89
C GLN A 56 3.98 10.25 -6.09
N SER A 57 3.07 11.09 -5.59
CA SER A 57 3.45 12.25 -4.80
C SER A 57 3.93 11.84 -3.42
N LEU A 58 3.49 10.67 -2.97
CA LEU A 58 3.87 10.16 -1.66
C LEU A 58 5.19 9.38 -1.74
N CYS A 59 5.44 8.80 -2.90
CA CYS A 59 6.67 8.02 -3.11
C CYS A 59 7.90 8.87 -2.83
N GLY A 60 8.64 8.53 -1.79
CA GLY A 60 9.83 9.28 -1.44
C GLY A 60 9.60 10.26 -0.31
N GLU A 61 8.44 10.12 0.36
CA GLU A 61 8.10 11.01 1.46
C GLU A 61 8.00 10.23 2.77
N ASP A 62 8.58 10.79 3.83
CA ASP A 62 8.56 10.16 5.14
C ASP A 62 7.35 10.62 5.95
N LEU A 63 6.49 9.67 6.29
CA LEU A 63 5.28 9.97 7.07
C LEU A 63 5.35 9.33 8.44
N ILE A 64 4.86 10.05 9.45
CA ILE A 64 4.86 9.54 10.81
C ILE A 64 3.45 9.14 11.25
N ILE A 65 3.32 7.90 11.73
CA ILE A 65 2.04 7.39 12.18
C ILE A 65 2.13 6.82 13.59
N LYS A 66 1.58 7.55 14.55
CA LYS A 66 1.60 7.12 15.95
C LYS A 66 2.99 7.30 16.55
N GLY A 67 3.91 7.82 15.75
CA GLY A 67 5.26 8.05 16.23
C GLY A 67 6.31 7.42 15.32
N ILE A 68 5.97 6.28 14.75
CA ILE A 68 6.89 5.57 13.85
C ILE A 68 6.94 6.23 12.48
N SER A 69 8.05 6.05 11.78
CA SER A 69 8.22 6.64 10.45
C SER A 69 8.16 5.56 9.38
N VAL A 70 7.32 5.77 8.38
CA VAL A 70 7.17 4.82 7.28
C VAL A 70 7.74 5.38 5.98
N HIS A 71 8.14 4.48 5.08
CA HIS A 71 8.71 4.89 3.80
C HIS A 71 7.79 4.50 2.66
N ILE A 72 7.28 5.52 1.95
CA ILE A 72 6.39 5.28 0.83
C ILE A 72 7.16 5.03 -0.46
N SER A 73 6.86 3.92 -1.13
CA SER A 73 7.54 3.57 -2.37
C SER A 73 6.58 2.87 -3.32
N ASN A 74 7.06 2.59 -4.53
CA ASN A 74 6.24 1.92 -5.55
C ASN A 74 6.91 0.63 -6.02
N ALA A 75 6.31 -0.49 -5.67
CA ALA A 75 6.85 -1.79 -6.06
C ALA A 75 5.75 -2.72 -6.59
N GLU A 76 6.12 -3.66 -7.44
CA GLU A 76 5.16 -4.60 -8.02
C GLU A 76 5.75 -6.00 -8.10
N PRO A 77 5.53 -6.80 -7.04
CA PRO A 77 6.04 -8.18 -6.97
C PRO A 77 5.32 -9.11 -7.95
N LYS A 78 6.03 -10.14 -8.38
CA LYS A 78 5.47 -11.11 -9.33
C LYS A 78 4.75 -12.23 -8.59
N HIS A 79 3.57 -12.60 -9.08
CA HIS A 79 2.80 -13.67 -8.47
C HIS A 79 1.97 -14.42 -9.52
N ASN A 80 1.27 -13.67 -10.36
CA ASN A 80 0.45 -14.25 -11.41
C ASN A 80 0.60 -13.49 -12.72
N SER A 81 1.37 -14.06 -13.65
CA SER A 81 1.59 -13.42 -14.94
C SER A 81 2.33 -14.37 -15.89
N ASN A 82 1.92 -14.37 -17.16
CA ASN A 82 2.54 -15.23 -18.16
C ASN A 82 2.33 -16.69 -17.82
N SER A 83 1.16 -17.22 -18.16
CA SER A 83 0.83 -18.61 -17.89
C SER A 83 -0.47 -19.02 -18.57
N GLY A 84 -1.53 -18.26 -18.30
CA GLY A 84 -2.82 -18.55 -18.91
C GLY A 84 -3.93 -18.66 -17.88
N PRO A 85 -5.14 -18.21 -18.25
CA PRO A 85 -6.30 -18.24 -17.36
C PRO A 85 -6.80 -19.66 -17.13
N SER A 86 -6.95 -20.04 -15.86
CA SER A 86 -7.42 -21.37 -15.50
C SER A 86 -8.56 -21.29 -14.50
N SER A 87 -9.68 -21.94 -14.83
CA SER A 87 -10.84 -21.94 -13.96
C SER A 87 -11.54 -23.29 -13.98
N GLY A 88 -12.26 -23.60 -12.91
CA GLY A 88 -12.97 -24.87 -12.83
C GLY A 88 -13.23 -25.29 -11.41
N GLY A 1 -0.38 8.60 -20.74
CA GLY A 1 -0.88 8.48 -19.38
C GLY A 1 -0.99 7.04 -18.91
N SER A 2 -1.69 6.82 -17.81
CA SER A 2 -1.87 5.49 -17.27
C SER A 2 -3.04 5.44 -16.30
N SER A 3 -3.79 4.34 -16.34
CA SER A 3 -4.95 4.17 -15.48
C SER A 3 -5.04 2.73 -14.97
N GLY A 4 -4.65 2.53 -13.72
CA GLY A 4 -4.70 1.21 -13.13
C GLY A 4 -3.77 1.07 -11.94
N SER A 5 -2.47 1.08 -12.21
CA SER A 5 -1.48 0.94 -11.15
C SER A 5 -1.37 2.23 -10.34
N SER A 6 -1.86 2.19 -9.11
CA SER A 6 -1.82 3.36 -8.23
C SER A 6 -1.65 2.94 -6.78
N GLY A 7 -0.79 1.94 -6.54
CA GLY A 7 -0.56 1.47 -5.20
C GLY A 7 0.86 1.73 -4.73
N VAL A 8 1.05 1.82 -3.42
CA VAL A 8 2.36 2.07 -2.85
C VAL A 8 2.62 1.16 -1.65
N PHE A 9 3.90 0.87 -1.40
CA PHE A 9 4.28 0.01 -0.28
C PHE A 9 4.66 0.85 0.93
N VAL A 10 4.14 0.45 2.10
CA VAL A 10 4.43 1.16 3.33
C VAL A 10 5.20 0.28 4.31
N GLY A 11 6.50 0.14 4.07
CA GLY A 11 7.35 -0.67 4.92
C GLY A 11 7.54 -0.06 6.30
N ARG A 12 8.50 -0.58 7.04
CA ARG A 12 8.78 -0.08 8.39
C ARG A 12 7.52 -0.07 9.24
N CYS A 13 6.53 -0.86 8.83
CA CYS A 13 5.27 -0.94 9.56
C CYS A 13 5.41 -1.82 10.79
N THR A 14 4.27 -2.18 11.38
CA THR A 14 4.26 -3.03 12.57
C THR A 14 3.10 -4.01 12.53
N GLY A 15 3.16 -5.03 13.39
CA GLY A 15 2.12 -6.03 13.43
C GLY A 15 1.01 -5.67 14.42
N ASP A 16 0.42 -4.50 14.24
CA ASP A 16 -0.64 -4.03 15.12
C ASP A 16 -1.65 -3.19 14.36
N MET A 17 -1.16 -2.12 13.74
CA MET A 17 -2.01 -1.22 12.97
C MET A 17 -3.09 -1.99 12.23
N THR A 18 -4.22 -1.33 11.96
CA THR A 18 -5.32 -1.96 11.25
C THR A 18 -5.65 -1.22 9.96
N GLU A 19 -6.00 -1.97 8.93
CA GLU A 19 -6.34 -1.39 7.64
C GLU A 19 -7.13 -0.09 7.82
N ASP A 20 -7.94 -0.04 8.87
CA ASP A 20 -8.75 1.15 9.15
C ASP A 20 -7.86 2.34 9.49
N GLU A 21 -6.97 2.16 10.46
CA GLU A 21 -6.06 3.22 10.88
C GLU A 21 -5.44 3.90 9.67
N LEU A 22 -4.68 3.14 8.89
CA LEU A 22 -4.02 3.68 7.71
C LEU A 22 -5.04 4.28 6.74
N ARG A 23 -6.12 3.55 6.50
CA ARG A 23 -7.17 4.02 5.61
C ARG A 23 -7.68 5.40 6.04
N GLU A 24 -7.69 5.64 7.33
CA GLU A 24 -8.15 6.91 7.88
C GLU A 24 -7.02 7.92 7.94
N PHE A 25 -5.78 7.42 7.92
CA PHE A 25 -4.62 8.28 7.99
C PHE A 25 -4.36 8.96 6.64
N PHE A 26 -4.09 8.15 5.62
CA PHE A 26 -3.84 8.67 4.28
C PHE A 26 -5.06 9.40 3.74
N SER A 27 -6.18 9.29 4.45
CA SER A 27 -7.41 9.94 4.05
C SER A 27 -7.23 11.45 3.93
N GLN A 28 -6.29 11.98 4.71
CA GLN A 28 -6.02 13.41 4.70
C GLN A 28 -5.17 13.79 3.48
N TYR A 29 -4.27 12.89 3.10
CA TYR A 29 -3.39 13.13 1.96
C TYR A 29 -4.17 13.10 0.65
N GLY A 30 -5.01 12.08 0.50
CA GLY A 30 -5.81 11.94 -0.70
C GLY A 30 -6.94 10.96 -0.55
N ASP A 31 -7.67 10.70 -1.64
CA ASP A 31 -8.79 9.77 -1.60
C ASP A 31 -8.29 8.33 -1.66
N VAL A 32 -7.84 7.82 -0.52
CA VAL A 32 -7.34 6.45 -0.44
C VAL A 32 -8.44 5.44 -0.75
N MET A 33 -8.39 4.86 -1.94
CA MET A 33 -9.38 3.87 -2.35
C MET A 33 -9.61 2.83 -1.26
N ASP A 34 -8.54 2.12 -0.90
CA ASP A 34 -8.62 1.09 0.13
C ASP A 34 -7.23 0.71 0.63
N VAL A 35 -7.18 -0.18 1.62
CA VAL A 35 -5.91 -0.62 2.18
C VAL A 35 -5.93 -2.13 2.45
N PHE A 36 -5.20 -2.87 1.62
CA PHE A 36 -5.13 -4.32 1.76
C PHE A 36 -3.77 -4.75 2.31
N ILE A 37 -3.77 -5.83 3.09
CA ILE A 37 -2.53 -6.34 3.67
C ILE A 37 -2.15 -7.69 3.06
N PRO A 38 -1.26 -7.65 2.05
CA PRO A 38 -0.79 -8.85 1.36
C PRO A 38 0.10 -9.72 2.25
N LYS A 39 -0.21 -11.01 2.32
CA LYS A 39 0.56 -11.94 3.13
C LYS A 39 1.48 -12.79 2.26
N PRO A 40 2.59 -13.25 2.85
CA PRO A 40 2.92 -12.98 4.25
C PRO A 40 3.29 -11.51 4.48
N PHE A 41 2.65 -10.89 5.46
CA PHE A 41 2.91 -9.49 5.78
C PHE A 41 4.23 -9.35 6.54
N ARG A 42 5.12 -8.52 6.01
CA ARG A 42 6.42 -8.29 6.64
C ARG A 42 6.65 -6.80 6.87
N ALA A 43 6.12 -6.29 7.98
CA ALA A 43 6.28 -4.88 8.32
C ALA A 43 5.99 -3.98 7.12
N PHE A 44 5.12 -4.46 6.23
CA PHE A 44 4.76 -3.71 5.04
C PHE A 44 3.35 -4.06 4.59
N ALA A 45 2.63 -3.06 4.06
CA ALA A 45 1.27 -3.26 3.59
C ALA A 45 1.08 -2.64 2.21
N PHE A 46 -0.02 -3.01 1.55
CA PHE A 46 -0.33 -2.48 0.23
C PHE A 46 -1.54 -1.56 0.26
N VAL A 47 -1.33 -0.31 -0.14
CA VAL A 47 -2.40 0.68 -0.15
C VAL A 47 -2.69 1.16 -1.57
N THR A 48 -3.97 1.33 -1.88
CA THR A 48 -4.39 1.78 -3.20
C THR A 48 -4.96 3.19 -3.14
N PHE A 49 -4.60 4.02 -4.11
CA PHE A 49 -5.08 5.39 -4.17
C PHE A 49 -5.95 5.62 -5.41
N ALA A 50 -7.05 6.33 -5.23
CA ALA A 50 -7.96 6.62 -6.32
C ALA A 50 -7.25 7.34 -7.46
N ASP A 51 -6.07 7.87 -7.16
CA ASP A 51 -5.28 8.59 -8.16
C ASP A 51 -3.81 8.21 -8.07
N ASP A 52 -3.22 7.87 -9.22
CA ASP A 52 -1.81 7.49 -9.26
C ASP A 52 -0.92 8.65 -8.83
N GLN A 53 -1.41 9.87 -9.04
CA GLN A 53 -0.65 11.07 -8.68
C GLN A 53 -0.44 11.14 -7.17
N ILE A 54 -1.43 10.67 -6.42
CA ILE A 54 -1.35 10.68 -4.96
C ILE A 54 -0.38 9.62 -4.45
N ALA A 55 -0.28 8.51 -5.18
CA ALA A 55 0.61 7.42 -4.82
C ALA A 55 2.06 7.77 -5.13
N GLN A 56 2.29 8.30 -6.33
CA GLN A 56 3.63 8.66 -6.76
C GLN A 56 4.10 9.92 -6.04
N SER A 57 3.25 10.94 -6.00
CA SER A 57 3.59 12.19 -5.34
C SER A 57 3.94 11.96 -3.88
N LEU A 58 3.46 10.86 -3.33
CA LEU A 58 3.73 10.52 -1.94
C LEU A 58 5.09 9.84 -1.79
N CYS A 59 5.48 9.09 -2.83
CA CYS A 59 6.76 8.39 -2.81
C CYS A 59 7.90 9.34 -2.49
N GLY A 60 8.79 8.92 -1.59
CA GLY A 60 9.92 9.74 -1.21
C GLY A 60 9.60 10.63 -0.03
N GLU A 61 8.36 10.60 0.43
CA GLU A 61 7.93 11.41 1.57
C GLU A 61 7.90 10.58 2.84
N ASP A 62 8.57 11.08 3.88
CA ASP A 62 8.63 10.39 5.16
C ASP A 62 7.48 10.81 6.06
N LEU A 63 6.58 9.87 6.36
CA LEU A 63 5.43 10.15 7.20
C LEU A 63 5.57 9.45 8.56
N ILE A 64 4.82 9.93 9.54
CA ILE A 64 4.85 9.35 10.87
C ILE A 64 3.48 8.84 11.29
N ILE A 65 3.42 7.57 11.68
CA ILE A 65 2.17 6.96 12.11
C ILE A 65 2.31 6.32 13.48
N LYS A 66 1.72 6.95 14.49
CA LYS A 66 1.78 6.44 15.85
C LYS A 66 3.13 6.75 16.49
N GLY A 67 3.99 7.42 15.75
CA GLY A 67 5.31 7.76 16.25
C GLY A 67 6.42 7.15 15.43
N ILE A 68 6.10 6.12 14.65
CA ILE A 68 7.09 5.46 13.82
C ILE A 68 7.19 6.11 12.45
N SER A 69 8.34 5.96 11.81
CA SER A 69 8.56 6.56 10.49
C SER A 69 8.37 5.50 9.40
N VAL A 70 7.53 5.82 8.42
CA VAL A 70 7.26 4.91 7.31
C VAL A 70 7.72 5.52 5.98
N HIS A 71 8.26 4.67 5.11
CA HIS A 71 8.73 5.11 3.81
C HIS A 71 7.77 4.70 2.71
N ILE A 72 7.23 5.69 1.99
CA ILE A 72 6.30 5.43 0.91
C ILE A 72 7.02 5.26 -0.43
N SER A 73 6.72 4.17 -1.13
CA SER A 73 7.35 3.90 -2.41
C SER A 73 6.36 3.24 -3.37
N ASN A 74 6.65 3.32 -4.67
CA ASN A 74 5.79 2.74 -5.68
C ASN A 74 6.42 1.48 -6.28
N ALA A 75 5.87 0.33 -5.95
CA ALA A 75 6.38 -0.94 -6.46
C ALA A 75 5.24 -1.85 -6.90
N GLU A 76 5.47 -2.58 -7.99
CA GLU A 76 4.46 -3.49 -8.52
C GLU A 76 5.07 -4.84 -8.87
N PRO A 77 5.04 -5.77 -7.89
CA PRO A 77 5.58 -7.12 -8.07
C PRO A 77 4.76 -7.96 -9.03
N LYS A 78 5.38 -8.37 -10.13
CA LYS A 78 4.72 -9.19 -11.14
C LYS A 78 4.16 -10.45 -10.53
N HIS A 79 2.99 -10.88 -11.00
CA HIS A 79 2.34 -12.09 -10.50
C HIS A 79 2.09 -13.07 -11.63
N ASN A 80 3.12 -13.85 -11.96
CA ASN A 80 3.01 -14.84 -13.03
C ASN A 80 1.73 -15.65 -12.89
N SER A 81 1.16 -16.05 -14.03
CA SER A 81 -0.08 -16.82 -14.04
C SER A 81 0.13 -18.15 -14.76
N ASN A 82 0.55 -19.16 -14.02
CA ASN A 82 0.78 -20.49 -14.59
C ASN A 82 1.07 -21.51 -13.50
N SER A 83 2.06 -21.21 -12.66
CA SER A 83 2.45 -22.10 -11.58
C SER A 83 1.65 -21.79 -10.31
N GLY A 84 1.56 -22.78 -9.42
CA GLY A 84 0.82 -22.59 -8.19
C GLY A 84 -0.32 -23.59 -8.03
N PRO A 85 -0.96 -23.59 -6.86
CA PRO A 85 -2.07 -24.49 -6.56
C PRO A 85 -3.33 -24.14 -7.34
N SER A 86 -3.90 -25.15 -8.00
CA SER A 86 -5.11 -24.94 -8.80
C SER A 86 -5.74 -26.28 -9.17
N SER A 87 -6.63 -26.77 -8.31
CA SER A 87 -7.30 -28.04 -8.55
C SER A 87 -8.75 -27.81 -8.96
N GLY A 88 -9.40 -28.87 -9.45
CA GLY A 88 -10.78 -28.77 -9.88
C GLY A 88 -11.34 -30.09 -10.34
N GLY A 1 6.07 1.34 -19.86
CA GLY A 1 5.45 2.08 -18.79
C GLY A 1 4.08 1.52 -18.43
N SER A 2 4.07 0.46 -17.64
CA SER A 2 2.81 -0.16 -17.22
C SER A 2 2.37 0.35 -15.85
N SER A 3 1.32 1.16 -15.84
CA SER A 3 0.81 1.72 -14.59
C SER A 3 -0.72 1.80 -14.62
N GLY A 4 -1.37 1.12 -13.68
CA GLY A 4 -2.81 1.12 -13.62
C GLY A 4 -3.34 0.46 -12.37
N SER A 5 -2.81 0.83 -11.22
CA SER A 5 -3.22 0.24 -9.95
C SER A 5 -3.22 1.30 -8.85
N SER A 6 -2.17 2.11 -8.82
CA SER A 6 -2.05 3.16 -7.80
C SER A 6 -1.71 2.56 -6.44
N GLY A 7 -0.80 1.59 -6.44
CA GLY A 7 -0.41 0.96 -5.20
C GLY A 7 0.95 1.42 -4.71
N VAL A 8 1.20 1.28 -3.42
CA VAL A 8 2.47 1.70 -2.82
C VAL A 8 2.84 0.80 -1.65
N PHE A 9 4.15 0.55 -1.50
CA PHE A 9 4.63 -0.30 -0.42
C PHE A 9 5.04 0.55 0.79
N VAL A 10 4.26 0.42 1.87
CA VAL A 10 4.52 1.16 3.10
C VAL A 10 5.42 0.37 4.04
N GLY A 11 6.72 0.32 3.72
CA GLY A 11 7.66 -0.41 4.55
C GLY A 11 7.82 0.22 5.92
N ARG A 12 8.66 -0.40 6.75
CA ARG A 12 8.90 0.10 8.10
C ARG A 12 7.58 0.32 8.84
N CYS A 13 6.69 -0.67 8.78
CA CYS A 13 5.40 -0.57 9.43
C CYS A 13 5.25 -1.66 10.50
N THR A 14 4.05 -1.76 11.07
CA THR A 14 3.78 -2.74 12.10
C THR A 14 2.49 -3.49 11.82
N GLY A 15 2.41 -4.74 12.29
CA GLY A 15 1.21 -5.53 12.09
C GLY A 15 0.06 -5.08 12.96
N ASP A 16 0.37 -4.51 14.12
CA ASP A 16 -0.65 -4.05 15.05
C ASP A 16 -1.65 -3.14 14.33
N MET A 17 -1.13 -2.19 13.56
CA MET A 17 -1.98 -1.26 12.83
C MET A 17 -3.10 -2.00 12.10
N THR A 18 -4.21 -1.29 11.88
CA THR A 18 -5.36 -1.88 11.20
C THR A 18 -5.68 -1.12 9.91
N GLU A 19 -6.12 -1.85 8.89
CA GLU A 19 -6.47 -1.24 7.61
C GLU A 19 -7.18 0.09 7.82
N ASP A 20 -8.07 0.14 8.80
CA ASP A 20 -8.82 1.35 9.11
C ASP A 20 -7.88 2.47 9.54
N GLU A 21 -6.95 2.15 10.42
CA GLU A 21 -5.98 3.14 10.92
C GLU A 21 -5.32 3.87 9.75
N LEU A 22 -4.58 3.13 8.93
CA LEU A 22 -3.89 3.71 7.78
C LEU A 22 -4.89 4.35 6.83
N ARG A 23 -5.98 3.66 6.55
CA ARG A 23 -7.01 4.16 5.65
C ARG A 23 -7.49 5.54 6.09
N GLU A 24 -7.52 5.77 7.40
CA GLU A 24 -7.96 7.04 7.95
C GLU A 24 -6.79 8.02 8.06
N PHE A 25 -5.57 7.49 7.97
CA PHE A 25 -4.38 8.31 8.06
C PHE A 25 -4.04 8.92 6.70
N PHE A 26 -4.29 8.15 5.64
CA PHE A 26 -4.01 8.61 4.28
C PHE A 26 -5.22 9.34 3.69
N SER A 27 -6.38 9.12 4.29
CA SER A 27 -7.61 9.75 3.82
C SER A 27 -7.48 11.27 3.83
N GLN A 28 -6.53 11.77 4.63
CA GLN A 28 -6.30 13.21 4.74
C GLN A 28 -5.43 13.70 3.58
N TYR A 29 -4.70 12.78 2.97
CA TYR A 29 -3.82 13.12 1.85
C TYR A 29 -4.58 13.09 0.53
N GLY A 30 -5.22 11.96 0.25
CA GLY A 30 -5.98 11.82 -0.98
C GLY A 30 -7.09 10.79 -0.86
N ASP A 31 -7.75 10.52 -1.98
CA ASP A 31 -8.85 9.56 -2.00
C ASP A 31 -8.31 8.12 -2.01
N VAL A 32 -7.87 7.66 -0.85
CA VAL A 32 -7.33 6.31 -0.72
C VAL A 32 -8.39 5.26 -1.06
N MET A 33 -8.32 4.74 -2.29
CA MET A 33 -9.28 3.73 -2.73
C MET A 33 -9.57 2.73 -1.62
N ASP A 34 -8.53 2.04 -1.15
CA ASP A 34 -8.67 1.06 -0.09
C ASP A 34 -7.32 0.66 0.47
N VAL A 35 -7.33 -0.02 1.61
CA VAL A 35 -6.10 -0.47 2.25
C VAL A 35 -6.15 -1.96 2.57
N PHE A 36 -5.13 -2.68 2.14
CA PHE A 36 -5.06 -4.13 2.38
C PHE A 36 -3.69 -4.52 2.90
N ILE A 37 -3.61 -5.69 3.53
CA ILE A 37 -2.35 -6.19 4.08
C ILE A 37 -2.07 -7.61 3.59
N PRO A 38 -1.26 -7.71 2.52
CA PRO A 38 -0.88 -9.00 1.94
C PRO A 38 0.04 -9.80 2.84
N LYS A 39 0.00 -11.12 2.72
CA LYS A 39 0.83 -12.01 3.53
C LYS A 39 1.76 -12.84 2.65
N PRO A 40 2.91 -13.23 3.21
CA PRO A 40 3.27 -12.91 4.59
C PRO A 40 3.59 -11.43 4.77
N PHE A 41 3.00 -10.82 5.81
CA PHE A 41 3.23 -9.42 6.09
C PHE A 41 4.57 -9.19 6.77
N ARG A 42 5.40 -8.34 6.18
CA ARG A 42 6.72 -8.04 6.74
C ARG A 42 6.92 -6.54 6.88
N ALA A 43 6.47 -6.00 8.01
CA ALA A 43 6.60 -4.57 8.28
C ALA A 43 6.30 -3.74 7.03
N PHE A 44 5.36 -4.22 6.23
CA PHE A 44 4.98 -3.53 5.00
C PHE A 44 3.56 -3.89 4.58
N ALA A 45 2.89 -2.96 3.93
CA ALA A 45 1.52 -3.17 3.47
C ALA A 45 1.30 -2.58 2.09
N PHE A 46 0.21 -2.98 1.43
CA PHE A 46 -0.12 -2.48 0.10
C PHE A 46 -1.35 -1.59 0.14
N VAL A 47 -1.15 -0.31 -0.14
CA VAL A 47 -2.26 0.65 -0.14
C VAL A 47 -2.55 1.15 -1.54
N THR A 48 -3.83 1.21 -1.90
CA THR A 48 -4.24 1.68 -3.21
C THR A 48 -4.79 3.10 -3.15
N PHE A 49 -4.61 3.85 -4.22
CA PHE A 49 -5.08 5.22 -4.30
C PHE A 49 -5.94 5.44 -5.54
N ALA A 50 -7.03 6.19 -5.38
CA ALA A 50 -7.93 6.48 -6.48
C ALA A 50 -7.20 7.22 -7.60
N ASP A 51 -6.12 7.90 -7.25
CA ASP A 51 -5.34 8.65 -8.23
C ASP A 51 -3.87 8.24 -8.18
N ASP A 52 -3.32 7.88 -9.34
CA ASP A 52 -1.93 7.46 -9.43
C ASP A 52 -1.00 8.60 -9.03
N GLN A 53 -1.44 9.84 -9.27
CA GLN A 53 -0.64 11.01 -8.94
C GLN A 53 -0.51 11.18 -7.43
N ILE A 54 -1.53 10.72 -6.71
CA ILE A 54 -1.53 10.82 -5.25
C ILE A 54 -0.58 9.81 -4.63
N ALA A 55 -0.40 8.67 -5.31
CA ALA A 55 0.50 7.63 -4.82
C ALA A 55 1.95 7.97 -5.11
N GLN A 56 2.19 8.59 -6.26
CA GLN A 56 3.54 8.97 -6.67
C GLN A 56 4.01 10.21 -5.91
N SER A 57 3.17 11.24 -5.90
CA SER A 57 3.49 12.49 -5.21
C SER A 57 3.83 12.22 -3.75
N LEU A 58 3.49 11.04 -3.26
CA LEU A 58 3.75 10.67 -1.88
C LEU A 58 5.06 9.89 -1.77
N CYS A 59 5.37 9.09 -2.80
CA CYS A 59 6.58 8.30 -2.82
C CYS A 59 7.80 9.16 -2.45
N GLY A 60 8.60 8.68 -1.51
CA GLY A 60 9.77 9.41 -1.09
C GLY A 60 9.51 10.28 0.13
N GLU A 61 8.24 10.45 0.47
CA GLU A 61 7.85 11.27 1.61
C GLU A 61 7.84 10.44 2.90
N ASP A 62 8.41 10.99 3.96
CA ASP A 62 8.46 10.30 5.24
C ASP A 62 7.33 10.77 6.15
N LEU A 63 6.43 9.86 6.50
CA LEU A 63 5.31 10.18 7.37
C LEU A 63 5.42 9.44 8.70
N ILE A 64 4.83 10.01 9.74
CA ILE A 64 4.85 9.41 11.07
C ILE A 64 3.46 8.96 11.50
N ILE A 65 3.33 7.69 11.85
CA ILE A 65 2.05 7.13 12.28
C ILE A 65 2.16 6.53 13.68
N LYS A 66 1.68 7.29 14.67
CA LYS A 66 1.72 6.82 16.05
C LYS A 66 3.13 6.95 16.63
N GLY A 67 4.08 7.37 15.79
CA GLY A 67 5.44 7.53 16.24
C GLY A 67 6.44 6.85 15.31
N ILE A 68 5.99 5.79 14.64
CA ILE A 68 6.84 5.06 13.72
C ILE A 68 6.98 5.79 12.39
N SER A 69 8.14 5.66 11.76
CA SER A 69 8.41 6.31 10.48
C SER A 69 8.24 5.33 9.33
N VAL A 70 7.30 5.64 8.43
CA VAL A 70 7.04 4.79 7.28
C VAL A 70 7.54 5.44 5.99
N HIS A 71 8.10 4.62 5.10
CA HIS A 71 8.62 5.11 3.83
C HIS A 71 7.73 4.69 2.68
N ILE A 72 7.06 5.66 2.06
CA ILE A 72 6.16 5.38 0.94
C ILE A 72 6.95 5.18 -0.35
N SER A 73 6.64 4.12 -1.08
CA SER A 73 7.32 3.82 -2.33
C SER A 73 6.35 3.18 -3.33
N ASN A 74 6.58 3.44 -4.62
CA ASN A 74 5.73 2.88 -5.67
C ASN A 74 6.41 1.69 -6.34
N ALA A 75 5.90 0.51 -6.07
CA ALA A 75 6.45 -0.71 -6.65
C ALA A 75 5.34 -1.63 -7.15
N GLU A 76 5.63 -2.36 -8.23
CA GLU A 76 4.65 -3.27 -8.81
C GLU A 76 5.32 -4.57 -9.28
N PRO A 77 5.36 -5.56 -8.40
CA PRO A 77 5.98 -6.86 -8.69
C PRO A 77 5.18 -7.66 -9.71
N LYS A 78 5.86 -8.52 -10.46
CA LYS A 78 5.21 -9.35 -11.46
C LYS A 78 4.63 -10.62 -10.83
N HIS A 79 3.30 -10.73 -10.86
CA HIS A 79 2.63 -11.89 -10.30
C HIS A 79 2.75 -13.09 -11.22
N ASN A 80 3.01 -14.26 -10.64
CA ASN A 80 3.15 -15.49 -11.40
C ASN A 80 2.77 -16.70 -10.57
N SER A 81 1.76 -17.43 -11.02
CA SER A 81 1.29 -18.62 -10.31
C SER A 81 0.85 -18.26 -8.90
N ASN A 82 -0.08 -19.05 -8.36
CA ASN A 82 -0.60 -18.82 -7.01
C ASN A 82 -1.00 -20.14 -6.36
N SER A 83 -0.59 -20.33 -5.11
CA SER A 83 -0.92 -21.54 -4.37
C SER A 83 -2.30 -21.44 -3.74
N GLY A 84 -3.20 -22.31 -4.16
CA GLY A 84 -4.56 -22.30 -3.62
C GLY A 84 -4.90 -23.59 -2.88
N PRO A 85 -5.82 -23.49 -1.91
CA PRO A 85 -6.25 -24.64 -1.11
C PRO A 85 -7.07 -25.64 -1.92
N SER A 86 -6.41 -26.71 -2.38
CA SER A 86 -7.07 -27.74 -3.17
C SER A 86 -7.58 -28.86 -2.27
N SER A 87 -8.28 -28.49 -1.21
CA SER A 87 -8.82 -29.48 -0.27
C SER A 87 -10.20 -29.06 0.23
N GLY A 88 -11.09 -30.02 0.39
CA GLY A 88 -12.43 -29.74 0.85
C GLY A 88 -13.08 -30.93 1.53
N GLY A 1 -6.61 12.61 -18.24
CA GLY A 1 -5.71 11.73 -17.53
C GLY A 1 -5.93 10.27 -17.88
N SER A 2 -5.50 9.38 -16.99
CA SER A 2 -5.64 7.94 -17.23
C SER A 2 -5.44 7.16 -15.92
N SER A 3 -6.51 6.52 -15.46
CA SER A 3 -6.46 5.75 -14.23
C SER A 3 -5.99 4.33 -14.50
N GLY A 4 -4.68 4.11 -14.35
CA GLY A 4 -4.12 2.80 -14.58
C GLY A 4 -3.85 2.03 -13.31
N SER A 5 -2.70 2.28 -12.69
CA SER A 5 -2.34 1.61 -11.45
C SER A 5 -1.93 2.63 -10.38
N SER A 6 -2.36 2.38 -9.15
CA SER A 6 -2.05 3.27 -8.03
C SER A 6 -1.87 2.48 -6.74
N GLY A 7 -0.68 1.92 -6.57
CA GLY A 7 -0.39 1.14 -5.38
C GLY A 7 1.00 1.41 -4.84
N VAL A 8 1.09 1.71 -3.55
CA VAL A 8 2.37 1.98 -2.90
C VAL A 8 2.58 1.09 -1.68
N PHE A 9 3.81 0.63 -1.50
CA PHE A 9 4.14 -0.24 -0.37
C PHE A 9 4.60 0.58 0.82
N VAL A 10 3.89 0.47 1.93
CA VAL A 10 4.23 1.20 3.15
C VAL A 10 5.01 0.32 4.12
N GLY A 11 6.33 0.33 3.99
CA GLY A 11 7.17 -0.47 4.86
C GLY A 11 7.25 0.10 6.27
N ARG A 12 8.12 -0.48 7.09
CA ARG A 12 8.30 -0.03 8.46
C ARG A 12 6.95 0.05 9.17
N CYS A 13 6.08 -0.92 8.89
CA CYS A 13 4.75 -0.97 9.52
C CYS A 13 4.75 -1.92 10.70
N THR A 14 3.70 -1.82 11.52
CA THR A 14 3.57 -2.67 12.70
C THR A 14 2.21 -3.35 12.73
N GLY A 15 2.21 -4.67 12.96
CA GLY A 15 0.97 -5.42 13.02
C GLY A 15 -0.13 -4.66 13.73
N ASP A 16 0.19 -4.07 14.87
CA ASP A 16 -0.79 -3.31 15.65
C ASP A 16 -1.68 -2.49 14.74
N MET A 17 -1.07 -1.79 13.79
CA MET A 17 -1.81 -0.96 12.85
C MET A 17 -2.81 -1.78 12.07
N THR A 18 -3.93 -1.17 11.71
CA THR A 18 -4.98 -1.86 10.95
C THR A 18 -5.40 -1.06 9.73
N GLU A 19 -5.75 -1.75 8.66
CA GLU A 19 -6.17 -1.10 7.42
C GLU A 19 -7.00 0.14 7.72
N ASP A 20 -7.76 0.09 8.80
CA ASP A 20 -8.61 1.22 9.20
C ASP A 20 -7.75 2.42 9.60
N GLU A 21 -6.78 2.18 10.48
CA GLU A 21 -5.90 3.25 10.94
C GLU A 21 -5.24 3.96 9.76
N LEU A 22 -4.51 3.20 8.96
CA LEU A 22 -3.82 3.76 7.80
C LEU A 22 -4.81 4.40 6.83
N ARG A 23 -5.91 3.70 6.56
CA ARG A 23 -6.94 4.19 5.66
C ARG A 23 -7.41 5.58 6.09
N GLU A 24 -7.51 5.78 7.41
CA GLU A 24 -7.96 7.07 7.94
C GLU A 24 -6.80 8.05 8.04
N PHE A 25 -5.58 7.53 7.95
CA PHE A 25 -4.39 8.35 8.02
C PHE A 25 -3.99 8.88 6.64
N PHE A 26 -4.32 8.11 5.61
CA PHE A 26 -4.00 8.48 4.24
C PHE A 26 -5.20 9.16 3.57
N SER A 27 -6.32 9.19 4.27
CA SER A 27 -7.53 9.80 3.75
C SER A 27 -7.45 11.32 3.82
N GLN A 28 -6.59 11.82 4.70
CA GLN A 28 -6.42 13.26 4.87
C GLN A 28 -5.56 13.84 3.74
N TYR A 29 -4.69 13.01 3.18
CA TYR A 29 -3.81 13.44 2.11
C TYR A 29 -4.56 13.51 0.78
N GLY A 30 -5.33 12.46 0.48
CA GLY A 30 -6.10 12.42 -0.75
C GLY A 30 -7.35 11.58 -0.63
N ASP A 31 -7.53 10.66 -1.57
CA ASP A 31 -8.69 9.79 -1.57
C ASP A 31 -8.27 8.33 -1.75
N VAL A 32 -8.01 7.65 -0.64
CA VAL A 32 -7.59 6.25 -0.68
C VAL A 32 -8.78 5.34 -0.97
N MET A 33 -8.68 4.57 -2.05
CA MET A 33 -9.75 3.65 -2.44
C MET A 33 -9.92 2.54 -1.41
N ASP A 34 -8.83 1.84 -1.11
CA ASP A 34 -8.88 0.76 -0.12
C ASP A 34 -7.47 0.43 0.37
N VAL A 35 -7.39 -0.46 1.36
CA VAL A 35 -6.11 -0.85 1.93
C VAL A 35 -6.10 -2.34 2.24
N PHE A 36 -5.25 -3.09 1.54
CA PHE A 36 -5.13 -4.52 1.75
C PHE A 36 -3.77 -4.89 2.34
N ILE A 37 -3.70 -6.06 2.96
CA ILE A 37 -2.45 -6.52 3.56
C ILE A 37 -2.07 -7.90 3.05
N PRO A 38 -1.19 -7.94 2.02
CA PRO A 38 -0.72 -9.19 1.42
C PRO A 38 0.18 -9.99 2.36
N LYS A 39 -0.07 -11.28 2.46
CA LYS A 39 0.73 -12.15 3.32
C LYS A 39 1.74 -12.94 2.49
N PRO A 40 2.85 -13.32 3.14
CA PRO A 40 3.10 -13.01 4.55
C PRO A 40 3.36 -11.51 4.77
N PHE A 41 2.83 -10.99 5.87
CA PHE A 41 3.00 -9.57 6.20
C PHE A 41 4.32 -9.35 6.92
N ARG A 42 5.17 -8.51 6.32
CA ARG A 42 6.48 -8.20 6.90
C ARG A 42 6.64 -6.70 7.10
N ALA A 43 6.09 -6.19 8.20
CA ALA A 43 6.18 -4.76 8.50
C ALA A 43 5.94 -3.92 7.25
N PHE A 44 4.96 -4.32 6.45
CA PHE A 44 4.64 -3.60 5.22
C PHE A 44 3.23 -3.94 4.75
N ALA A 45 2.61 -3.01 4.04
CA ALA A 45 1.26 -3.21 3.52
C ALA A 45 1.09 -2.56 2.15
N PHE A 46 0.04 -2.96 1.45
CA PHE A 46 -0.23 -2.43 0.11
C PHE A 46 -1.46 -1.54 0.13
N VAL A 47 -1.26 -0.26 -0.17
CA VAL A 47 -2.36 0.70 -0.19
C VAL A 47 -2.65 1.18 -1.61
N THR A 48 -3.92 1.40 -1.91
CA THR A 48 -4.33 1.86 -3.23
C THR A 48 -5.00 3.23 -3.16
N PHE A 49 -4.61 4.12 -4.07
CA PHE A 49 -5.18 5.46 -4.10
C PHE A 49 -6.02 5.67 -5.36
N ALA A 50 -7.18 6.29 -5.19
CA ALA A 50 -8.07 6.56 -6.31
C ALA A 50 -7.33 7.23 -7.46
N ASP A 51 -6.18 7.81 -7.14
CA ASP A 51 -5.37 8.51 -8.15
C ASP A 51 -3.90 8.14 -8.01
N ASP A 52 -3.22 7.97 -9.14
CA ASP A 52 -1.81 7.62 -9.13
C ASP A 52 -0.95 8.82 -8.76
N GLN A 53 -1.49 10.02 -8.97
CA GLN A 53 -0.78 11.25 -8.65
C GLN A 53 -0.57 11.39 -7.15
N ILE A 54 -1.41 10.71 -6.37
CA ILE A 54 -1.32 10.76 -4.92
C ILE A 54 -0.32 9.74 -4.40
N ALA A 55 -0.35 8.54 -4.99
CA ALA A 55 0.56 7.47 -4.59
C ALA A 55 2.01 7.84 -4.90
N GLN A 56 2.27 8.16 -6.16
CA GLN A 56 3.62 8.53 -6.59
C GLN A 56 4.10 9.78 -5.86
N SER A 57 3.27 10.80 -5.83
CA SER A 57 3.62 12.05 -5.17
C SER A 57 4.01 11.81 -3.72
N LEU A 58 3.41 10.79 -3.11
CA LEU A 58 3.70 10.44 -1.73
C LEU A 58 5.02 9.69 -1.62
N CYS A 59 5.29 8.83 -2.59
CA CYS A 59 6.53 8.05 -2.61
C CYS A 59 7.73 8.92 -2.29
N GLY A 60 8.56 8.46 -1.35
CA GLY A 60 9.73 9.23 -0.97
C GLY A 60 9.49 10.09 0.25
N GLU A 61 8.23 10.46 0.47
CA GLU A 61 7.88 11.29 1.62
C GLU A 61 7.80 10.47 2.89
N ASP A 62 8.43 10.96 3.96
CA ASP A 62 8.43 10.27 5.23
C ASP A 62 7.24 10.70 6.08
N LEU A 63 6.39 9.73 6.44
CA LEU A 63 5.21 10.00 7.25
C LEU A 63 5.31 9.33 8.61
N ILE A 64 4.76 9.98 9.62
CA ILE A 64 4.80 9.44 10.99
C ILE A 64 3.43 8.91 11.40
N ILE A 65 3.39 7.67 11.86
CA ILE A 65 2.15 7.05 12.29
C ILE A 65 2.29 6.47 13.70
N LYS A 66 1.81 7.21 14.69
CA LYS A 66 1.87 6.77 16.08
C LYS A 66 3.26 6.98 16.65
N GLY A 67 4.11 7.71 15.91
CA GLY A 67 5.45 7.97 16.37
C GLY A 67 6.50 7.43 15.41
N ILE A 68 6.24 6.25 14.85
CA ILE A 68 7.18 5.63 13.92
C ILE A 68 7.08 6.26 12.55
N SER A 69 8.16 6.18 11.77
CA SER A 69 8.20 6.75 10.43
C SER A 69 8.20 5.65 9.37
N VAL A 70 7.45 5.87 8.30
CA VAL A 70 7.36 4.90 7.21
C VAL A 70 7.81 5.52 5.90
N HIS A 71 8.40 4.70 5.04
CA HIS A 71 8.86 5.16 3.73
C HIS A 71 7.92 4.72 2.63
N ILE A 72 7.28 5.70 1.98
CA ILE A 72 6.34 5.40 0.90
C ILE A 72 7.09 5.10 -0.40
N SER A 73 6.66 4.03 -1.08
CA SER A 73 7.28 3.63 -2.33
C SER A 73 6.24 3.06 -3.30
N ASN A 74 6.22 3.60 -4.51
CA ASN A 74 5.28 3.15 -5.53
C ASN A 74 5.86 1.99 -6.33
N ALA A 75 5.29 0.80 -6.13
CA ALA A 75 5.75 -0.39 -6.84
C ALA A 75 4.57 -1.18 -7.40
N GLU A 76 4.82 -1.92 -8.47
CA GLU A 76 3.77 -2.73 -9.10
C GLU A 76 4.31 -4.08 -9.54
N PRO A 77 4.20 -5.07 -8.65
CA PRO A 77 4.68 -6.44 -8.92
C PRO A 77 3.84 -7.15 -9.98
N LYS A 78 4.35 -8.25 -10.50
CA LYS A 78 3.65 -9.02 -11.51
C LYS A 78 2.66 -9.99 -10.87
N HIS A 79 1.40 -9.88 -11.27
CA HIS A 79 0.35 -10.75 -10.74
C HIS A 79 0.33 -12.09 -11.47
N ASN A 80 -0.46 -13.02 -10.95
CA ASN A 80 -0.57 -14.34 -11.55
C ASN A 80 -2.02 -14.80 -11.62
N SER A 81 -2.51 -15.03 -12.83
CA SER A 81 -3.89 -15.46 -13.04
C SER A 81 -3.93 -16.85 -13.67
N ASN A 82 -3.75 -17.88 -12.85
CA ASN A 82 -3.77 -19.26 -13.32
C ASN A 82 -5.19 -19.71 -13.61
N SER A 83 -5.35 -20.53 -14.65
CA SER A 83 -6.67 -21.04 -15.03
C SER A 83 -6.76 -22.54 -14.76
N GLY A 84 -8.00 -23.04 -14.70
CA GLY A 84 -8.21 -24.46 -14.46
C GLY A 84 -9.62 -24.90 -14.81
N PRO A 85 -9.75 -26.16 -15.25
CA PRO A 85 -11.05 -26.73 -15.63
C PRO A 85 -11.95 -26.96 -14.43
N SER A 86 -13.18 -27.38 -14.69
CA SER A 86 -14.15 -27.63 -13.64
C SER A 86 -14.29 -29.13 -13.36
N SER A 87 -14.65 -29.46 -12.12
CA SER A 87 -14.81 -30.86 -11.73
C SER A 87 -15.36 -31.69 -12.88
N GLY A 88 -14.88 -32.93 -12.99
CA GLY A 88 -15.33 -33.81 -14.07
C GLY A 88 -16.85 -33.80 -14.21
N GLY A 1 -0.23 -0.71 -23.13
CA GLY A 1 0.89 0.10 -22.68
C GLY A 1 0.68 0.66 -21.29
N SER A 2 1.74 0.65 -20.48
CA SER A 2 1.66 1.15 -19.12
C SER A 2 2.96 0.87 -18.36
N SER A 3 3.20 1.64 -17.30
CA SER A 3 4.39 1.47 -16.50
C SER A 3 4.25 2.18 -15.15
N GLY A 4 3.08 2.01 -14.53
CA GLY A 4 2.83 2.64 -13.24
C GLY A 4 1.47 2.27 -12.67
N SER A 5 1.33 2.41 -11.36
CA SER A 5 0.07 2.08 -10.69
C SER A 5 -0.16 2.99 -9.49
N SER A 6 -1.35 2.91 -8.91
CA SER A 6 -1.70 3.73 -7.76
C SER A 6 -1.52 2.94 -6.46
N GLY A 7 -0.58 2.01 -6.47
CA GLY A 7 -0.33 1.20 -5.29
C GLY A 7 1.09 1.34 -4.79
N VAL A 8 1.23 1.68 -3.51
CA VAL A 8 2.54 1.85 -2.90
C VAL A 8 2.71 0.95 -1.68
N PHE A 9 3.96 0.58 -1.38
CA PHE A 9 4.24 -0.28 -0.24
C PHE A 9 4.69 0.55 0.96
N VAL A 10 3.98 0.40 2.07
CA VAL A 10 4.29 1.14 3.28
C VAL A 10 5.08 0.26 4.26
N GLY A 11 6.39 0.18 4.05
CA GLY A 11 7.23 -0.63 4.92
C GLY A 11 7.40 -0.02 6.29
N ARG A 12 8.33 -0.55 7.07
CA ARG A 12 8.59 -0.06 8.41
C ARG A 12 7.31 -0.01 9.24
N CYS A 13 6.32 -0.78 8.80
CA CYS A 13 5.03 -0.82 9.50
C CYS A 13 5.08 -1.82 10.66
N THR A 14 3.96 -1.93 11.38
CA THR A 14 3.88 -2.84 12.50
C THR A 14 2.54 -3.57 12.52
N GLY A 15 2.57 -4.85 12.89
CA GLY A 15 1.35 -5.65 12.93
C GLY A 15 0.22 -4.92 13.62
N ASP A 16 0.51 -4.35 14.80
CA ASP A 16 -0.49 -3.64 15.57
C ASP A 16 -1.39 -2.82 14.64
N MET A 17 -0.79 -1.93 13.86
CA MET A 17 -1.55 -1.09 12.94
C MET A 17 -2.62 -1.89 12.22
N THR A 18 -3.77 -1.26 11.98
CA THR A 18 -4.88 -1.92 11.31
C THR A 18 -5.27 -1.17 10.04
N GLU A 19 -5.66 -1.92 9.01
CA GLU A 19 -6.06 -1.33 7.74
C GLU A 19 -6.83 -0.03 7.96
N ASP A 20 -7.68 -0.03 8.98
CA ASP A 20 -8.47 1.15 9.31
C ASP A 20 -7.58 2.35 9.57
N GLU A 21 -6.68 2.22 10.54
CA GLU A 21 -5.77 3.30 10.89
C GLU A 21 -5.15 3.92 9.65
N LEU A 22 -4.50 3.09 8.84
CA LEU A 22 -3.85 3.56 7.62
C LEU A 22 -4.88 4.12 6.65
N ARG A 23 -6.04 3.48 6.57
CA ARG A 23 -7.11 3.92 5.70
C ARG A 23 -7.56 5.34 6.05
N GLU A 24 -7.56 5.64 7.34
CA GLU A 24 -7.97 6.96 7.80
C GLU A 24 -6.77 7.90 7.88
N PHE A 25 -5.58 7.32 7.98
CA PHE A 25 -4.36 8.12 8.06
C PHE A 25 -4.04 8.77 6.72
N PHE A 26 -4.24 8.03 5.64
CA PHE A 26 -3.98 8.53 4.30
C PHE A 26 -5.19 9.28 3.74
N SER A 27 -6.33 9.11 4.40
CA SER A 27 -7.56 9.76 3.97
C SER A 27 -7.37 11.27 3.90
N GLN A 28 -6.41 11.79 4.67
CA GLN A 28 -6.13 13.22 4.68
C GLN A 28 -5.25 13.62 3.51
N TYR A 29 -4.37 12.70 3.10
CA TYR A 29 -3.47 12.95 1.98
C TYR A 29 -4.20 12.88 0.65
N GLY A 30 -5.01 11.83 0.48
CA GLY A 30 -5.76 11.65 -0.74
C GLY A 30 -6.84 10.61 -0.62
N ASP A 31 -7.68 10.51 -1.64
CA ASP A 31 -8.78 9.54 -1.64
C ASP A 31 -8.24 8.11 -1.69
N VAL A 32 -7.85 7.60 -0.52
CA VAL A 32 -7.32 6.25 -0.43
C VAL A 32 -8.38 5.21 -0.79
N MET A 33 -8.40 4.80 -2.05
CA MET A 33 -9.36 3.81 -2.51
C MET A 33 -9.60 2.74 -1.45
N ASP A 34 -8.53 2.07 -1.03
CA ASP A 34 -8.63 1.03 -0.02
C ASP A 34 -7.24 0.66 0.50
N VAL A 35 -7.22 -0.16 1.56
CA VAL A 35 -5.96 -0.60 2.15
C VAL A 35 -6.02 -2.06 2.56
N PHE A 36 -5.23 -2.89 1.89
CA PHE A 36 -5.19 -4.32 2.18
C PHE A 36 -3.85 -4.72 2.77
N ILE A 37 -3.85 -5.82 3.52
CA ILE A 37 -2.63 -6.30 4.16
C ILE A 37 -2.28 -7.71 3.67
N PRO A 38 -1.38 -7.78 2.66
CA PRO A 38 -0.95 -9.05 2.09
C PRO A 38 -0.08 -9.86 3.06
N LYS A 39 -0.27 -11.18 3.06
CA LYS A 39 0.49 -12.05 3.93
C LYS A 39 1.43 -12.94 3.12
N PRO A 40 2.53 -13.37 3.76
CA PRO A 40 2.83 -13.02 5.15
C PRO A 40 3.19 -11.54 5.31
N PHE A 41 2.54 -10.89 6.26
CA PHE A 41 2.80 -9.47 6.51
C PHE A 41 4.21 -9.26 7.03
N ARG A 42 5.02 -8.56 6.24
CA ARG A 42 6.40 -8.28 6.61
C ARG A 42 6.62 -6.79 6.83
N ALA A 43 6.26 -6.31 8.01
CA ALA A 43 6.42 -4.90 8.33
C ALA A 43 6.14 -4.01 7.13
N PHE A 44 5.22 -4.47 6.26
CA PHE A 44 4.86 -3.73 5.07
C PHE A 44 3.41 -3.99 4.68
N ALA A 45 2.75 -2.98 4.12
CA ALA A 45 1.37 -3.11 3.70
C ALA A 45 1.14 -2.47 2.34
N PHE A 46 0.02 -2.82 1.70
CA PHE A 46 -0.31 -2.28 0.40
C PHE A 46 -1.53 -1.36 0.48
N VAL A 47 -1.40 -0.17 -0.10
CA VAL A 47 -2.49 0.80 -0.09
C VAL A 47 -2.78 1.31 -1.50
N THR A 48 -4.06 1.39 -1.84
CA THR A 48 -4.48 1.86 -3.15
C THR A 48 -5.10 3.25 -3.07
N PHE A 49 -4.71 4.11 -4.00
CA PHE A 49 -5.22 5.49 -4.03
C PHE A 49 -6.13 5.68 -5.25
N ALA A 50 -7.02 6.67 -5.13
CA ALA A 50 -7.96 6.97 -6.22
C ALA A 50 -7.25 7.67 -7.38
N ASP A 51 -6.16 8.37 -7.05
CA ASP A 51 -5.39 9.08 -8.07
C ASP A 51 -3.93 8.64 -8.06
N ASP A 52 -3.45 8.16 -9.21
CA ASP A 52 -2.08 7.70 -9.33
C ASP A 52 -1.10 8.84 -9.04
N GLN A 53 -1.57 10.07 -9.20
CA GLN A 53 -0.73 11.23 -8.96
C GLN A 53 -0.48 11.43 -7.47
N ILE A 54 -1.30 10.78 -6.65
CA ILE A 54 -1.16 10.88 -5.20
C ILE A 54 -0.10 9.91 -4.68
N ALA A 55 -0.23 8.65 -5.06
CA ALA A 55 0.73 7.63 -4.64
C ALA A 55 2.15 8.02 -5.01
N GLN A 56 2.36 8.39 -6.26
CA GLN A 56 3.68 8.79 -6.74
C GLN A 56 4.19 10.01 -5.97
N SER A 57 3.37 11.06 -5.94
CA SER A 57 3.74 12.29 -5.25
C SER A 57 4.10 12.01 -3.80
N LEU A 58 3.57 10.92 -3.26
CA LEU A 58 3.83 10.54 -1.88
C LEU A 58 5.13 9.74 -1.77
N CYS A 59 5.45 9.01 -2.83
CA CYS A 59 6.68 8.20 -2.85
C CYS A 59 7.88 9.05 -2.47
N GLY A 60 8.63 8.58 -1.47
CA GLY A 60 9.81 9.31 -1.02
C GLY A 60 9.53 10.19 0.16
N GLU A 61 8.24 10.33 0.51
CA GLU A 61 7.84 11.16 1.64
C GLU A 61 7.78 10.34 2.92
N ASP A 62 8.40 10.86 3.98
CA ASP A 62 8.42 10.17 5.26
C ASP A 62 7.25 10.64 6.14
N LEU A 63 6.33 9.73 6.42
CA LEU A 63 5.17 10.03 7.24
C LEU A 63 5.25 9.33 8.59
N ILE A 64 4.68 9.95 9.62
CA ILE A 64 4.69 9.38 10.95
C ILE A 64 3.32 8.83 11.33
N ILE A 65 3.28 7.57 11.73
CA ILE A 65 2.03 6.93 12.13
C ILE A 65 2.13 6.35 13.54
N LYS A 66 1.41 6.97 14.47
CA LYS A 66 1.41 6.52 15.85
C LYS A 66 2.77 6.77 16.51
N GLY A 67 3.69 7.37 15.75
CA GLY A 67 5.01 7.66 16.28
C GLY A 67 6.11 7.19 15.35
N ILE A 68 5.92 6.01 14.76
CA ILE A 68 6.92 5.45 13.85
C ILE A 68 6.86 6.13 12.49
N SER A 69 7.95 6.03 11.73
CA SER A 69 8.03 6.64 10.41
C SER A 69 8.00 5.57 9.33
N VAL A 70 7.30 5.86 8.23
CA VAL A 70 7.21 4.92 7.12
C VAL A 70 7.75 5.55 5.83
N HIS A 71 8.17 4.70 4.90
CA HIS A 71 8.72 5.16 3.63
C HIS A 71 7.83 4.73 2.48
N ILE A 72 7.14 5.69 1.86
CA ILE A 72 6.26 5.41 0.75
C ILE A 72 7.05 5.17 -0.54
N SER A 73 6.80 4.03 -1.18
CA SER A 73 7.49 3.68 -2.41
C SER A 73 6.56 2.92 -3.36
N ASN A 74 6.55 3.32 -4.63
CA ASN A 74 5.72 2.68 -5.62
C ASN A 74 6.43 1.49 -6.26
N ALA A 75 5.96 0.29 -5.96
CA ALA A 75 6.56 -0.92 -6.50
C ALA A 75 5.49 -1.86 -7.06
N GLU A 76 5.85 -2.63 -8.07
CA GLU A 76 4.92 -3.58 -8.69
C GLU A 76 5.62 -4.88 -9.03
N PRO A 77 5.57 -5.84 -8.10
CA PRO A 77 6.20 -7.16 -8.28
C PRO A 77 5.48 -8.00 -9.32
N LYS A 78 6.22 -8.89 -9.98
CA LYS A 78 5.65 -9.76 -11.00
C LYS A 78 4.92 -10.94 -10.36
N HIS A 79 3.84 -11.38 -10.99
CA HIS A 79 3.05 -12.50 -10.49
C HIS A 79 2.46 -12.17 -9.12
N ASN A 80 1.22 -12.59 -8.92
CA ASN A 80 0.53 -12.33 -7.64
C ASN A 80 -0.49 -13.43 -7.36
N SER A 81 -0.12 -14.36 -6.48
CA SER A 81 -1.01 -15.47 -6.12
C SER A 81 -0.52 -16.15 -4.84
N ASN A 82 -1.28 -16.00 -3.76
CA ASN A 82 -0.93 -16.60 -2.48
C ASN A 82 -1.07 -18.12 -2.54
N SER A 83 -0.63 -18.79 -1.48
CA SER A 83 -0.71 -20.24 -1.42
C SER A 83 -2.16 -20.72 -1.50
N GLY A 84 -2.47 -21.48 -2.54
CA GLY A 84 -3.82 -21.98 -2.72
C GLY A 84 -3.83 -23.44 -3.16
N PRO A 85 -4.88 -24.17 -2.74
CA PRO A 85 -5.04 -25.58 -3.09
C PRO A 85 -5.36 -25.79 -4.56
N SER A 86 -4.33 -26.01 -5.36
CA SER A 86 -4.50 -26.22 -6.80
C SER A 86 -3.56 -27.30 -7.31
N SER A 87 -4.12 -28.43 -7.73
CA SER A 87 -3.35 -29.54 -8.24
C SER A 87 -4.18 -30.42 -9.17
N GLY A 88 -5.38 -30.77 -8.72
CA GLY A 88 -6.26 -31.59 -9.53
C GLY A 88 -7.70 -31.59 -9.02
N GLY A 1 4.62 4.78 -13.44
CA GLY A 1 4.30 5.89 -14.32
C GLY A 1 3.37 5.49 -15.45
N SER A 2 3.90 5.44 -16.67
CA SER A 2 3.10 5.07 -17.84
C SER A 2 2.56 3.65 -17.70
N SER A 3 1.24 3.54 -17.57
CA SER A 3 0.60 2.24 -17.42
C SER A 3 1.05 1.55 -16.13
N GLY A 4 0.08 1.08 -15.34
CA GLY A 4 0.40 0.41 -14.10
C GLY A 4 -0.73 0.50 -13.09
N SER A 5 -0.37 0.62 -11.81
CA SER A 5 -1.36 0.72 -10.75
C SER A 5 -1.02 1.85 -9.79
N SER A 6 -2.03 2.36 -9.11
CA SER A 6 -1.84 3.45 -8.16
C SER A 6 -1.68 2.92 -6.73
N GLY A 7 -0.69 2.04 -6.56
CA GLY A 7 -0.44 1.46 -5.25
C GLY A 7 0.97 1.72 -4.76
N VAL A 8 1.22 1.43 -3.49
CA VAL A 8 2.54 1.63 -2.89
C VAL A 8 2.74 0.74 -1.68
N PHE A 9 3.99 0.42 -1.39
CA PHE A 9 4.32 -0.43 -0.25
C PHE A 9 4.77 0.40 0.94
N VAL A 10 3.96 0.38 2.01
CA VAL A 10 4.27 1.14 3.21
C VAL A 10 5.07 0.30 4.20
N GLY A 11 6.38 0.25 3.99
CA GLY A 11 7.24 -0.53 4.88
C GLY A 11 7.26 0.02 6.29
N ARG A 12 8.12 -0.55 7.13
CA ARG A 12 8.23 -0.12 8.52
C ARG A 12 6.86 -0.08 9.18
N CYS A 13 6.06 -1.11 8.95
CA CYS A 13 4.72 -1.20 9.53
C CYS A 13 4.70 -2.17 10.70
N THR A 14 3.65 -2.09 11.51
CA THR A 14 3.50 -2.96 12.67
C THR A 14 2.16 -3.66 12.67
N GLY A 15 2.11 -4.85 13.27
CA GLY A 15 0.87 -5.61 13.32
C GLY A 15 -0.26 -4.83 13.97
N ASP A 16 0.04 -4.23 15.12
CA ASP A 16 -0.97 -3.44 15.85
C ASP A 16 -1.85 -2.67 14.88
N MET A 17 -1.23 -1.86 14.03
CA MET A 17 -1.96 -1.06 13.05
C MET A 17 -3.04 -1.90 12.38
N THR A 18 -4.12 -1.24 11.96
CA THR A 18 -5.22 -1.91 11.28
C THR A 18 -5.59 -1.22 9.98
N GLU A 19 -5.97 -2.01 8.98
CA GLU A 19 -6.36 -1.46 7.68
C GLU A 19 -7.15 -0.17 7.84
N ASP A 20 -7.87 -0.07 8.95
CA ASP A 20 -8.68 1.12 9.23
C ASP A 20 -7.79 2.32 9.54
N GLU A 21 -6.91 2.15 10.52
CA GLU A 21 -6.00 3.22 10.92
C GLU A 21 -5.32 3.84 9.70
N LEU A 22 -4.64 3.01 8.92
CA LEU A 22 -3.94 3.47 7.73
C LEU A 22 -4.92 4.08 6.73
N ARG A 23 -6.04 3.39 6.51
CA ARG A 23 -7.05 3.87 5.59
C ARG A 23 -7.53 5.27 5.97
N GLU A 24 -7.56 5.54 7.27
CA GLU A 24 -8.00 6.84 7.76
C GLU A 24 -6.84 7.83 7.80
N PHE A 25 -5.61 7.31 7.85
CA PHE A 25 -4.42 8.14 7.88
C PHE A 25 -4.09 8.67 6.50
N PHE A 26 -4.42 7.90 5.48
CA PHE A 26 -4.16 8.30 4.09
C PHE A 26 -5.40 8.93 3.46
N SER A 27 -6.49 8.96 4.22
CA SER A 27 -7.74 9.53 3.74
C SER A 27 -7.68 11.05 3.75
N GLN A 28 -6.75 11.60 4.54
CA GLN A 28 -6.59 13.04 4.64
C GLN A 28 -5.76 13.59 3.48
N TYR A 29 -4.85 12.75 2.98
CA TYR A 29 -3.98 13.15 1.87
C TYR A 29 -4.76 13.15 0.56
N GLY A 30 -5.50 12.07 0.31
CA GLY A 30 -6.28 11.96 -0.91
C GLY A 30 -7.33 10.88 -0.83
N ASP A 31 -7.98 10.61 -1.96
CA ASP A 31 -9.01 9.57 -2.01
C ASP A 31 -8.40 8.17 -1.97
N VAL A 32 -8.08 7.72 -0.76
CA VAL A 32 -7.48 6.40 -0.59
C VAL A 32 -8.50 5.29 -0.85
N MET A 33 -8.45 4.73 -2.06
CA MET A 33 -9.37 3.67 -2.43
C MET A 33 -9.57 2.69 -1.28
N ASP A 34 -8.51 1.99 -0.91
CA ASP A 34 -8.57 1.02 0.19
C ASP A 34 -7.18 0.64 0.66
N VAL A 35 -7.10 0.00 1.82
CA VAL A 35 -5.83 -0.41 2.39
C VAL A 35 -5.83 -1.91 2.72
N PHE A 36 -5.13 -2.69 1.91
CA PHE A 36 -5.06 -4.13 2.11
C PHE A 36 -3.66 -4.54 2.57
N ILE A 37 -3.58 -5.66 3.27
CA ILE A 37 -2.31 -6.16 3.77
C ILE A 37 -2.02 -7.57 3.23
N PRO A 38 -1.23 -7.63 2.14
CA PRO A 38 -0.87 -8.90 1.51
C PRO A 38 0.09 -9.72 2.37
N LYS A 39 -0.06 -11.04 2.31
CA LYS A 39 0.79 -11.94 3.09
C LYS A 39 1.82 -12.63 2.19
N PRO A 40 2.96 -13.01 2.77
CA PRO A 40 3.23 -12.78 4.20
C PRO A 40 3.43 -11.31 4.53
N PHE A 41 2.70 -10.82 5.53
CA PHE A 41 2.80 -9.43 5.95
C PHE A 41 4.10 -9.18 6.69
N ARG A 42 5.07 -8.59 6.00
CA ARG A 42 6.37 -8.29 6.60
C ARG A 42 6.51 -6.80 6.88
N ALA A 43 5.94 -6.35 8.00
CA ALA A 43 6.01 -4.95 8.39
C ALA A 43 5.84 -4.04 7.17
N PHE A 44 4.87 -4.39 6.32
CA PHE A 44 4.60 -3.61 5.12
C PHE A 44 3.20 -3.89 4.59
N ALA A 45 2.53 -2.84 4.12
CA ALA A 45 1.18 -2.97 3.59
C ALA A 45 1.09 -2.42 2.17
N PHE A 46 -0.01 -2.72 1.48
CA PHE A 46 -0.22 -2.25 0.12
C PHE A 46 -1.47 -1.40 0.03
N VAL A 47 -1.30 -0.08 0.07
CA VAL A 47 -2.42 0.84 -0.01
C VAL A 47 -2.71 1.22 -1.45
N THR A 48 -4.00 1.39 -1.77
CA THR A 48 -4.41 1.76 -3.12
C THR A 48 -5.04 3.14 -3.14
N PHE A 49 -4.67 3.94 -4.13
CA PHE A 49 -5.19 5.29 -4.27
C PHE A 49 -5.98 5.45 -5.57
N ALA A 50 -7.08 6.17 -5.51
CA ALA A 50 -7.93 6.39 -6.67
C ALA A 50 -7.22 7.26 -7.72
N ASP A 51 -6.12 7.90 -7.29
CA ASP A 51 -5.36 8.75 -8.19
C ASP A 51 -3.87 8.42 -8.12
N ASP A 52 -3.31 7.99 -9.24
CA ASP A 52 -1.89 7.64 -9.31
C ASP A 52 -1.02 8.81 -8.87
N GLN A 53 -1.49 10.03 -9.13
CA GLN A 53 -0.75 11.23 -8.77
C GLN A 53 -0.58 11.33 -7.26
N ILE A 54 -1.57 10.82 -6.53
CA ILE A 54 -1.53 10.85 -5.07
C ILE A 54 -0.43 9.93 -4.53
N ALA A 55 -0.35 8.73 -5.09
CA ALA A 55 0.66 7.77 -4.66
C ALA A 55 2.04 8.15 -5.18
N GLN A 56 2.09 8.65 -6.42
CA GLN A 56 3.35 9.05 -7.03
C GLN A 56 4.02 10.16 -6.22
N SER A 57 3.28 11.22 -5.95
CA SER A 57 3.81 12.35 -5.18
C SER A 57 4.21 11.91 -3.78
N LEU A 58 3.56 10.86 -3.28
CA LEU A 58 3.85 10.34 -1.95
C LEU A 58 5.12 9.50 -1.97
N CYS A 59 5.52 9.05 -3.15
CA CYS A 59 6.72 8.23 -3.30
C CYS A 59 7.97 9.04 -2.95
N GLY A 60 8.66 8.61 -1.90
CA GLY A 60 9.87 9.31 -1.48
C GLY A 60 9.62 10.26 -0.33
N GLU A 61 8.41 10.19 0.25
CA GLU A 61 8.06 11.06 1.36
C GLU A 61 8.02 10.28 2.67
N ASP A 62 8.54 10.89 3.73
CA ASP A 62 8.57 10.25 5.04
C ASP A 62 7.41 10.74 5.90
N LEU A 63 6.52 9.81 6.25
CA LEU A 63 5.36 10.14 7.08
C LEU A 63 5.45 9.46 8.44
N ILE A 64 4.79 10.05 9.43
CA ILE A 64 4.80 9.50 10.78
C ILE A 64 3.40 9.02 11.19
N ILE A 65 3.33 7.78 11.67
CA ILE A 65 2.06 7.21 12.10
C ILE A 65 2.15 6.66 13.51
N LYS A 66 1.37 7.25 14.42
CA LYS A 66 1.36 6.82 15.82
C LYS A 66 2.73 7.02 16.46
N GLY A 67 3.62 7.68 15.73
CA GLY A 67 4.96 7.94 16.25
C GLY A 67 6.04 7.31 15.39
N ILE A 68 5.71 6.19 14.74
CA ILE A 68 6.65 5.50 13.88
C ILE A 68 6.80 6.19 12.54
N SER A 69 7.90 5.92 11.86
CA SER A 69 8.16 6.52 10.56
C SER A 69 8.20 5.46 9.46
N VAL A 70 7.40 5.67 8.42
CA VAL A 70 7.35 4.73 7.30
C VAL A 70 7.88 5.37 6.02
N HIS A 71 8.25 4.53 5.07
CA HIS A 71 8.78 5.01 3.80
C HIS A 71 7.89 4.56 2.64
N ILE A 72 7.31 5.53 1.94
CA ILE A 72 6.44 5.23 0.80
C ILE A 72 7.25 4.96 -0.46
N SER A 73 6.93 3.87 -1.14
CA SER A 73 7.63 3.49 -2.36
C SER A 73 6.67 2.82 -3.35
N ASN A 74 7.15 2.61 -4.57
CA ASN A 74 6.35 1.98 -5.61
C ASN A 74 7.08 0.81 -6.24
N ALA A 75 6.63 -0.41 -5.95
CA ALA A 75 7.24 -1.61 -6.48
C ALA A 75 6.18 -2.60 -6.97
N GLU A 76 6.57 -3.46 -7.91
CA GLU A 76 5.64 -4.44 -8.46
C GLU A 76 6.36 -5.78 -8.68
N PRO A 77 6.30 -6.66 -7.67
CA PRO A 77 6.93 -7.98 -7.73
C PRO A 77 6.23 -8.91 -8.71
N LYS A 78 7.01 -9.59 -9.54
CA LYS A 78 6.46 -10.52 -10.51
C LYS A 78 6.11 -11.85 -9.87
N HIS A 79 4.92 -12.36 -10.17
CA HIS A 79 4.46 -13.63 -9.61
C HIS A 79 5.34 -14.78 -10.10
N ASN A 80 5.18 -15.12 -11.39
CA ASN A 80 5.96 -16.21 -11.98
C ASN A 80 6.08 -16.01 -13.49
N SER A 81 4.95 -16.04 -14.18
CA SER A 81 4.95 -15.88 -15.63
C SER A 81 3.59 -15.35 -16.11
N ASN A 82 3.54 -14.90 -17.36
CA ASN A 82 2.31 -14.38 -17.93
C ASN A 82 1.49 -15.49 -18.57
N SER A 83 0.42 -15.89 -17.90
CA SER A 83 -0.45 -16.94 -18.40
C SER A 83 -1.69 -17.11 -17.51
N GLY A 84 -2.82 -17.37 -18.13
CA GLY A 84 -4.06 -17.54 -17.38
C GLY A 84 -5.29 -17.23 -18.22
N PRO A 85 -5.60 -18.13 -19.18
CA PRO A 85 -6.76 -17.98 -20.06
C PRO A 85 -8.08 -18.16 -19.31
N SER A 86 -9.18 -17.77 -19.97
CA SER A 86 -10.50 -17.89 -19.38
C SER A 86 -10.60 -17.05 -18.11
N SER A 87 -11.82 -16.78 -17.69
CA SER A 87 -12.06 -15.98 -16.49
C SER A 87 -11.88 -16.82 -15.23
N GLY A 88 -10.66 -16.81 -14.69
CA GLY A 88 -10.38 -17.57 -13.48
C GLY A 88 -8.94 -18.02 -13.41
N GLY A 1 6.14 1.68 -23.39
CA GLY A 1 5.26 1.16 -22.36
C GLY A 1 4.84 2.24 -21.37
N SER A 2 4.37 1.80 -20.21
CA SER A 2 3.92 2.73 -19.17
C SER A 2 3.35 1.99 -17.97
N SER A 3 3.57 2.52 -16.78
CA SER A 3 3.08 1.90 -15.56
C SER A 3 1.56 1.95 -15.50
N GLY A 4 0.98 1.15 -14.61
CA GLY A 4 -0.47 1.11 -14.48
C GLY A 4 -0.90 0.56 -13.13
N SER A 5 -0.31 1.07 -12.06
CA SER A 5 -0.64 0.61 -10.71
C SER A 5 -0.41 1.74 -9.70
N SER A 6 -1.46 2.07 -8.95
CA SER A 6 -1.38 3.12 -7.94
C SER A 6 -1.26 2.53 -6.54
N GLY A 7 -0.37 1.54 -6.40
CA GLY A 7 -0.19 0.91 -5.11
C GLY A 7 1.18 1.20 -4.52
N VAL A 8 1.25 1.30 -3.19
CA VAL A 8 2.50 1.58 -2.51
C VAL A 8 2.71 0.64 -1.33
N PHE A 9 3.97 0.38 -0.99
CA PHE A 9 4.29 -0.51 0.12
C PHE A 9 4.75 0.29 1.33
N VAL A 10 3.86 0.41 2.32
CA VAL A 10 4.17 1.15 3.53
C VAL A 10 5.12 0.36 4.42
N GLY A 11 6.40 0.39 4.06
CA GLY A 11 7.40 -0.32 4.84
C GLY A 11 7.62 0.30 6.21
N ARG A 12 8.33 -0.43 7.07
CA ARG A 12 8.61 0.05 8.43
C ARG A 12 7.31 0.27 9.20
N CYS A 13 6.46 -0.75 9.20
CA CYS A 13 5.17 -0.67 9.90
C CYS A 13 5.11 -1.70 11.02
N THR A 14 3.98 -1.73 11.73
CA THR A 14 3.79 -2.67 12.82
C THR A 14 2.47 -3.41 12.69
N GLY A 15 2.41 -4.62 13.24
CA GLY A 15 1.20 -5.41 13.17
C GLY A 15 0.02 -4.74 13.86
N ASP A 16 0.27 -4.19 15.05
CA ASP A 16 -0.77 -3.51 15.81
C ASP A 16 -1.70 -2.72 14.89
N MET A 17 -1.09 -1.84 14.08
CA MET A 17 -1.86 -1.02 13.15
C MET A 17 -2.89 -1.86 12.40
N THR A 18 -3.94 -1.20 11.90
CA THR A 18 -4.99 -1.89 11.16
C THR A 18 -5.32 -1.16 9.87
N GLU A 19 -5.64 -1.93 8.82
CA GLU A 19 -5.97 -1.35 7.53
C GLU A 19 -6.80 -0.08 7.70
N ASP A 20 -7.73 -0.10 8.64
CA ASP A 20 -8.59 1.04 8.90
C ASP A 20 -7.74 2.28 9.24
N GLU A 21 -6.92 2.16 10.27
CA GLU A 21 -6.06 3.25 10.70
C GLU A 21 -5.36 3.89 9.51
N LEU A 22 -4.52 3.12 8.84
CA LEU A 22 -3.77 3.60 7.68
C LEU A 22 -4.72 4.20 6.65
N ARG A 23 -5.89 3.60 6.49
CA ARG A 23 -6.88 4.08 5.53
C ARG A 23 -7.30 5.50 5.87
N GLU A 24 -7.34 5.82 7.16
CA GLU A 24 -7.74 7.14 7.61
C GLU A 24 -6.56 8.10 7.56
N PHE A 25 -5.38 7.61 7.92
CA PHE A 25 -4.17 8.43 7.92
C PHE A 25 -3.83 8.90 6.50
N PHE A 26 -3.98 8.01 5.54
CA PHE A 26 -3.70 8.33 4.14
C PHE A 26 -4.89 9.03 3.49
N SER A 27 -5.97 9.19 4.25
CA SER A 27 -7.17 9.83 3.75
C SER A 27 -7.02 11.35 3.75
N GLN A 28 -6.07 11.85 4.52
CA GLN A 28 -5.82 13.28 4.61
C GLN A 28 -4.94 13.75 3.45
N TYR A 29 -4.31 12.80 2.77
CA TYR A 29 -3.44 13.11 1.65
C TYR A 29 -4.23 13.15 0.34
N GLY A 30 -5.26 12.30 0.25
CA GLY A 30 -6.07 12.26 -0.95
C GLY A 30 -7.32 11.41 -0.77
N ASP A 31 -7.52 10.46 -1.68
CA ASP A 31 -8.68 9.59 -1.62
C ASP A 31 -8.26 8.12 -1.74
N VAL A 32 -7.77 7.56 -0.63
CA VAL A 32 -7.33 6.18 -0.62
C VAL A 32 -8.49 5.23 -0.89
N MET A 33 -8.57 4.73 -2.12
CA MET A 33 -9.63 3.82 -2.51
C MET A 33 -9.86 2.76 -1.44
N ASP A 34 -8.80 2.00 -1.14
CA ASP A 34 -8.88 0.95 -0.13
C ASP A 34 -7.49 0.55 0.35
N VAL A 35 -7.44 -0.36 1.31
CA VAL A 35 -6.17 -0.83 1.86
C VAL A 35 -6.22 -2.33 2.14
N PHE A 36 -5.14 -3.03 1.77
CA PHE A 36 -5.05 -4.47 1.97
C PHE A 36 -3.70 -4.84 2.56
N ILE A 37 -3.66 -6.00 3.23
CA ILE A 37 -2.43 -6.48 3.85
C ILE A 37 -2.07 -7.88 3.32
N PRO A 38 -1.18 -7.93 2.33
CA PRO A 38 -0.73 -9.18 1.72
C PRO A 38 0.15 -9.99 2.67
N LYS A 39 -0.08 -11.30 2.72
CA LYS A 39 0.68 -12.18 3.59
C LYS A 39 1.69 -13.00 2.77
N PRO A 40 2.80 -13.40 3.41
CA PRO A 40 3.05 -13.07 4.82
C PRO A 40 3.34 -11.59 5.03
N PHE A 41 2.79 -11.04 6.11
CA PHE A 41 3.00 -9.63 6.42
C PHE A 41 4.40 -9.39 6.97
N ARG A 42 5.15 -8.50 6.32
CA ARG A 42 6.50 -8.18 6.74
C ARG A 42 6.65 -6.69 6.99
N ALA A 43 6.26 -6.24 8.18
CA ALA A 43 6.35 -4.84 8.55
C ALA A 43 6.05 -3.93 7.36
N PHE A 44 5.07 -4.34 6.55
CA PHE A 44 4.68 -3.57 5.37
C PHE A 44 3.24 -3.87 4.98
N ALA A 45 2.60 -2.90 4.34
CA ALA A 45 1.21 -3.05 3.91
C ALA A 45 0.97 -2.39 2.56
N PHE A 46 -0.03 -2.87 1.83
CA PHE A 46 -0.35 -2.33 0.52
C PHE A 46 -1.49 -1.31 0.62
N VAL A 47 -1.39 -0.23 -0.15
CA VAL A 47 -2.41 0.81 -0.14
C VAL A 47 -2.69 1.31 -1.56
N THR A 48 -3.97 1.37 -1.91
CA THR A 48 -4.37 1.83 -3.23
C THR A 48 -4.99 3.21 -3.17
N PHE A 49 -4.67 4.05 -4.16
CA PHE A 49 -5.19 5.40 -4.21
C PHE A 49 -6.05 5.61 -5.46
N ALA A 50 -7.14 6.36 -5.30
CA ALA A 50 -8.06 6.62 -6.40
C ALA A 50 -7.39 7.50 -7.47
N ASP A 51 -6.24 8.07 -7.12
CA ASP A 51 -5.50 8.93 -8.04
C ASP A 51 -4.02 8.58 -8.03
N ASP A 52 -3.53 8.04 -9.14
CA ASP A 52 -2.13 7.67 -9.27
C ASP A 52 -1.22 8.85 -8.99
N GLN A 53 -1.80 10.06 -9.05
CA GLN A 53 -1.04 11.27 -8.80
C GLN A 53 -0.79 11.47 -7.31
N ILE A 54 -1.65 10.88 -6.50
CA ILE A 54 -1.53 10.99 -5.05
C ILE A 54 -0.46 10.05 -4.51
N ALA A 55 -0.54 8.78 -4.91
CA ALA A 55 0.43 7.78 -4.48
C ALA A 55 1.83 8.13 -4.95
N GLN A 56 1.91 8.68 -6.16
CA GLN A 56 3.20 9.05 -6.74
C GLN A 56 3.88 10.14 -5.91
N SER A 57 3.25 11.31 -5.86
CA SER A 57 3.79 12.44 -5.10
C SER A 57 4.17 12.01 -3.70
N LEU A 58 3.42 11.06 -3.15
CA LEU A 58 3.68 10.56 -1.80
C LEU A 58 5.00 9.80 -1.75
N CYS A 59 5.35 9.14 -2.84
CA CYS A 59 6.59 8.38 -2.92
C CYS A 59 7.79 9.27 -2.62
N GLY A 60 8.73 8.75 -1.84
CA GLY A 60 9.91 9.51 -1.48
C GLY A 60 9.69 10.40 -0.27
N GLU A 61 8.47 10.39 0.26
CA GLU A 61 8.13 11.20 1.42
C GLU A 61 8.09 10.34 2.69
N ASP A 62 8.68 10.87 3.76
CA ASP A 62 8.71 10.16 5.04
C ASP A 62 7.61 10.66 5.96
N LEU A 63 6.61 9.83 6.20
CA LEU A 63 5.50 10.18 7.07
C LEU A 63 5.59 9.44 8.40
N ILE A 64 4.99 10.02 9.44
CA ILE A 64 4.99 9.41 10.77
C ILE A 64 3.60 8.95 11.17
N ILE A 65 3.49 7.70 11.59
CA ILE A 65 2.22 7.13 12.00
C ILE A 65 2.30 6.57 13.41
N LYS A 66 1.63 7.24 14.35
CA LYS A 66 1.62 6.80 15.74
C LYS A 66 3.01 6.91 16.35
N GLY A 67 3.82 7.83 15.82
CA GLY A 67 5.17 8.01 16.33
C GLY A 67 6.20 7.23 15.53
N ILE A 68 5.74 6.24 14.78
CA ILE A 68 6.63 5.43 13.96
C ILE A 68 6.93 6.10 12.63
N SER A 69 7.96 5.62 11.94
CA SER A 69 8.35 6.19 10.65
C SER A 69 8.08 5.19 9.52
N VAL A 70 7.50 5.70 8.44
CA VAL A 70 7.19 4.87 7.29
C VAL A 70 7.61 5.55 5.99
N HIS A 71 8.09 4.74 5.04
CA HIS A 71 8.53 5.26 3.75
C HIS A 71 7.62 4.79 2.63
N ILE A 72 7.10 5.73 1.85
CA ILE A 72 6.21 5.41 0.75
C ILE A 72 7.00 5.14 -0.53
N SER A 73 6.87 3.92 -1.06
CA SER A 73 7.57 3.54 -2.27
C SER A 73 6.72 2.59 -3.11
N ASN A 74 6.40 3.01 -4.33
CA ASN A 74 5.60 2.20 -5.24
C ASN A 74 6.45 1.16 -5.95
N ALA A 75 6.23 -0.11 -5.62
CA ALA A 75 6.97 -1.20 -6.24
C ALA A 75 6.04 -2.34 -6.65
N GLU A 76 6.47 -3.11 -7.64
CA GLU A 76 5.68 -4.23 -8.13
C GLU A 76 6.56 -5.44 -8.43
N PRO A 77 6.72 -6.31 -7.42
CA PRO A 77 7.54 -7.53 -7.54
C PRO A 77 6.92 -8.56 -8.48
N LYS A 78 7.75 -9.16 -9.32
CA LYS A 78 7.28 -10.17 -10.27
C LYS A 78 6.57 -11.31 -9.53
N HIS A 79 5.59 -11.92 -10.20
CA HIS A 79 4.85 -13.02 -9.61
C HIS A 79 4.94 -14.27 -10.50
N ASN A 80 5.25 -15.40 -9.89
CA ASN A 80 5.37 -16.65 -10.63
C ASN A 80 5.40 -17.84 -9.67
N SER A 81 4.34 -18.65 -9.70
CA SER A 81 4.24 -19.82 -8.84
C SER A 81 3.67 -21.01 -9.59
N ASN A 82 4.12 -22.21 -9.23
CA ASN A 82 3.66 -23.43 -9.89
C ASN A 82 2.42 -23.98 -9.18
N SER A 83 1.35 -24.14 -9.94
CA SER A 83 0.10 -24.65 -9.40
C SER A 83 -0.39 -25.85 -10.20
N GLY A 84 -0.93 -26.85 -9.50
CA GLY A 84 -1.43 -28.04 -10.16
C GLY A 84 -2.78 -27.81 -10.82
N PRO A 85 -3.02 -28.52 -11.93
CA PRO A 85 -4.28 -28.40 -12.69
C PRO A 85 -5.46 -29.00 -11.92
N SER A 86 -6.36 -28.13 -11.48
CA SER A 86 -7.54 -28.58 -10.74
C SER A 86 -8.48 -27.40 -10.44
N SER A 87 -8.66 -26.54 -11.44
CA SER A 87 -9.51 -25.37 -11.30
C SER A 87 -10.96 -25.80 -11.06
N GLY A 88 -11.54 -25.32 -9.96
CA GLY A 88 -12.91 -25.66 -9.63
C GLY A 88 -13.85 -25.43 -10.80
N GLY A 1 3.05 7.98 -15.47
CA GLY A 1 4.19 7.19 -15.02
C GLY A 1 4.65 6.21 -16.08
N SER A 2 4.02 5.03 -16.10
CA SER A 2 4.37 4.00 -17.06
C SER A 2 3.12 3.39 -17.68
N SER A 3 2.16 3.03 -16.84
CA SER A 3 0.91 2.43 -17.30
C SER A 3 -0.29 3.20 -16.77
N GLY A 4 -0.37 3.32 -15.45
CA GLY A 4 -1.48 4.03 -14.84
C GLY A 4 -2.04 3.30 -13.64
N SER A 5 -1.17 2.93 -12.71
CA SER A 5 -1.59 2.21 -11.51
C SER A 5 -1.42 3.09 -10.27
N SER A 6 -2.14 2.73 -9.20
CA SER A 6 -2.08 3.49 -7.95
C SER A 6 -1.87 2.55 -6.78
N GLY A 7 -0.63 2.10 -6.60
CA GLY A 7 -0.32 1.20 -5.50
C GLY A 7 1.03 1.50 -4.88
N VAL A 8 1.04 1.69 -3.56
CA VAL A 8 2.27 1.99 -2.84
C VAL A 8 2.46 1.04 -1.66
N PHE A 9 3.70 0.87 -1.23
CA PHE A 9 4.01 0.00 -0.11
C PHE A 9 4.45 0.80 1.10
N VAL A 10 3.82 0.55 2.25
CA VAL A 10 4.16 1.26 3.48
C VAL A 10 4.96 0.37 4.42
N GLY A 11 6.27 0.33 4.21
CA GLY A 11 7.13 -0.48 5.05
C GLY A 11 7.36 0.13 6.42
N ARG A 12 8.15 -0.55 7.24
CA ARG A 12 8.43 -0.06 8.59
C ARG A 12 7.16 0.03 9.43
N CYS A 13 6.15 -0.72 9.01
CA CYS A 13 4.86 -0.72 9.71
C CYS A 13 4.89 -1.70 10.89
N THR A 14 3.72 -1.90 11.50
CA THR A 14 3.62 -2.82 12.63
C THR A 14 2.34 -3.63 12.56
N GLY A 15 2.24 -4.65 13.42
CA GLY A 15 1.06 -5.50 13.43
C GLY A 15 -0.15 -4.79 14.01
N ASP A 16 0.04 -4.14 15.15
CA ASP A 16 -1.04 -3.42 15.81
C ASP A 16 -1.86 -2.62 14.81
N MET A 17 -1.17 -1.86 13.96
CA MET A 17 -1.83 -1.05 12.95
C MET A 17 -2.86 -1.87 12.18
N THR A 18 -3.99 -1.24 11.86
CA THR A 18 -5.05 -1.91 11.12
C THR A 18 -5.45 -1.11 9.88
N GLU A 19 -5.78 -1.82 8.80
CA GLU A 19 -6.18 -1.18 7.55
C GLU A 19 -6.99 0.09 7.84
N ASP A 20 -7.81 0.04 8.89
CA ASP A 20 -8.64 1.18 9.26
C ASP A 20 -7.77 2.38 9.64
N GLU A 21 -6.83 2.16 10.55
CA GLU A 21 -5.94 3.23 10.99
C GLU A 21 -5.29 3.93 9.80
N LEU A 22 -4.52 3.17 9.02
CA LEU A 22 -3.85 3.71 7.85
C LEU A 22 -4.85 4.30 6.86
N ARG A 23 -5.85 3.49 6.50
CA ARG A 23 -6.87 3.93 5.56
C ARG A 23 -7.43 5.29 5.95
N GLU A 24 -7.48 5.55 7.26
CA GLU A 24 -7.99 6.81 7.77
C GLU A 24 -6.87 7.85 7.88
N PHE A 25 -5.64 7.36 7.94
CA PHE A 25 -4.48 8.24 8.05
C PHE A 25 -4.10 8.82 6.70
N PHE A 26 -4.35 8.05 5.64
CA PHE A 26 -4.04 8.49 4.29
C PHE A 26 -5.24 9.17 3.63
N SER A 27 -6.34 9.23 4.37
CA SER A 27 -7.56 9.87 3.87
C SER A 27 -7.37 11.37 3.73
N GLN A 28 -6.56 11.94 4.62
CA GLN A 28 -6.31 13.38 4.61
C GLN A 28 -5.48 13.77 3.39
N TYR A 29 -4.50 12.93 3.05
CA TYR A 29 -3.64 13.20 1.91
C TYR A 29 -4.44 13.19 0.61
N GLY A 30 -5.11 12.07 0.35
CA GLY A 30 -5.91 11.94 -0.86
C GLY A 30 -7.02 10.92 -0.72
N ASP A 31 -7.80 10.75 -1.79
CA ASP A 31 -8.90 9.79 -1.79
C ASP A 31 -8.37 8.36 -1.81
N VAL A 32 -7.95 7.86 -0.66
CA VAL A 32 -7.42 6.50 -0.55
C VAL A 32 -8.50 5.48 -0.89
N MET A 33 -8.41 4.92 -2.10
CA MET A 33 -9.37 3.92 -2.55
C MET A 33 -9.61 2.87 -1.48
N ASP A 34 -8.53 2.20 -1.06
CA ASP A 34 -8.62 1.17 -0.03
C ASP A 34 -7.23 0.72 0.41
N VAL A 35 -7.18 -0.01 1.51
CA VAL A 35 -5.91 -0.51 2.05
C VAL A 35 -5.97 -2.01 2.29
N PHE A 36 -5.02 -2.73 1.70
CA PHE A 36 -4.96 -4.18 1.85
C PHE A 36 -3.62 -4.61 2.43
N ILE A 37 -3.59 -5.79 3.04
CA ILE A 37 -2.37 -6.32 3.63
C ILE A 37 -2.09 -7.74 3.18
N PRO A 38 -1.25 -7.88 2.14
CA PRO A 38 -0.90 -9.19 1.59
C PRO A 38 -0.03 -10.01 2.53
N LYS A 39 -0.28 -11.31 2.58
CA LYS A 39 0.48 -12.20 3.45
C LYS A 39 1.48 -13.03 2.64
N PRO A 40 2.58 -13.43 3.30
CA PRO A 40 2.83 -13.12 4.70
C PRO A 40 3.13 -11.64 4.92
N PHE A 41 2.52 -11.06 5.95
CA PHE A 41 2.73 -9.64 6.27
C PHE A 41 4.06 -9.44 6.98
N ARG A 42 4.88 -8.53 6.45
CA ARG A 42 6.17 -8.24 7.04
C ARG A 42 6.36 -6.74 7.21
N ALA A 43 5.82 -6.20 8.32
CA ALA A 43 5.94 -4.78 8.60
C ALA A 43 5.77 -3.95 7.33
N PHE A 44 4.89 -4.40 6.44
CA PHE A 44 4.63 -3.70 5.19
C PHE A 44 3.23 -3.98 4.68
N ALA A 45 2.57 -2.95 4.17
CA ALA A 45 1.21 -3.08 3.66
C ALA A 45 1.08 -2.40 2.30
N PHE A 46 0.07 -2.80 1.53
CA PHE A 46 -0.17 -2.22 0.21
C PHE A 46 -1.37 -1.27 0.25
N VAL A 47 -1.14 -0.02 -0.14
CA VAL A 47 -2.20 0.98 -0.15
C VAL A 47 -2.55 1.39 -1.58
N THR A 48 -3.85 1.46 -1.87
CA THR A 48 -4.32 1.83 -3.20
C THR A 48 -5.04 3.18 -3.17
N PHE A 49 -4.63 4.08 -4.05
CA PHE A 49 -5.25 5.41 -4.12
C PHE A 49 -6.11 5.54 -5.37
N ALA A 50 -7.04 6.49 -5.34
CA ALA A 50 -7.92 6.72 -6.48
C ALA A 50 -7.20 7.42 -7.62
N ASP A 51 -6.09 8.08 -7.28
CA ASP A 51 -5.30 8.79 -8.28
C ASP A 51 -3.84 8.37 -8.21
N ASP A 52 -3.28 8.01 -9.36
CA ASP A 52 -1.88 7.59 -9.44
C ASP A 52 -0.95 8.69 -8.92
N GLN A 53 -1.38 9.93 -9.11
CA GLN A 53 -0.57 11.08 -8.67
C GLN A 53 -0.41 11.08 -7.16
N ILE A 54 -1.40 10.56 -6.45
CA ILE A 54 -1.36 10.49 -4.99
C ILE A 54 -0.43 9.39 -4.52
N ALA A 55 -0.40 8.28 -5.26
CA ALA A 55 0.45 7.15 -4.91
C ALA A 55 1.92 7.48 -5.17
N GLN A 56 2.18 8.23 -6.23
CA GLN A 56 3.55 8.61 -6.58
C GLN A 56 3.99 9.84 -5.81
N SER A 57 3.22 10.93 -5.94
CA SER A 57 3.54 12.17 -5.25
C SER A 57 3.91 11.91 -3.79
N LEU A 58 3.41 10.80 -3.25
CA LEU A 58 3.69 10.44 -1.87
C LEU A 58 5.08 9.80 -1.74
N CYS A 59 5.41 8.95 -2.70
CA CYS A 59 6.71 8.28 -2.71
C CYS A 59 7.84 9.24 -2.37
N GLY A 60 8.62 8.89 -1.36
CA GLY A 60 9.73 9.74 -0.95
C GLY A 60 9.40 10.56 0.29
N GLU A 61 8.12 10.75 0.54
CA GLU A 61 7.67 11.52 1.70
C GLU A 61 7.67 10.64 2.96
N ASP A 62 8.29 11.15 4.02
CA ASP A 62 8.36 10.42 5.28
C ASP A 62 7.19 10.79 6.19
N LEU A 63 6.29 9.83 6.40
CA LEU A 63 5.13 10.05 7.25
C LEU A 63 5.28 9.32 8.58
N ILE A 64 4.84 9.96 9.65
CA ILE A 64 4.91 9.38 10.99
C ILE A 64 3.55 8.88 11.45
N ILE A 65 3.49 7.62 11.84
CA ILE A 65 2.25 7.02 12.31
C ILE A 65 2.41 6.44 13.72
N LYS A 66 1.75 7.06 14.69
CA LYS A 66 1.81 6.61 16.07
C LYS A 66 3.21 6.80 16.65
N GLY A 67 4.10 7.41 15.85
CA GLY A 67 5.46 7.64 16.29
C GLY A 67 6.48 7.06 15.34
N ILE A 68 6.14 5.95 14.72
CA ILE A 68 7.05 5.29 13.78
C ILE A 68 7.05 6.00 12.44
N SER A 69 8.12 5.80 11.67
CA SER A 69 8.25 6.42 10.35
C SER A 69 8.20 5.38 9.24
N VAL A 70 7.40 5.65 8.22
CA VAL A 70 7.26 4.73 7.10
C VAL A 70 7.65 5.41 5.79
N HIS A 71 8.38 4.68 4.95
CA HIS A 71 8.82 5.21 3.66
C HIS A 71 7.89 4.76 2.54
N ILE A 72 7.20 5.72 1.93
CA ILE A 72 6.27 5.43 0.85
C ILE A 72 7.02 5.16 -0.45
N SER A 73 6.61 4.10 -1.16
CA SER A 73 7.24 3.73 -2.42
C SER A 73 6.22 3.19 -3.40
N ASN A 74 6.62 3.05 -4.66
CA ASN A 74 5.73 2.52 -5.69
C ASN A 74 6.33 1.29 -6.36
N ALA A 75 5.78 0.13 -6.05
CA ALA A 75 6.26 -1.12 -6.62
C ALA A 75 5.09 -2.01 -7.05
N GLU A 76 5.35 -2.89 -8.01
CA GLU A 76 4.32 -3.80 -8.51
C GLU A 76 4.91 -5.19 -8.77
N PRO A 77 4.83 -6.06 -7.76
CA PRO A 77 5.34 -7.44 -7.86
C PRO A 77 4.51 -8.30 -8.80
N LYS A 78 5.19 -9.17 -9.55
CA LYS A 78 4.50 -10.06 -10.49
C LYS A 78 4.12 -11.37 -9.80
N HIS A 79 2.81 -11.57 -9.63
CA HIS A 79 2.32 -12.79 -8.99
C HIS A 79 1.26 -13.46 -9.87
N ASN A 80 1.67 -14.49 -10.60
CA ASN A 80 0.76 -15.21 -11.49
C ASN A 80 0.07 -14.26 -12.46
N SER A 81 0.80 -13.88 -13.50
CA SER A 81 0.26 -12.97 -14.52
C SER A 81 -0.70 -13.70 -15.45
N ASN A 82 -1.66 -12.95 -16.00
CA ASN A 82 -2.64 -13.52 -16.90
C ASN A 82 -3.47 -14.60 -16.20
N SER A 83 -4.79 -14.41 -16.19
CA SER A 83 -5.69 -15.35 -15.55
C SER A 83 -6.99 -15.50 -16.35
N GLY A 84 -7.35 -16.73 -16.66
CA GLY A 84 -8.56 -16.99 -17.42
C GLY A 84 -9.15 -18.36 -17.13
N PRO A 85 -9.97 -18.86 -18.07
CA PRO A 85 -10.61 -20.17 -17.94
C PRO A 85 -9.61 -21.32 -18.04
N SER A 86 -9.36 -21.98 -16.92
CA SER A 86 -8.42 -23.10 -16.90
C SER A 86 -9.08 -24.38 -17.40
N SER A 87 -8.29 -25.25 -18.01
CA SER A 87 -8.80 -26.51 -18.54
C SER A 87 -8.44 -27.68 -17.62
N GLY A 88 -9.18 -28.78 -17.75
CA GLY A 88 -8.93 -29.93 -16.91
C GLY A 88 -9.08 -29.63 -15.43
#